data_2CHD
# 
_entry.id   2CHD 
# 
_audit_conform.dict_name       mmcif_pdbx.dic 
_audit_conform.dict_version    5.382 
_audit_conform.dict_location   http://mmcif.pdb.org/dictionaries/ascii/mmcif_pdbx.dic 
# 
loop_
_database_2.database_id 
_database_2.database_code 
_database_2.pdbx_database_accession 
_database_2.pdbx_DOI 
PDB   2CHD         pdb_00002chd 10.2210/pdb2chd/pdb 
PDBE  EBI-28108    ?            ?                   
WWPDB D_1290028108 ?            ?                   
# 
loop_
_pdbx_database_related.db_name 
_pdbx_database_related.db_id 
_pdbx_database_related.content_type 
_pdbx_database_related.details 
PDB 1ZBD unspecified 
;STRUCTURAL BASIS OF RAB EFFECTOR SPECIFICITY : CRYSTALSTRUCTURE OF THE SMALL G PROTEIN RAB3A COMPLEXED WITH THEEFFECTOR DOMAIN OF RABPHILIN-3A
;
PDB 3RPB unspecified 'THE C2B-DOMAIN OF RABPHILIN: STRUCTURAL VARIATIONS IN A JANUS-FACED DOMAIN' 
# 
_pdbx_database_status.status_code                     REL 
_pdbx_database_status.entry_id                        2CHD 
_pdbx_database_status.deposit_site                    PDBE 
_pdbx_database_status.process_site                    PDBE 
_pdbx_database_status.SG_entry                        . 
_pdbx_database_status.recvd_initial_deposition_date   2006-03-14 
_pdbx_database_status.pdb_format_compatible           Y 
_pdbx_database_status.status_code_sf                  REL 
_pdbx_database_status.status_code_mr                  ? 
_pdbx_database_status.status_code_cs                  ? 
_pdbx_database_status.methods_development_category    ? 
_pdbx_database_status.status_code_nmr_data            ? 
# 
loop_
_audit_author.name 
_audit_author.pdbx_ordinal 
_audit_author.identifier_ORCID 
'Biadene, M.'     1 ? 
'Montaville, P.'  2 ? 
'Sheldrick, G.M.' 3 ? 
'Becker, S.'      4 ? 
# 
_citation.id                        primary 
_citation.title                     'Structure of the C2A Domain of Rabphilin-3A.' 
_citation.journal_abbrev            'Acta Crystallogr.,Sect.D' 
_citation.journal_volume            62 
_citation.page_first                793 
_citation.page_last                 ? 
_citation.year                      2006 
_citation.journal_id_ASTM           ABCRE6 
_citation.country                   DK 
_citation.journal_id_ISSN           0907-4449 
_citation.journal_id_CSD            0766 
_citation.book_publisher            ? 
_citation.pdbx_database_id_PubMed   16790935 
_citation.pdbx_database_id_DOI      10.1107/S0907444906017537 
# 
loop_
_citation_author.citation_id 
_citation_author.name 
_citation_author.ordinal 
_citation_author.identifier_ORCID 
primary 'Biadene, M.'     1 ? 
primary 'Montaville, P.'  2 ? 
primary 'Sheldrick, G.M.' 3 ? 
primary 'Becker, S.'      4 ? 
# 
_cell.entry_id           2CHD 
_cell.length_a           37.870 
_cell.length_b           39.160 
_cell.length_c           88.850 
_cell.angle_alpha        90.00 
_cell.angle_beta         90.00 
_cell.angle_gamma        90.00 
_cell.Z_PDB              4 
_cell.pdbx_unique_axis   ? 
# 
_symmetry.entry_id                         2CHD 
_symmetry.space_group_name_H-M             'P 21 21 21' 
_symmetry.pdbx_full_space_group_name_H-M   ? 
_symmetry.cell_setting                     ? 
_symmetry.Int_Tables_number                19 
# 
loop_
_entity.id 
_entity.type 
_entity.src_method 
_entity.pdbx_description 
_entity.formula_weight 
_entity.pdbx_number_of_molecules 
_entity.pdbx_ec 
_entity.pdbx_mutation 
_entity.pdbx_fragment 
_entity.details 
1 polymer     man RABPHILIN-3A 16216.319 1  ? ? 'C2A DOMAIN, RESIDUES 371-510' ? 
2 non-polymer syn GLYCEROL     92.094    1  ? ? ?                              ? 
3 water       nat water        18.015    66 ? ? ?                              ? 
# 
_entity_name_com.entity_id   1 
_entity_name_com.name        EXOPHILIN-1 
# 
_entity_poly.entity_id                      1 
_entity_poly.type                           'polypeptide(L)' 
_entity_poly.nstd_linkage                   no 
_entity_poly.nstd_monomer                   no 
_entity_poly.pdbx_seq_one_letter_code       
;GSEANSYDSDQATTLGALEFSLLYDQDNSNLQCTIIRAKGLKPMDSNGLADPYVKLHLLPGASKSNKLRTKTLRNTRNPV
WNETLQYHGITEEDMQRKTLRISVCDEDKFGHNEFIGETRFSLKKLKANQRKNFNICLERVI
;
_entity_poly.pdbx_seq_one_letter_code_can   
;GSEANSYDSDQATTLGALEFSLLYDQDNSNLQCTIIRAKGLKPMDSNGLADPYVKLHLLPGASKSNKLRTKTLRNTRNPV
WNETLQYHGITEEDMQRKTLRISVCDEDKFGHNEFIGETRFSLKKLKANQRKNFNICLERVI
;
_entity_poly.pdbx_strand_id                 A 
_entity_poly.pdbx_target_identifier         ? 
# 
loop_
_entity_poly_seq.entity_id 
_entity_poly_seq.num 
_entity_poly_seq.mon_id 
_entity_poly_seq.hetero 
1 1   GLY n 
1 2   SER n 
1 3   GLU n 
1 4   ALA n 
1 5   ASN n 
1 6   SER n 
1 7   TYR n 
1 8   ASP n 
1 9   SER n 
1 10  ASP n 
1 11  GLN n 
1 12  ALA n 
1 13  THR n 
1 14  THR n 
1 15  LEU n 
1 16  GLY n 
1 17  ALA n 
1 18  LEU n 
1 19  GLU n 
1 20  PHE n 
1 21  SER n 
1 22  LEU n 
1 23  LEU n 
1 24  TYR n 
1 25  ASP n 
1 26  GLN n 
1 27  ASP n 
1 28  ASN n 
1 29  SER n 
1 30  ASN n 
1 31  LEU n 
1 32  GLN n 
1 33  CYS n 
1 34  THR n 
1 35  ILE n 
1 36  ILE n 
1 37  ARG n 
1 38  ALA n 
1 39  LYS n 
1 40  GLY n 
1 41  LEU n 
1 42  LYS n 
1 43  PRO n 
1 44  MET n 
1 45  ASP n 
1 46  SER n 
1 47  ASN n 
1 48  GLY n 
1 49  LEU n 
1 50  ALA n 
1 51  ASP n 
1 52  PRO n 
1 53  TYR n 
1 54  VAL n 
1 55  LYS n 
1 56  LEU n 
1 57  HIS n 
1 58  LEU n 
1 59  LEU n 
1 60  PRO n 
1 61  GLY n 
1 62  ALA n 
1 63  SER n 
1 64  LYS n 
1 65  SER n 
1 66  ASN n 
1 67  LYS n 
1 68  LEU n 
1 69  ARG n 
1 70  THR n 
1 71  LYS n 
1 72  THR n 
1 73  LEU n 
1 74  ARG n 
1 75  ASN n 
1 76  THR n 
1 77  ARG n 
1 78  ASN n 
1 79  PRO n 
1 80  VAL n 
1 81  TRP n 
1 82  ASN n 
1 83  GLU n 
1 84  THR n 
1 85  LEU n 
1 86  GLN n 
1 87  TYR n 
1 88  HIS n 
1 89  GLY n 
1 90  ILE n 
1 91  THR n 
1 92  GLU n 
1 93  GLU n 
1 94  ASP n 
1 95  MET n 
1 96  GLN n 
1 97  ARG n 
1 98  LYS n 
1 99  THR n 
1 100 LEU n 
1 101 ARG n 
1 102 ILE n 
1 103 SER n 
1 104 VAL n 
1 105 CYS n 
1 106 ASP n 
1 107 GLU n 
1 108 ASP n 
1 109 LYS n 
1 110 PHE n 
1 111 GLY n 
1 112 HIS n 
1 113 ASN n 
1 114 GLU n 
1 115 PHE n 
1 116 ILE n 
1 117 GLY n 
1 118 GLU n 
1 119 THR n 
1 120 ARG n 
1 121 PHE n 
1 122 SER n 
1 123 LEU n 
1 124 LYS n 
1 125 LYS n 
1 126 LEU n 
1 127 LYS n 
1 128 ALA n 
1 129 ASN n 
1 130 GLN n 
1 131 ARG n 
1 132 LYS n 
1 133 ASN n 
1 134 PHE n 
1 135 ASN n 
1 136 ILE n 
1 137 CYS n 
1 138 LEU n 
1 139 GLU n 
1 140 ARG n 
1 141 VAL n 
1 142 ILE n 
# 
_entity_src_gen.entity_id                          1 
_entity_src_gen.pdbx_src_id                        1 
_entity_src_gen.pdbx_alt_source_flag               sample 
_entity_src_gen.pdbx_seq_type                      ? 
_entity_src_gen.pdbx_beg_seq_num                   ? 
_entity_src_gen.pdbx_end_seq_num                   ? 
_entity_src_gen.gene_src_common_name               RAT 
_entity_src_gen.gene_src_genus                     ? 
_entity_src_gen.pdbx_gene_src_gene                 ? 
_entity_src_gen.gene_src_species                   ? 
_entity_src_gen.gene_src_strain                    ? 
_entity_src_gen.gene_src_tissue                    ? 
_entity_src_gen.gene_src_tissue_fraction           ? 
_entity_src_gen.gene_src_details                   ? 
_entity_src_gen.pdbx_gene_src_fragment             ? 
_entity_src_gen.pdbx_gene_src_scientific_name      'RATTUS NORVEGICUS' 
_entity_src_gen.pdbx_gene_src_ncbi_taxonomy_id     10116 
_entity_src_gen.pdbx_gene_src_variant              ? 
_entity_src_gen.pdbx_gene_src_cell_line            ? 
_entity_src_gen.pdbx_gene_src_atcc                 ? 
_entity_src_gen.pdbx_gene_src_organ                ? 
_entity_src_gen.pdbx_gene_src_organelle            ? 
_entity_src_gen.pdbx_gene_src_cell                 ? 
_entity_src_gen.pdbx_gene_src_cellular_location    ? 
_entity_src_gen.host_org_common_name               ? 
_entity_src_gen.pdbx_host_org_scientific_name      'ESCHERICHIA COLI' 
_entity_src_gen.pdbx_host_org_ncbi_taxonomy_id     511693 
_entity_src_gen.host_org_genus                     ? 
_entity_src_gen.pdbx_host_org_gene                 ? 
_entity_src_gen.pdbx_host_org_organ                ? 
_entity_src_gen.host_org_species                   ? 
_entity_src_gen.pdbx_host_org_tissue               ? 
_entity_src_gen.pdbx_host_org_tissue_fraction      ? 
_entity_src_gen.pdbx_host_org_strain               BL21 
_entity_src_gen.pdbx_host_org_variant              ? 
_entity_src_gen.pdbx_host_org_cell_line            ? 
_entity_src_gen.pdbx_host_org_atcc                 ? 
_entity_src_gen.pdbx_host_org_culture_collection   ? 
_entity_src_gen.pdbx_host_org_cell                 ? 
_entity_src_gen.pdbx_host_org_organelle            ? 
_entity_src_gen.pdbx_host_org_cellular_location    ? 
_entity_src_gen.pdbx_host_org_vector_type          ? 
_entity_src_gen.pdbx_host_org_vector               PGEX-2T 
_entity_src_gen.host_org_details                   ? 
_entity_src_gen.expression_system_id               ? 
_entity_src_gen.plasmid_name                       'PGEX-2T-RABC2A(E371-I510)' 
_entity_src_gen.plasmid_details                    ? 
_entity_src_gen.pdbx_description                   ? 
# 
loop_
_struct_ref.id 
_struct_ref.db_name 
_struct_ref.db_code 
_struct_ref.entity_id 
_struct_ref.pdbx_seq_one_letter_code 
_struct_ref.pdbx_align_begin 
_struct_ref.pdbx_db_accession 
_struct_ref.pdbx_db_isoform 
1 PDB 2CHD     1 ? ? 2CHD   ? 
2 UNP RP3A_RAT 1 ? ? P47709 ? 
# 
loop_
_struct_ref_seq.align_id 
_struct_ref_seq.ref_id 
_struct_ref_seq.pdbx_PDB_id_code 
_struct_ref_seq.pdbx_strand_id 
_struct_ref_seq.seq_align_beg 
_struct_ref_seq.pdbx_seq_align_beg_ins_code 
_struct_ref_seq.seq_align_end 
_struct_ref_seq.pdbx_seq_align_end_ins_code 
_struct_ref_seq.pdbx_db_accession 
_struct_ref_seq.db_align_beg 
_struct_ref_seq.pdbx_db_align_beg_ins_code 
_struct_ref_seq.db_align_end 
_struct_ref_seq.pdbx_db_align_end_ins_code 
_struct_ref_seq.pdbx_auth_seq_align_beg 
_struct_ref_seq.pdbx_auth_seq_align_end 
1 1 2CHD A 1 ? 2   ? 2CHD   369 ? 370 ? 369 370 
2 2 2CHD A 3 ? 142 ? P47709 371 ? 510 ? 371 510 
# 
loop_
_chem_comp.id 
_chem_comp.type 
_chem_comp.mon_nstd_flag 
_chem_comp.name 
_chem_comp.pdbx_synonyms 
_chem_comp.formula 
_chem_comp.formula_weight 
ALA 'L-peptide linking' y ALANINE         ?                               'C3 H7 N O2'     89.093  
ARG 'L-peptide linking' y ARGININE        ?                               'C6 H15 N4 O2 1' 175.209 
ASN 'L-peptide linking' y ASPARAGINE      ?                               'C4 H8 N2 O3'    132.118 
ASP 'L-peptide linking' y 'ASPARTIC ACID' ?                               'C4 H7 N O4'     133.103 
CYS 'L-peptide linking' y CYSTEINE        ?                               'C3 H7 N O2 S'   121.158 
GLN 'L-peptide linking' y GLUTAMINE       ?                               'C5 H10 N2 O3'   146.144 
GLU 'L-peptide linking' y 'GLUTAMIC ACID' ?                               'C5 H9 N O4'     147.129 
GLY 'peptide linking'   y GLYCINE         ?                               'C2 H5 N O2'     75.067  
GOL non-polymer         . GLYCEROL        'GLYCERIN; PROPANE-1,2,3-TRIOL' 'C3 H8 O3'       92.094  
HIS 'L-peptide linking' y HISTIDINE       ?                               'C6 H10 N3 O2 1' 156.162 
HOH non-polymer         . WATER           ?                               'H2 O'           18.015  
ILE 'L-peptide linking' y ISOLEUCINE      ?                               'C6 H13 N O2'    131.173 
LEU 'L-peptide linking' y LEUCINE         ?                               'C6 H13 N O2'    131.173 
LYS 'L-peptide linking' y LYSINE          ?                               'C6 H15 N2 O2 1' 147.195 
MET 'L-peptide linking' y METHIONINE      ?                               'C5 H11 N O2 S'  149.211 
PHE 'L-peptide linking' y PHENYLALANINE   ?                               'C9 H11 N O2'    165.189 
PRO 'L-peptide linking' y PROLINE         ?                               'C5 H9 N O2'     115.130 
SER 'L-peptide linking' y SERINE          ?                               'C3 H7 N O3'     105.093 
THR 'L-peptide linking' y THREONINE       ?                               'C4 H9 N O3'     119.119 
TRP 'L-peptide linking' y TRYPTOPHAN      ?                               'C11 H12 N2 O2'  204.225 
TYR 'L-peptide linking' y TYROSINE        ?                               'C9 H11 N O3'    181.189 
VAL 'L-peptide linking' y VALINE          ?                               'C5 H11 N O2'    117.146 
# 
_exptl.entry_id          2CHD 
_exptl.method            'X-RAY DIFFRACTION' 
_exptl.crystals_number   1 
# 
_exptl_crystal.id                    1 
_exptl_crystal.density_meas          ? 
_exptl_crystal.density_Matthews      2.1 
_exptl_crystal.density_percent_sol   39.8 
_exptl_crystal.description           
'THE RESIDUES BETWEEN 140-265 OF 1RSY.PDB WERE USED. SOME OF THE RESIDUES HAVE BEEN MODIFIED TO ALANINES.' 
# 
_exptl_crystal_grow.crystal_id      1 
_exptl_crystal_grow.method          ? 
_exptl_crystal_grow.temp            ? 
_exptl_crystal_grow.temp_details    ? 
_exptl_crystal_grow.pH              ? 
_exptl_crystal_grow.pdbx_pH_range   ? 
_exptl_crystal_grow.pdbx_details    '25% PEG4000, 0.1M AMMONIUM SULPHATE, 0.1M SODIUM ACETATE, PH=4.6' 
# 
_diffrn.id                     1 
_diffrn.ambient_temp           100.0 
_diffrn.ambient_temp_details   ? 
_diffrn.crystal_id             1 
# 
_diffrn_detector.diffrn_id              1 
_diffrn_detector.detector               CCD 
_diffrn_detector.type                   'BRUKER SMART 6000' 
_diffrn_detector.pdbx_collection_date   2005-10-17 
_diffrn_detector.details                'OSMIC FOCUSING MIRRORS' 
# 
_diffrn_radiation.diffrn_id                        1 
_diffrn_radiation.wavelength_id                    1 
_diffrn_radiation.pdbx_monochromatic_or_laue_m_l   M 
_diffrn_radiation.monochromator                    ? 
_diffrn_radiation.pdbx_diffrn_protocol             'SINGLE WAVELENGTH' 
_diffrn_radiation.pdbx_scattering_type             x-ray 
# 
_diffrn_radiation_wavelength.id           1 
_diffrn_radiation_wavelength.wavelength   1.547 
_diffrn_radiation_wavelength.wt           1.0 
# 
_diffrn_source.diffrn_id                   1 
_diffrn_source.source                      'ROTATING ANODE' 
_diffrn_source.type                        'BRUKER ROTATING ANODE' 
_diffrn_source.pdbx_synchrotron_site       ? 
_diffrn_source.pdbx_synchrotron_beamline   ? 
_diffrn_source.pdbx_wavelength             1.547 
_diffrn_source.pdbx_wavelength_list        ? 
# 
_reflns.pdbx_diffrn_id               1 
_reflns.pdbx_ordinal                 1 
_reflns.entry_id                     2CHD 
_reflns.observed_criterion_sigma_I   2.000 
_reflns.observed_criterion_sigma_F   ? 
_reflns.d_resolution_low             44.410 
_reflns.d_resolution_high            1.920 
_reflns.number_obs                   10435 
_reflns.number_all                   ? 
_reflns.percent_possible_obs         97.8 
_reflns.pdbx_Rmerge_I_obs            0.05000 
_reflns.pdbx_Rsym_value              ? 
_reflns.pdbx_netI_over_sigmaI        19.0000 
_reflns.B_iso_Wilson_estimate        ? 
_reflns.pdbx_redundancy              6.130 
_reflns.pdbx_CC_half                 ? 
_reflns.pdbx_Rpim_I_all              ? 
_reflns.pdbx_Rrim_I_all              ? 
# 
_reflns_shell.pdbx_diffrn_id         1 
_reflns_shell.pdbx_ordinal           1 
_reflns_shell.d_res_high             1.92 
_reflns_shell.d_res_low              1.95 
_reflns_shell.percent_possible_all   92.6 
_reflns_shell.Rmerge_I_obs           0.28000 
_reflns_shell.pdbx_Rsym_value        ? 
_reflns_shell.meanI_over_sigI_obs    3.000 
_reflns_shell.pdbx_redundancy        2.74 
_reflns_shell.number_measured_obs    ? 
_reflns_shell.number_unique_all      ? 
_reflns_shell.number_unique_obs      ? 
_reflns_shell.pdbx_CC_half           ? 
_reflns_shell.pdbx_Rpim_I_all        ? 
_reflns_shell.pdbx_Rrim_I_all        ? 
# 
_refine.pdbx_refine_id                           'X-RAY DIFFRACTION' 
_refine.entry_id                                 2CHD 
_refine.pdbx_diffrn_id                           1 
_refine.pdbx_TLS_residual_ADP_flag               'LIKELY RESIDUAL' 
_refine.ls_number_reflns_obs                     9909 
_refine.ls_number_reflns_all                     ? 
_refine.pdbx_ls_sigma_I                          ? 
_refine.pdbx_ls_sigma_F                          ? 
_refine.pdbx_data_cutoff_high_absF               ? 
_refine.pdbx_data_cutoff_low_absF                ? 
_refine.pdbx_data_cutoff_high_rms_absF           ? 
_refine.ls_d_res_low                             44.41 
_refine.ls_d_res_high                            1.92 
_refine.ls_percent_reflns_obs                    97.8 
_refine.ls_R_factor_obs                          0.201 
_refine.ls_R_factor_all                          ? 
_refine.ls_R_factor_R_work                       0.198 
_refine.ls_R_factor_R_free                       0.269 
_refine.ls_R_factor_R_free_error                 ? 
_refine.ls_R_factor_R_free_error_details         ? 
_refine.ls_percent_reflns_R_free                 4.700 
_refine.ls_number_reflns_R_free                  488 
_refine.ls_number_parameters                     ? 
_refine.ls_number_restraints                     ? 
_refine.occupancy_min                            ? 
_refine.occupancy_max                            ? 
_refine.correlation_coeff_Fo_to_Fc               0.945 
_refine.correlation_coeff_Fo_to_Fc_free          0.911 
_refine.B_iso_mean                               22.01 
_refine.aniso_B[1][1]                            1.83000 
_refine.aniso_B[2][2]                            0.42000 
_refine.aniso_B[3][3]                            -2.25000 
_refine.aniso_B[1][2]                            0.00000 
_refine.aniso_B[1][3]                            0.00000 
_refine.aniso_B[2][3]                            0.00000 
_refine.solvent_model_details                    MASK 
_refine.solvent_model_param_ksol                 ? 
_refine.solvent_model_param_bsol                 ? 
_refine.pdbx_solvent_vdw_probe_radii             1.40 
_refine.pdbx_solvent_ion_probe_radii             0.80 
_refine.pdbx_solvent_shrinkage_radii             0.80 
_refine.pdbx_ls_cross_valid_method               THROUGHOUT 
_refine.details                                  'HYDROGENS HAVE BEEN ADDED IN THE RIDING POSITIONS.' 
_refine.pdbx_starting_model                      'PDB ENTRY 1RSY' 
_refine.pdbx_method_to_determine_struct          'MOLECULAR REPLACEMENT' 
_refine.pdbx_isotropic_thermal_model             ? 
_refine.pdbx_stereochemistry_target_values       'MAXIMUM LIKELIHOOD' 
_refine.pdbx_stereochem_target_val_spec_case     ? 
_refine.pdbx_R_Free_selection_details            RANDOM 
_refine.pdbx_overall_ESU_R                       0.178 
_refine.pdbx_overall_ESU_R_Free                  0.178 
_refine.overall_SU_ML                            0.116 
_refine.pdbx_overall_phase_error                 ? 
_refine.overall_SU_B                             7.917 
_refine.overall_SU_R_Cruickshank_DPI             ? 
_refine.pdbx_overall_SU_R_free_Cruickshank_DPI   ? 
_refine.pdbx_overall_SU_R_Blow_DPI               ? 
_refine.pdbx_overall_SU_R_free_Blow_DPI          ? 
# 
_refine_hist.pdbx_refine_id                   'X-RAY DIFFRACTION' 
_refine_hist.cycle_id                         LAST 
_refine_hist.pdbx_number_atoms_protein        1020 
_refine_hist.pdbx_number_atoms_nucleic_acid   0 
_refine_hist.pdbx_number_atoms_ligand         6 
_refine_hist.number_atoms_solvent             66 
_refine_hist.number_atoms_total               1092 
_refine_hist.d_res_high                       1.92 
_refine_hist.d_res_low                        44.41 
# 
loop_
_refine_ls_restr.type 
_refine_ls_restr.dev_ideal 
_refine_ls_restr.dev_ideal_target 
_refine_ls_restr.weight 
_refine_ls_restr.number 
_refine_ls_restr.pdbx_refine_id 
_refine_ls_restr.pdbx_restraint_function 
r_bond_refined_d             0.018  0.022  ? 1078 'X-RAY DIFFRACTION' ? 
r_bond_other_d               ?      ?      ? ?    'X-RAY DIFFRACTION' ? 
r_angle_refined_deg          1.752  1.966  ? 1456 'X-RAY DIFFRACTION' ? 
r_angle_other_deg            ?      ?      ? ?    'X-RAY DIFFRACTION' ? 
r_dihedral_angle_1_deg       7.436  5.000  ? 135  'X-RAY DIFFRACTION' ? 
r_dihedral_angle_2_deg       34.670 23.774 ? 53   'X-RAY DIFFRACTION' ? 
r_dihedral_angle_3_deg       16.521 15.000 ? 207  'X-RAY DIFFRACTION' ? 
r_dihedral_angle_4_deg       14.998 15.000 ? 10   'X-RAY DIFFRACTION' ? 
r_chiral_restr               0.139  0.200  ? 163  'X-RAY DIFFRACTION' ? 
r_gen_planes_refined         0.008  0.020  ? 807  'X-RAY DIFFRACTION' ? 
r_gen_planes_other           ?      ?      ? ?    'X-RAY DIFFRACTION' ? 
r_nbd_refined                0.257  0.200  ? 426  'X-RAY DIFFRACTION' ? 
r_nbd_other                  ?      ?      ? ?    'X-RAY DIFFRACTION' ? 
r_nbtor_refined              0.323  0.200  ? 690  'X-RAY DIFFRACTION' ? 
r_nbtor_other                ?      ?      ? ?    'X-RAY DIFFRACTION' ? 
r_xyhbond_nbd_refined        0.201  0.200  ? 62   'X-RAY DIFFRACTION' ? 
r_xyhbond_nbd_other          ?      ?      ? ?    'X-RAY DIFFRACTION' ? 
r_metal_ion_refined          ?      ?      ? ?    'X-RAY DIFFRACTION' ? 
r_metal_ion_other            ?      ?      ? ?    'X-RAY DIFFRACTION' ? 
r_symmetry_vdw_refined       0.191  0.200  ? 54   'X-RAY DIFFRACTION' ? 
r_symmetry_vdw_other         ?      ?      ? ?    'X-RAY DIFFRACTION' ? 
r_symmetry_hbond_refined     0.252  0.200  ? 11   'X-RAY DIFFRACTION' ? 
r_symmetry_hbond_other       ?      ?      ? ?    'X-RAY DIFFRACTION' ? 
r_symmetry_metal_ion_refined ?      ?      ? ?    'X-RAY DIFFRACTION' ? 
r_symmetry_metal_ion_other   ?      ?      ? ?    'X-RAY DIFFRACTION' ? 
r_mcbond_it                  1.104  1.500  ? 677  'X-RAY DIFFRACTION' ? 
r_mcbond_other               ?      ?      ? ?    'X-RAY DIFFRACTION' ? 
r_mcangle_it                 1.746  2.000  ? 1055 'X-RAY DIFFRACTION' ? 
r_mcangle_other              ?      ?      ? ?    'X-RAY DIFFRACTION' ? 
r_scbond_it                  2.822  3.000  ? 450  'X-RAY DIFFRACTION' ? 
r_scbond_other               ?      ?      ? ?    'X-RAY DIFFRACTION' ? 
r_scangle_it                 4.292  4.500  ? 397  'X-RAY DIFFRACTION' ? 
r_scangle_other              ?      ?      ? ?    'X-RAY DIFFRACTION' ? 
r_long_range_B_refined       ?      ?      ? ?    'X-RAY DIFFRACTION' ? 
r_long_range_B_other         ?      ?      ? ?    'X-RAY DIFFRACTION' ? 
r_rigid_bond_restr           ?      ?      ? ?    'X-RAY DIFFRACTION' ? 
r_sphericity_free            ?      ?      ? ?    'X-RAY DIFFRACTION' ? 
r_sphericity_bonded          ?      ?      ? ?    'X-RAY DIFFRACTION' ? 
# 
_refine_ls_shell.pdbx_refine_id                   'X-RAY DIFFRACTION' 
_refine_ls_shell.pdbx_total_number_of_bins_used   20 
_refine_ls_shell.d_res_high                       1.92 
_refine_ls_shell.d_res_low                        1.97 
_refine_ls_shell.number_reflns_R_work             667 
_refine_ls_shell.R_factor_R_work                  0.2320 
_refine_ls_shell.percent_reflns_obs               91.15 
_refine_ls_shell.R_factor_R_free                  0.3370 
_refine_ls_shell.R_factor_R_free_error            ? 
_refine_ls_shell.percent_reflns_R_free            ? 
_refine_ls_shell.number_reflns_R_free             33 
_refine_ls_shell.number_reflns_all                ? 
_refine_ls_shell.R_factor_all                     ? 
_refine_ls_shell.R_factor_obs                     ? 
_refine_ls_shell.number_reflns_obs                ? 
# 
_struct.entry_id                  2CHD 
_struct.title                     'Crystal structure of the C2A domain of Rabphilin-3A' 
_struct.pdbx_model_details        ? 
_struct.pdbx_CASP_flag            ? 
_struct.pdbx_model_type_details   ? 
# 
_struct_keywords.entry_id        2CHD 
_struct_keywords.pdbx_keywords   'PROTEIN TRANSPORT' 
_struct_keywords.text            
;RABPHILIN-3A, C2 DOMAIN, C2A, CALCIUM BINDING, SYNAPTIC EXOCYTOSIS, METAL-BINDING, PROTEIN TRANSPORT, SYNAPSE, TRANSPORT, ZINC-FINGER
;
# 
loop_
_struct_asym.id 
_struct_asym.pdbx_blank_PDB_chainid_flag 
_struct_asym.pdbx_modified 
_struct_asym.entity_id 
_struct_asym.details 
A N N 1 ? 
B N N 2 ? 
C N N 3 ? 
# 
loop_
_struct_conf.conf_type_id 
_struct_conf.id 
_struct_conf.pdbx_PDB_helix_id 
_struct_conf.beg_label_comp_id 
_struct_conf.beg_label_asym_id 
_struct_conf.beg_label_seq_id 
_struct_conf.pdbx_beg_PDB_ins_code 
_struct_conf.end_label_comp_id 
_struct_conf.end_label_asym_id 
_struct_conf.end_label_seq_id 
_struct_conf.pdbx_end_PDB_ins_code 
_struct_conf.beg_auth_comp_id 
_struct_conf.beg_auth_asym_id 
_struct_conf.beg_auth_seq_id 
_struct_conf.end_auth_comp_id 
_struct_conf.end_auth_asym_id 
_struct_conf.end_auth_seq_id 
_struct_conf.pdbx_PDB_helix_class 
_struct_conf.details 
_struct_conf.pdbx_PDB_helix_length 
HELX_P HELX_P1 1 GLN A 26  ? ASN A 28  ? GLN A 394 ASN A 396 5 ? 3 
HELX_P HELX_P2 2 SER A 63  ? SER A 65  ? SER A 431 SER A 433 5 ? 3 
HELX_P HELX_P3 3 THR A 91  ? LYS A 98  ? THR A 459 LYS A 466 1 ? 8 
HELX_P HELX_P4 4 LYS A 124 ? LEU A 126 ? LYS A 492 LEU A 494 5 ? 3 
# 
_struct_conf_type.id          HELX_P 
_struct_conf_type.criteria    ? 
_struct_conf_type.reference   ? 
# 
_struct_mon_prot_cis.pdbx_id                1 
_struct_mon_prot_cis.label_comp_id          LEU 
_struct_mon_prot_cis.label_seq_id           59 
_struct_mon_prot_cis.label_asym_id          A 
_struct_mon_prot_cis.label_alt_id           . 
_struct_mon_prot_cis.pdbx_PDB_ins_code      ? 
_struct_mon_prot_cis.auth_comp_id           LEU 
_struct_mon_prot_cis.auth_seq_id            427 
_struct_mon_prot_cis.auth_asym_id           A 
_struct_mon_prot_cis.pdbx_label_comp_id_2   PRO 
_struct_mon_prot_cis.pdbx_label_seq_id_2    60 
_struct_mon_prot_cis.pdbx_label_asym_id_2   A 
_struct_mon_prot_cis.pdbx_PDB_ins_code_2    ? 
_struct_mon_prot_cis.pdbx_auth_comp_id_2    PRO 
_struct_mon_prot_cis.pdbx_auth_seq_id_2     428 
_struct_mon_prot_cis.pdbx_auth_asym_id_2    A 
_struct_mon_prot_cis.pdbx_PDB_model_num     1 
_struct_mon_prot_cis.pdbx_omega_angle       -3.67 
# 
loop_
_struct_sheet.id 
_struct_sheet.type 
_struct_sheet.number_strands 
_struct_sheet.details 
AA ? 4 ? 
AB ? 4 ? 
# 
loop_
_struct_sheet_order.sheet_id 
_struct_sheet_order.range_id_1 
_struct_sheet_order.range_id_2 
_struct_sheet_order.offset 
_struct_sheet_order.sense 
AA 1 2 ? anti-parallel 
AA 2 3 ? anti-parallel 
AA 3 4 ? anti-parallel 
AB 1 2 ? anti-parallel 
AB 2 3 ? anti-parallel 
AB 3 4 ? anti-parallel 
# 
loop_
_struct_sheet_range.sheet_id 
_struct_sheet_range.id 
_struct_sheet_range.beg_label_comp_id 
_struct_sheet_range.beg_label_asym_id 
_struct_sheet_range.beg_label_seq_id 
_struct_sheet_range.pdbx_beg_PDB_ins_code 
_struct_sheet_range.end_label_comp_id 
_struct_sheet_range.end_label_asym_id 
_struct_sheet_range.end_label_seq_id 
_struct_sheet_range.pdbx_end_PDB_ins_code 
_struct_sheet_range.beg_auth_comp_id 
_struct_sheet_range.beg_auth_asym_id 
_struct_sheet_range.beg_auth_seq_id 
_struct_sheet_range.end_auth_comp_id 
_struct_sheet_range.end_auth_asym_id 
_struct_sheet_range.end_auth_seq_id 
AA 1 VAL A 80  ? HIS A 88  ? VAL A 448 HIS A 456 
AA 2 ASN A 30  ? LYS A 39  ? ASN A 398 LYS A 407 
AA 3 ALA A 17  ? ASP A 25  ? ALA A 385 ASP A 393 
AA 4 LYS A 132 ? CYS A 137 ? LYS A 500 CYS A 505 
AB 1 LYS A 67  ? ARG A 69  ? LYS A 435 ARG A 437 
AB 2 PRO A 52  ? LEU A 59  ? PRO A 420 LEU A 427 
AB 3 THR A 99  ? GLU A 107 ? THR A 467 GLU A 475 
AB 4 ASN A 113 ? SER A 122 ? ASN A 481 SER A 490 
# 
loop_
_pdbx_struct_sheet_hbond.sheet_id 
_pdbx_struct_sheet_hbond.range_id_1 
_pdbx_struct_sheet_hbond.range_id_2 
_pdbx_struct_sheet_hbond.range_1_label_atom_id 
_pdbx_struct_sheet_hbond.range_1_label_comp_id 
_pdbx_struct_sheet_hbond.range_1_label_asym_id 
_pdbx_struct_sheet_hbond.range_1_label_seq_id 
_pdbx_struct_sheet_hbond.range_1_PDB_ins_code 
_pdbx_struct_sheet_hbond.range_1_auth_atom_id 
_pdbx_struct_sheet_hbond.range_1_auth_comp_id 
_pdbx_struct_sheet_hbond.range_1_auth_asym_id 
_pdbx_struct_sheet_hbond.range_1_auth_seq_id 
_pdbx_struct_sheet_hbond.range_2_label_atom_id 
_pdbx_struct_sheet_hbond.range_2_label_comp_id 
_pdbx_struct_sheet_hbond.range_2_label_asym_id 
_pdbx_struct_sheet_hbond.range_2_label_seq_id 
_pdbx_struct_sheet_hbond.range_2_PDB_ins_code 
_pdbx_struct_sheet_hbond.range_2_auth_atom_id 
_pdbx_struct_sheet_hbond.range_2_auth_comp_id 
_pdbx_struct_sheet_hbond.range_2_auth_asym_id 
_pdbx_struct_sheet_hbond.range_2_auth_seq_id 
AA 1 2 N TYR A 87  ? N TYR A 455 O LEU A 31  ? O LEU A 399 
AA 2 3 N LYS A 39  ? N LYS A 407 O ALA A 17  ? O ALA A 385 
AA 3 4 N LEU A 22  ? N LEU A 390 O LYS A 132 ? O LYS A 500 
AB 1 2 N LEU A 68  ? N LEU A 436 O LEU A 56  ? O LEU A 424 
AB 2 3 N LEU A 59  ? N LEU A 427 O THR A 99  ? O THR A 467 
AB 3 4 N ASP A 106 ? N ASP A 474 O GLU A 114 ? O GLU A 482 
# 
_struct_site.id                   AC1 
_struct_site.pdbx_evidence_code   Software 
_struct_site.pdbx_auth_asym_id    ? 
_struct_site.pdbx_auth_comp_id    ? 
_struct_site.pdbx_auth_seq_id     ? 
_struct_site.pdbx_auth_ins_code   ? 
_struct_site.pdbx_num_residues    5 
_struct_site.details              'BINDING SITE FOR RESIDUE GOL A2647' 
# 
loop_
_struct_site_gen.id 
_struct_site_gen.site_id 
_struct_site_gen.pdbx_num_res 
_struct_site_gen.label_comp_id 
_struct_site_gen.label_asym_id 
_struct_site_gen.label_seq_id 
_struct_site_gen.pdbx_auth_ins_code 
_struct_site_gen.auth_comp_id 
_struct_site_gen.auth_asym_id 
_struct_site_gen.auth_seq_id 
_struct_site_gen.label_atom_id 
_struct_site_gen.label_alt_id 
_struct_site_gen.symmetry 
_struct_site_gen.details 
1 AC1 5 LYS A 42  ? LYS A 410 . ? 1_555 ? 
2 AC1 5 TYR A 53  ? TYR A 421 . ? 1_555 ? 
3 AC1 5 LYS A 55  ? LYS A 423 . ? 1_555 ? 
4 AC1 5 ARG A 69  ? ARG A 437 . ? 1_555 ? 
5 AC1 5 ASN A 113 ? ASN A 481 . ? 1_555 ? 
# 
_atom_sites.entry_id                    2CHD 
_atom_sites.fract_transf_matrix[1][1]   -0.01522009 
_atom_sites.fract_transf_matrix[1][2]   0.00381843 
_atom_sites.fract_transf_matrix[1][3]   0.02123783 
_atom_sites.fract_transf_matrix[2][1]   -0.00724579 
_atom_sites.fract_transf_matrix[2][2]   0.02266486 
_atom_sites.fract_transf_matrix[2][3]   -0.00926770 
_atom_sites.fract_transf_matrix[3][1]   -0.00862507 
_atom_sites.fract_transf_matrix[3][2]   -0.00492293 
_atom_sites.fract_transf_matrix[3][3]   -0.00529604 
_atom_sites.fract_transf_vector[1]      0.267700 
_atom_sites.fract_transf_vector[2]      0.251675 
_atom_sites.fract_transf_vector[3]      0.352034 
# 
loop_
_atom_type.symbol 
C 
N 
O 
S 
# 
loop_
_atom_site.group_PDB 
_atom_site.id 
_atom_site.type_symbol 
_atom_site.label_atom_id 
_atom_site.label_alt_id 
_atom_site.label_comp_id 
_atom_site.label_asym_id 
_atom_site.label_entity_id 
_atom_site.label_seq_id 
_atom_site.pdbx_PDB_ins_code 
_atom_site.Cartn_x 
_atom_site.Cartn_y 
_atom_site.Cartn_z 
_atom_site.occupancy 
_atom_site.B_iso_or_equiv 
_atom_site.pdbx_formal_charge 
_atom_site.auth_seq_id 
_atom_site.auth_comp_id 
_atom_site.auth_asym_id 
_atom_site.auth_atom_id 
_atom_site.pdbx_PDB_model_num 
ATOM   1    N N   . THR A 1 14  ? 1.138   3.597   -17.637 1.00 30.68 ? 382  THR A N   1 
ATOM   2    C CA  . THR A 1 14  ? -0.278  3.516   -18.131 1.00 30.66 ? 382  THR A CA  1 
ATOM   3    C C   . THR A 1 14  ? -1.158  2.936   -16.998 1.00 28.60 ? 382  THR A C   1 
ATOM   4    O O   . THR A 1 14  ? -2.401  2.973   -17.067 1.00 28.07 ? 382  THR A O   1 
ATOM   5    C CB  . THR A 1 14  ? -0.354  2.712   -19.501 1.00 31.53 ? 382  THR A CB  1 
ATOM   6    O OG1 . THR A 1 14  ? -0.823  3.560   -20.570 1.00 33.57 ? 382  THR A OG1 1 
ATOM   7    C CG2 . THR A 1 14  ? -1.188  1.442   -19.416 1.00 32.02 ? 382  THR A CG2 1 
ATOM   8    N N   . LEU A 1 15  ? -0.493  2.454   -15.941 1.00 27.19 ? 383  LEU A N   1 
ATOM   9    C CA  . LEU A 1 15  ? -1.148  1.643   -14.896 1.00 25.52 ? 383  LEU A CA  1 
ATOM   10   C C   . LEU A 1 15  ? -1.901  2.429   -13.842 1.00 24.53 ? 383  LEU A C   1 
ATOM   11   O O   . LEU A 1 15  ? -2.808  1.877   -13.196 1.00 23.86 ? 383  LEU A O   1 
ATOM   12   C CB  . LEU A 1 15  ? -0.148  0.711   -14.189 1.00 25.76 ? 383  LEU A CB  1 
ATOM   13   C CG  . LEU A 1 15  ? 0.408   -0.505  -14.923 1.00 26.05 ? 383  LEU A CG  1 
ATOM   14   C CD1 . LEU A 1 15  ? 1.358   -1.233  -14.000 1.00 24.66 ? 383  LEU A CD1 1 
ATOM   15   C CD2 . LEU A 1 15  ? -0.683  -1.435  -15.419 1.00 25.21 ? 383  LEU A CD2 1 
ATOM   16   N N   . GLY A 1 16  ? -1.553  3.703   -13.671 1.00 22.65 ? 384  GLY A N   1 
ATOM   17   C CA  . GLY A 1 16  ? -2.112  4.442   -12.535 1.00 22.00 ? 384  GLY A CA  1 
ATOM   18   C C   . GLY A 1 16  ? -1.037  5.105   -11.701 1.00 20.81 ? 384  GLY A C   1 
ATOM   19   O O   . GLY A 1 16  ? 0.131   4.714   -11.768 1.00 21.19 ? 384  GLY A O   1 
ATOM   20   N N   . ALA A 1 17  ? -1.428  6.141   -10.961 1.00 19.67 ? 385  ALA A N   1 
ATOM   21   C CA  . ALA A 1 17  ? -0.535  6.882   -10.067 1.00 18.20 ? 385  ALA A CA  1 
ATOM   22   C C   . ALA A 1 17  ? -1.079  6.629   -8.675  1.00 18.93 ? 385  ALA A C   1 
ATOM   23   O O   . ALA A 1 17  ? -2.288  6.530   -8.515  1.00 19.79 ? 385  ALA A O   1 
ATOM   24   C CB  . ALA A 1 17  ? -0.612  8.345   -10.369 1.00 18.91 ? 385  ALA A CB  1 
ATOM   25   N N   . LEU A 1 18  ? -0.198  6.482   -7.694  1.00 16.61 ? 386  LEU A N   1 
ATOM   26   C CA  . LEU A 1 18  ? -0.610  6.282   -6.304  1.00 16.48 ? 386  LEU A CA  1 
ATOM   27   C C   . LEU A 1 18  ? 0.042   7.344   -5.419  1.00 17.71 ? 386  LEU A C   1 
ATOM   28   O O   . LEU A 1 18  ? 1.248   7.633   -5.505  1.00 20.75 ? 386  LEU A O   1 
ATOM   29   C CB  . LEU A 1 18  ? -0.228  4.879   -5.825  1.00 14.59 ? 386  LEU A CB  1 
ATOM   30   C CG  . LEU A 1 18  ? -0.652  4.555   -4.384  1.00 17.84 ? 386  LEU A CG  1 
ATOM   31   C CD1 . LEU A 1 18  ? -2.198  4.295   -4.324  1.00 19.27 ? 386  LEU A CD1 1 
ATOM   32   C CD2 . LEU A 1 18  ? 0.125   3.358   -3.824  1.00 16.36 ? 386  LEU A CD2 1 
ATOM   33   N N   . GLU A 1 19  ? -0.797  7.967   -4.618  1.00 18.21 ? 387  GLU A N   1 
ATOM   34   C CA  . GLU A 1 19  ? -0.414  8.936   -3.652  1.00 18.73 ? 387  GLU A CA  1 
ATOM   35   C C   . GLU A 1 19  ? -0.473  8.285   -2.262  1.00 17.41 ? 387  GLU A C   1 
ATOM   36   O O   . GLU A 1 19  ? -1.474  7.662   -1.897  1.00 17.41 ? 387  GLU A O   1 
ATOM   37   C CB  . GLU A 1 19  ? -1.415  10.078  -3.763  1.00 19.41 ? 387  GLU A CB  1 
ATOM   38   C CG  . GLU A 1 19  ? -1.039  11.332  -3.153  1.00 22.18 ? 387  GLU A CG  1 
ATOM   39   C CD  . GLU A 1 19  ? -1.903  12.472  -3.717  1.00 25.32 ? 387  GLU A CD  1 
ATOM   40   O OE1 . GLU A 1 19  ? -2.464  13.217  -2.889  1.00 27.55 ? 387  GLU A OE1 1 
ATOM   41   O OE2 . GLU A 1 19  ? -2.026  12.601  -4.961  1.00 24.29 ? 387  GLU A OE2 1 
ATOM   42   N N   . PHE A 1 20  ? 0.612   8.415   -1.502  1.00 17.76 ? 388  PHE A N   1 
ATOM   43   C CA  . PHE A 1 20  ? 0.657   7.921   -0.110  1.00 17.25 ? 388  PHE A CA  1 
ATOM   44   C C   . PHE A 1 20  ? 1.670   8.711   0.704   1.00 17.44 ? 388  PHE A C   1 
ATOM   45   O O   . PHE A 1 20  ? 2.527   9.404   0.160   1.00 17.15 ? 388  PHE A O   1 
ATOM   46   C CB  . PHE A 1 20  ? 0.915   6.389   -0.006  1.00 17.09 ? 388  PHE A CB  1 
ATOM   47   C CG  . PHE A 1 20  ? 2.219   5.936   -0.607  1.00 18.98 ? 388  PHE A CG  1 
ATOM   48   C CD1 . PHE A 1 20  ? 3.325   5.661   0.197   1.00 17.00 ? 388  PHE A CD1 1 
ATOM   49   C CD2 . PHE A 1 20  ? 2.341   5.786   -1.992  1.00 18.11 ? 388  PHE A CD2 1 
ATOM   50   C CE1 . PHE A 1 20  ? 4.551   5.203   -0.375  1.00 15.48 ? 388  PHE A CE1 1 
ATOM   51   C CE2 . PHE A 1 20  ? 3.559   5.394   -2.568  1.00 19.47 ? 388  PHE A CE2 1 
ATOM   52   C CZ  . PHE A 1 20  ? 4.661   5.100   -1.746  1.00 16.78 ? 388  PHE A CZ  1 
ATOM   53   N N   . SER A 1 21  ? 1.541   8.607   2.019   1.00 18.30 ? 389  SER A N   1 
ATOM   54   C CA  . SER A 1 21  ? 2.467   9.271   2.978   1.00 19.10 ? 389  SER A CA  1 
ATOM   55   C C   . SER A 1 21  ? 2.933   8.269   4.081   1.00 18.61 ? 389  SER A C   1 
ATOM   56   O O   . SER A 1 21  ? 2.139   7.527   4.596   1.00 19.16 ? 389  SER A O   1 
ATOM   57   C CB  . SER A 1 21  ? 1.768   10.518  3.537   1.00 19.83 ? 389  SER A CB  1 
ATOM   58   O OG  . SER A 1 21  ? 2.628   11.285  4.363   1.00 22.41 ? 389  SER A OG  1 
ATOM   59   N N   . LEU A 1 22  ? 4.227   8.245   4.402   1.00 18.28 ? 390  LEU A N   1 
ATOM   60   C CA  . LEU A 1 22  ? 4.780   7.411   5.503   1.00 18.18 ? 390  LEU A CA  1 
ATOM   61   C C   . LEU A 1 22  ? 5.378   8.283   6.617   1.00 17.39 ? 390  LEU A C   1 
ATOM   62   O O   . LEU A 1 22  ? 5.962   9.361   6.364   1.00 16.82 ? 390  LEU A O   1 
ATOM   63   C CB  . LEU A 1 22  ? 5.854   6.460   4.987   1.00 18.22 ? 390  LEU A CB  1 
ATOM   64   C CG  . LEU A 1 22  ? 5.575   5.621   3.717   1.00 20.15 ? 390  LEU A CG  1 
ATOM   65   C CD1 . LEU A 1 22  ? 6.794   4.805   3.332   1.00 18.89 ? 390  LEU A CD1 1 
ATOM   66   C CD2 . LEU A 1 22  ? 4.390   4.692   3.939   1.00 19.14 ? 390  LEU A CD2 1 
ATOM   67   N N   . LEU A 1 23  ? 5.153   7.853   7.844   1.00 16.52 ? 391  LEU A N   1 
ATOM   68   C CA  . LEU A 1 23  ? 5.767   8.448   8.997   1.00 15.78 ? 391  LEU A CA  1 
ATOM   69   C C   . LEU A 1 23  ? 6.144   7.312   9.952   1.00 16.28 ? 391  LEU A C   1 
ATOM   70   O O   . LEU A 1 23  ? 5.282   6.521   10.329  1.00 14.97 ? 391  LEU A O   1 
ATOM   71   C CB  . LEU A 1 23  ? 4.782   9.374   9.698   1.00 17.43 ? 391  LEU A CB  1 
ATOM   72   C CG  . LEU A 1 23  ? 5.327   9.825   11.060  1.00 18.12 ? 391  LEU A CG  1 
ATOM   73   C CD1 . LEU A 1 23  ? 6.435   10.847  10.873  1.00 23.99 ? 391  LEU A CD1 1 
ATOM   74   C CD2 . LEU A 1 23  ? 4.213   10.322  11.954  1.00 20.76 ? 391  LEU A CD2 1 
ATOM   75   N N   . TYR A 1 24  ? 7.417   7.265   10.344  1.00 15.74 ? 392  TYR A N   1 
ATOM   76   C CA  . TYR A 1 24  ? 7.875   6.297   11.330  1.00 16.73 ? 392  TYR A CA  1 
ATOM   77   C C   . TYR A 1 24  ? 7.931   7.003   12.652  1.00 17.84 ? 392  TYR A C   1 
ATOM   78   O O   . TYR A 1 24  ? 8.838   7.808   12.893  1.00 18.67 ? 392  TYR A O   1 
ATOM   79   C CB  . TYR A 1 24  ? 9.236   5.760   10.982  1.00 15.14 ? 392  TYR A CB  1 
ATOM   80   C CG  . TYR A 1 24  ? 9.693   4.728   12.029  1.00 15.79 ? 392  TYR A CG  1 
ATOM   81   C CD1 . TYR A 1 24  ? 8.796   3.796   12.554  1.00 12.18 ? 392  TYR A CD1 1 
ATOM   82   C CD2 . TYR A 1 24  ? 11.003  4.732   12.507  1.00 15.60 ? 392  TYR A CD2 1 
ATOM   83   C CE1 . TYR A 1 24  ? 9.224   2.839   13.519  1.00 11.87 ? 392  TYR A CE1 1 
ATOM   84   C CE2 . TYR A 1 24  ? 11.433  3.797   13.458  1.00 16.08 ? 392  TYR A CE2 1 
ATOM   85   C CZ  . TYR A 1 24  ? 10.539  2.879   13.969  1.00 14.23 ? 392  TYR A CZ  1 
ATOM   86   O OH  . TYR A 1 24  ? 10.976  1.985   14.932  1.00 14.35 ? 392  TYR A OH  1 
ATOM   87   N N   . ASP A 1 25  ? 6.930   6.750   13.495  1.00 18.71 ? 393  ASP A N   1 
ATOM   88   C CA  . ASP A 1 25  ? 6.921   7.321   14.853  1.00 18.55 ? 393  ASP A CA  1 
ATOM   89   C C   . ASP A 1 25  ? 7.731   6.425   15.748  1.00 19.09 ? 393  ASP A C   1 
ATOM   90   O O   . ASP A 1 25  ? 7.210   5.574   16.438  1.00 18.36 ? 393  ASP A O   1 
ATOM   91   C CB  . ASP A 1 25  ? 5.474   7.510   15.344  1.00 19.63 ? 393  ASP A CB  1 
ATOM   92   C CG  . ASP A 1 25  ? 5.395   8.067   16.761  1.00 20.51 ? 393  ASP A CG  1 
ATOM   93   O OD1 . ASP A 1 25  ? 6.383   8.602   17.268  1.00 20.62 ? 393  ASP A OD1 1 
ATOM   94   O OD2 . ASP A 1 25  ? 4.342   7.916   17.374  1.00 23.58 ? 393  ASP A OD2 1 
ATOM   95   N N   . GLN A 1 26  ? 9.033   6.662   15.746  1.00 18.97 ? 394  GLN A N   1 
ATOM   96   C CA  . GLN A 1 26  ? 9.977   5.721   16.294  1.00 17.90 ? 394  GLN A CA  1 
ATOM   97   C C   . GLN A 1 26  ? 9.817   5.512   17.784  1.00 17.16 ? 394  GLN A C   1 
ATOM   98   O O   . GLN A 1 26  ? 9.974   4.408   18.262  1.00 15.95 ? 394  GLN A O   1 
ATOM   99   C CB  . GLN A 1 26  ? 11.381  6.225   15.996  1.00 18.54 ? 394  GLN A CB  1 
ATOM   100  C CG  . GLN A 1 26  ? 12.536  5.435   16.621  1.00 20.63 ? 394  GLN A CG  1 
ATOM   101  C CD  . GLN A 1 26  ? 13.844  6.143   16.348  1.00 26.42 ? 394  GLN A CD  1 
ATOM   102  O OE1 . GLN A 1 26  ? 14.005  7.326   16.685  1.00 29.02 ? 394  GLN A OE1 1 
ATOM   103  N NE2 . GLN A 1 26  ? 14.757  5.457   15.678  1.00 28.59 ? 394  GLN A NE2 1 
ATOM   104  N N   . ASP A 1 27  ? 9.535   6.581   18.522  1.00 16.49 ? 395  ASP A N   1 
ATOM   105  C CA  . ASP A 1 27  ? 9.423   6.468   19.959  1.00 18.70 ? 395  ASP A CA  1 
ATOM   106  C C   . ASP A 1 27  ? 8.267   5.580   20.387  1.00 17.57 ? 395  ASP A C   1 
ATOM   107  O O   . ASP A 1 27  ? 8.276   5.068   21.503  1.00 17.34 ? 395  ASP A O   1 
ATOM   108  C CB  . ASP A 1 27  ? 9.330   7.843   20.639  1.00 19.51 ? 395  ASP A CB  1 
ATOM   109  C CG  . ASP A 1 27  ? 10.670  8.599   20.644  1.00 21.98 ? 395  ASP A CG  1 
ATOM   110  O OD1 . ASP A 1 27  ? 11.681  8.005   20.255  1.00 18.31 ? 395  ASP A OD1 1 
ATOM   111  O OD2 . ASP A 1 27  ? 10.682  9.812   20.982  1.00 22.87 ? 395  ASP A OD2 1 
ATOM   112  N N   . ASN A 1 28  ? 7.297   5.399   19.491  1.00 17.51 ? 396  ASN A N   1 
ATOM   113  C CA  . ASN A 1 28  ? 6.132   4.521   19.741  1.00 16.86 ? 396  ASN A CA  1 
ATOM   114  C C   . ASN A 1 28  ? 6.122   3.212   18.912  1.00 15.82 ? 396  ASN A C   1 
ATOM   115  O O   . ASN A 1 28  ? 5.135   2.453   18.898  1.00 15.44 ? 396  ASN A O   1 
ATOM   116  C CB  . ASN A 1 28  ? 4.846   5.303   19.557  1.00 15.34 ? 396  ASN A CB  1 
ATOM   117  C CG  . ASN A 1 28  ? 4.674   6.394   20.609  1.00 16.50 ? 396  ASN A CG  1 
ATOM   118  O OD1 . ASN A 1 28  ? 4.525   7.580   20.294  1.00 18.05 ? 396  ASN A OD1 1 
ATOM   119  N ND2 . ASN A 1 28  ? 4.690   5.996   21.855  1.00 10.53 ? 396  ASN A ND2 1 
ATOM   120  N N   . SER A 1 29  ? 7.274   2.931   18.307  1.00 16.53 ? 397  SER A N   1 
ATOM   121  C CA  . SER A 1 29  ? 7.499   1.772   17.448  1.00 16.18 ? 397  SER A CA  1 
ATOM   122  C C   . SER A 1 29  ? 6.379   1.617   16.426  1.00 16.53 ? 397  SER A C   1 
ATOM   123  O O   . SER A 1 29  ? 5.838   0.538   16.265  1.00 17.40 ? 397  SER A O   1 
ATOM   124  C CB  . SER A 1 29  ? 7.635   0.499   18.297  1.00 14.83 ? 397  SER A CB  1 
ATOM   125  O OG  . SER A 1 29  ? 8.613   0.665   19.306  1.00 16.37 ? 397  SER A OG  1 
ATOM   126  N N   . ASN A 1 30  ? 6.037   2.695   15.719  1.00 17.10 ? 398  ASN A N   1 
ATOM   127  C CA  . ASN A 1 30  ? 4.827   2.717   14.958  1.00 18.86 ? 398  ASN A CA  1 
ATOM   128  C C   . ASN A 1 30  ? 5.085   3.296   13.545  1.00 18.62 ? 398  ASN A C   1 
ATOM   129  O O   . ASN A 1 30  ? 5.492   4.433   13.418  1.00 18.70 ? 398  ASN A O   1 
ATOM   130  C CB  . ASN A 1 30  ? 3.826   3.602   15.718  1.00 20.88 ? 398  ASN A CB  1 
ATOM   131  C CG  . ASN A 1 30  ? 2.456   3.668   15.066  1.00 23.88 ? 398  ASN A CG  1 
ATOM   132  O OD1 . ASN A 1 30  ? 1.735   4.669   15.219  1.00 29.82 ? 398  ASN A OD1 1 
ATOM   133  N ND2 . ASN A 1 30  ? 2.082   2.625   14.347  1.00 23.82 ? 398  ASN A ND2 1 
ATOM   134  N N   . LEU A 1 31  ? 4.874   2.488   12.523  1.00 17.79 ? 399  LEU A N   1 
ATOM   135  C CA  . LEU A 1 31  ? 4.934   2.914   11.130  1.00 17.46 ? 399  LEU A CA  1 
ATOM   136  C C   . LEU A 1 31  ? 3.484   3.148   10.566  1.00 18.85 ? 399  LEU A C   1 
ATOM   137  O O   . LEU A 1 31  ? 2.672   2.204   10.429  1.00 17.70 ? 399  LEU A O   1 
ATOM   138  C CB  . LEU A 1 31  ? 5.728   1.894   10.279  1.00 16.97 ? 399  LEU A CB  1 
ATOM   139  C CG  . LEU A 1 31  ? 5.796   2.267   8.773   1.00 16.60 ? 399  LEU A CG  1 
ATOM   140  C CD1 . LEU A 1 31  ? 6.577   3.622   8.515   1.00 18.09 ? 399  LEU A CD1 1 
ATOM   141  C CD2 . LEU A 1 31  ? 6.356   1.117   7.923   1.00 18.81 ? 399  LEU A CD2 1 
ATOM   142  N N   . GLN A 1 32  ? 3.180   4.420   10.323  1.00 17.25 ? 400  GLN A N   1 
ATOM   143  C CA  . GLN A 1 32  ? 1.880   4.874   9.807   1.00 19.08 ? 400  GLN A CA  1 
ATOM   144  C C   . GLN A 1 32  ? 1.956   5.109   8.316   1.00 18.18 ? 400  GLN A C   1 
ATOM   145  O O   . GLN A 1 32  ? 2.720   5.956   7.883   1.00 19.28 ? 400  GLN A O   1 
ATOM   146  C CB  . GLN A 1 32  ? 1.462   6.182   10.493  1.00 18.38 ? 400  GLN A CB  1 
ATOM   147  C CG  . GLN A 1 32  ? 1.659   6.066   11.982  1.00 20.86 ? 400  GLN A CG  1 
ATOM   148  C CD  . GLN A 1 32  ? 1.158   7.218   12.779  1.00 26.57 ? 400  GLN A CD  1 
ATOM   149  O OE1 . GLN A 1 32  ? 0.746   7.044   13.936  1.00 32.67 ? 400  GLN A OE1 1 
ATOM   150  N NE2 . GLN A 1 32  ? 1.236   8.410   12.220  1.00 22.18 ? 400  GLN A NE2 1 
ATOM   151  N N   . CYS A 1 33  ? 1.153   4.350   7.564   1.00 17.99 ? 401  CYS A N   1 
ATOM   152  C CA  A CYS A 1 33  ? 1.152   4.395   6.113   0.50 16.50 ? 401  CYS A CA  1 
ATOM   153  C CA  B CYS A 1 33  ? 1.152   4.453   6.096   0.50 18.30 ? 401  CYS A CA  1 
ATOM   154  C C   . CYS A 1 33  ? -0.220  4.894   5.651   1.00 17.07 ? 401  CYS A C   1 
ATOM   155  O O   . CYS A 1 33  ? -1.191  4.120   5.680   1.00 17.35 ? 401  CYS A O   1 
ATOM   156  C CB  A CYS A 1 33  ? 1.408   2.985   5.595   0.50 16.79 ? 401  CYS A CB  1 
ATOM   157  C CB  B CYS A 1 33  ? 1.509   3.143   5.395   0.50 18.94 ? 401  CYS A CB  1 
ATOM   158  S SG  A CYS A 1 33  ? 2.788   2.166   6.402   0.50 9.90  ? 401  CYS A SG  1 
ATOM   159  S SG  B CYS A 1 33  ? 1.326   3.218   3.526   0.50 22.98 ? 401  CYS A SG  1 
ATOM   160  N N   . THR A 1 34  ? -0.289  6.157   5.257   1.00 15.99 ? 402  THR A N   1 
ATOM   161  C CA  . THR A 1 34  ? -1.539  6.764   4.798   1.00 14.84 ? 402  THR A CA  1 
ATOM   162  C C   . THR A 1 34  ? -1.684  6.487   3.320   1.00 15.16 ? 402  THR A C   1 
ATOM   163  O O   . THR A 1 34  ? -0.897  6.951   2.524   1.00 14.55 ? 402  THR A O   1 
ATOM   164  C CB  . THR A 1 34  ? -1.652  8.246   5.139   1.00 16.47 ? 402  THR A CB  1 
ATOM   165  O OG1 . THR A 1 34  ? -1.502  8.404   6.556   1.00 18.11 ? 402  THR A OG1 1 
ATOM   166  C CG2 . THR A 1 34  ? -3.055  8.829   4.680   1.00 14.82 ? 402  THR A CG2 1 
ATOM   167  N N   . ILE A 1 35  ? -2.682  5.693   2.962   1.00 13.87 ? 403  ILE A N   1 
ATOM   168  C CA  . ILE A 1 35  ? -2.888  5.369   1.547   1.00 14.77 ? 403  ILE A CA  1 
ATOM   169  C C   . ILE A 1 35  ? -3.916  6.429   1.107   1.00 13.79 ? 403  ILE A C   1 
ATOM   170  O O   . ILE A 1 35  ? -5.036  6.430   1.627   1.00 14.27 ? 403  ILE A O   1 
ATOM   171  C CB  . ILE A 1 35  ? -3.379  3.906   1.343   1.00 15.50 ? 403  ILE A CB  1 
ATOM   172  C CG1 . ILE A 1 35  ? -2.406  2.877   1.977   1.00 14.26 ? 403  ILE A CG1 1 
ATOM   173  C CG2 . ILE A 1 35  ? -3.504  3.600   -0.186  1.00 14.32 ? 403  ILE A CG2 1 
ATOM   174  C CD1 . ILE A 1 35  ? -0.960  3.041   1.468   1.00 18.97 ? 403  ILE A CD1 1 
ATOM   175  N N   . ILE A 1 36  ? -3.550  7.333   0.202   1.00 12.82 ? 404  ILE A N   1 
ATOM   176  C CA  . ILE A 1 36  ? -4.383  8.549   -0.089  1.00 14.68 ? 404  ILE A CA  1 
ATOM   177  C C   . ILE A 1 36  ? -5.377  8.365   -1.219  1.00 14.96 ? 404  ILE A C   1 
ATOM   178  O O   . ILE A 1 36  ? -6.597  8.361   -0.984  1.00 13.90 ? 404  ILE A O   1 
ATOM   179  C CB  . ILE A 1 36  ? -3.489  9.833   -0.251  1.00 14.11 ? 404  ILE A CB  1 
ATOM   180  C CG1 . ILE A 1 36  ? -2.751  10.068  1.090   1.00 15.51 ? 404  ILE A CG1 1 
ATOM   181  C CG2 . ILE A 1 36  ? -4.322  11.110  -0.656  1.00 12.38 ? 404  ILE A CG2 1 
ATOM   182  C CD1 . ILE A 1 36  ? -1.480  10.998  1.041   1.00 16.21 ? 404  ILE A CD1 1 
ATOM   183  N N   . ARG A 1 37  ? -4.873  8.168   -2.444  1.00 15.21 ? 405  ARG A N   1 
ATOM   184  C CA  . ARG A 1 37  ? -5.726  8.043   -3.612  1.00 13.55 ? 405  ARG A CA  1 
ATOM   185  C C   . ARG A 1 37  ? -4.937  7.415   -4.723  1.00 14.74 ? 405  ARG A C   1 
ATOM   186  O O   . ARG A 1 37  ? -3.724  7.496   -4.722  1.00 16.43 ? 405  ARG A O   1 
ATOM   187  C CB  . ARG A 1 37  ? -6.165  9.465   -4.120  1.00 14.19 ? 405  ARG A CB  1 
ATOM   188  C CG  . ARG A 1 37  ? -5.021  10.355  -4.543  1.00 13.29 ? 405  ARG A CG  1 
ATOM   189  C CD  . ARG A 1 37  ? -5.482  11.811  -4.789  1.00 13.18 ? 405  ARG A CD  1 
ATOM   190  N NE  . ARG A 1 37  ? -6.721  11.894  -5.528  1.00 15.27 ? 405  ARG A NE  1 
ATOM   191  C CZ  . ARG A 1 37  ? -7.357  13.039  -5.762  1.00 17.46 ? 405  ARG A CZ  1 
ATOM   192  N NH1 . ARG A 1 37  ? -6.856  14.155  -5.291  1.00 16.10 ? 405  ARG A NH1 1 
ATOM   193  N NH2 . ARG A 1 37  ? -8.475  13.064  -6.468  1.00 19.81 ? 405  ARG A NH2 1 
ATOM   194  N N   . ALA A 1 38  ? -5.625  6.846   -5.710  1.00 15.31 ? 406  ALA A N   1 
ATOM   195  C CA  . ALA A 1 38  ? -4.990  6.472   -6.981  1.00 18.05 ? 406  ALA A CA  1 
ATOM   196  C C   . ALA A 1 38  ? -5.635  7.216   -8.120  1.00 18.11 ? 406  ALA A C   1 
ATOM   197  O O   . ALA A 1 38  ? -6.826  7.549   -8.076  1.00 20.58 ? 406  ALA A O   1 
ATOM   198  C CB  . ALA A 1 38  ? -5.044  4.962   -7.240  1.00 17.70 ? 406  ALA A CB  1 
ATOM   199  N N   . LYS A 1 39  ? -4.864  7.511   -9.161  1.00 18.77 ? 407  LYS A N   1 
ATOM   200  C CA  . LYS A 1 39  ? -5.463  8.196   -10.307 1.00 17.23 ? 407  LYS A CA  1 
ATOM   201  C C   . LYS A 1 39  ? -5.229  7.372   -11.570 1.00 17.67 ? 407  LYS A C   1 
ATOM   202  O O   . LYS A 1 39  ? -4.133  6.818   -11.766 1.00 17.42 ? 407  LYS A O   1 
ATOM   203  C CB  . LYS A 1 39  ? -4.892  9.625   -10.511 1.00 18.87 ? 407  LYS A CB  1 
ATOM   204  C CG  . LYS A 1 39  ? -5.232  10.633  -9.438  1.00 19.04 ? 407  LYS A CG  1 
ATOM   205  C CD  . LYS A 1 39  ? -4.986  12.052  -10.012 1.00 26.43 ? 407  LYS A CD  1 
ATOM   206  C CE  . LYS A 1 39  ? -5.341  13.114  -8.978  1.00 28.24 ? 407  LYS A CE  1 
ATOM   207  N NZ  . LYS A 1 39  ? -4.827  14.439  -9.374  1.00 28.53 ? 407  LYS A NZ  1 
ATOM   208  N N   . GLY A 1 40  ? -6.264  7.245   -12.379 1.00 16.21 ? 408  GLY A N   1 
ATOM   209  C CA  . GLY A 1 40  ? -6.170  6.589   -13.713 1.00 17.19 ? 408  GLY A CA  1 
ATOM   210  C C   . GLY A 1 40  ? -5.787  5.104   -13.717 1.00 18.04 ? 408  GLY A C   1 
ATOM   211  O O   . GLY A 1 40  ? -5.021  4.680   -14.564 1.00 17.35 ? 408  GLY A O   1 
ATOM   212  N N   . LEU A 1 41  ? -6.303  4.315   -12.764 1.00 17.77 ? 409  LEU A N   1 
ATOM   213  C CA  . LEU A 1 41  ? -6.009  2.872   -12.727 1.00 18.30 ? 409  LEU A CA  1 
ATOM   214  C C   . LEU A 1 41  ? -6.476  2.198   -14.038 1.00 19.84 ? 409  LEU A C   1 
ATOM   215  O O   . LEU A 1 41  ? -7.546  2.486   -14.562 1.00 20.97 ? 409  LEU A O   1 
ATOM   216  C CB  . LEU A 1 41  ? -6.695  2.206   -11.530 1.00 18.49 ? 409  LEU A CB  1 
ATOM   217  C CG  . LEU A 1 41  ? -6.232  2.686   -10.143 1.00 18.25 ? 409  LEU A CG  1 
ATOM   218  C CD1 . LEU A 1 41  ? -7.068  2.080   -9.005  1.00 15.98 ? 409  LEU A CD1 1 
ATOM   219  C CD2 . LEU A 1 41  ? -4.736  2.424   -9.967  1.00 18.26 ? 409  LEU A CD2 1 
ATOM   220  N N   . LYS A 1 42  ? -5.656  1.311   -14.568 1.00 20.47 ? 410  LYS A N   1 
ATOM   221  C CA  . LYS A 1 42  ? -5.917  0.750   -15.893 1.00 20.96 ? 410  LYS A CA  1 
ATOM   222  C C   . LYS A 1 42  ? -7.038  -0.297  -15.857 1.00 20.14 ? 410  LYS A C   1 
ATOM   223  O O   . LYS A 1 42  ? -6.954  -1.209  -15.026 1.00 20.04 ? 410  LYS A O   1 
ATOM   224  C CB  . LYS A 1 42  ? -4.656  0.043   -16.366 1.00 20.90 ? 410  LYS A CB  1 
ATOM   225  C CG  . LYS A 1 42  ? -4.715  -0.457  -17.815 1.00 23.17 ? 410  LYS A CG  1 
ATOM   226  C CD  . LYS A 1 42  ? -3.492  -1.332  -18.084 1.00 27.26 ? 410  LYS A CD  1 
ATOM   227  C CE  . LYS A 1 42  ? -3.549  -1.980  -19.466 1.00 29.37 ? 410  LYS A CE  1 
ATOM   228  N NZ  . LYS A 1 42  ? -3.464  -0.960  -20.551 1.00 32.42 ? 410  LYS A NZ  1 
ATOM   229  N N   . PRO A 1 43  ? -8.041  -0.191  -16.780 1.00 21.01 ? 411  PRO A N   1 
ATOM   230  C CA  . PRO A 1 43  ? -9.061  -1.222  -17.029 1.00 21.46 ? 411  PRO A CA  1 
ATOM   231  C C   . PRO A 1 43  ? -8.334  -2.546  -17.371 1.00 20.82 ? 411  PRO A C   1 
ATOM   232  O O   . PRO A 1 43  ? -7.449  -2.545  -18.224 1.00 19.37 ? 411  PRO A O   1 
ATOM   233  C CB  . PRO A 1 43  ? -9.788  -0.708  -18.265 1.00 22.28 ? 411  PRO A CB  1 
ATOM   234  C CG  . PRO A 1 43  ? -9.477  0.779   -18.344 1.00 22.61 ? 411  PRO A CG  1 
ATOM   235  C CD  . PRO A 1 43  ? -8.199  0.990   -17.665 1.00 21.85 ? 411  PRO A CD  1 
ATOM   236  N N   . MET A 1 44  ? -8.662  -3.643  -16.710 1.00 19.97 ? 412  MET A N   1 
ATOM   237  C CA  . MET A 1 44  ? -8.022  -4.922  -17.053 1.00 21.70 ? 412  MET A CA  1 
ATOM   238  C C   . MET A 1 44  ? -9.088  -5.943  -17.535 1.00 19.87 ? 412  MET A C   1 
ATOM   239  O O   . MET A 1 44  ? -9.688  -5.792  -18.617 1.00 20.12 ? 412  MET A O   1 
ATOM   240  C CB  . MET A 1 44  ? -7.199  -5.514  -15.872 1.00 21.86 ? 412  MET A CB  1 
ATOM   241  C CG  . MET A 1 44  ? -6.161  -4.613  -15.083 1.00 29.83 ? 412  MET A CG  1 
ATOM   242  S SD  . MET A 1 44  ? -4.491  -4.547  -15.772 1.00 36.35 ? 412  MET A SD  1 
ATOM   243  C CE  . MET A 1 44  ? -4.037  -6.261  -15.800 1.00 32.46 ? 412  MET A CE  1 
ATOM   244  N N   . ASP A 1 45  ? -9.299  -6.992  -16.731 1.00 17.34 ? 413  ASP A N   1 
ATOM   245  C CA  . ASP A 1 45  ? -10.265 -8.032  -17.042 1.00 16.19 ? 413  ASP A CA  1 
ATOM   246  C C   . ASP A 1 45  ? -11.618 -7.416  -17.402 1.00 16.30 ? 413  ASP A C   1 
ATOM   247  O O   . ASP A 1 45  ? -12.161 -6.623  -16.628 1.00 14.75 ? 413  ASP A O   1 
ATOM   248  C CB  . ASP A 1 45  ? -10.434 -8.912  -15.813 1.00 16.71 ? 413  ASP A CB  1 
ATOM   249  C CG  . ASP A 1 45  ? -11.103 -10.222 -16.101 1.00 15.23 ? 413  ASP A CG  1 
ATOM   250  O OD1 . ASP A 1 45  ? -11.596 -10.466 -17.227 1.00 16.33 ? 413  ASP A OD1 1 
ATOM   251  O OD2 . ASP A 1 45  ? -11.097 -11.068 -15.173 1.00 19.80 ? 413  ASP A OD2 1 
ATOM   252  N N   . SER A 1 46  ? -12.164 -7.777  -18.563 1.00 14.20 ? 414  SER A N   1 
ATOM   253  C CA  . SER A 1 46  ? -13.535 -7.356  -18.892 1.00 14.60 ? 414  SER A CA  1 
ATOM   254  C C   . SER A 1 46  ? -14.573 -7.881  -17.903 1.00 14.55 ? 414  SER A C   1 
ATOM   255  O O   . SER A 1 46  ? -15.627 -7.257  -17.725 1.00 14.04 ? 414  SER A O   1 
ATOM   256  C CB  . SER A 1 46  ? -13.911 -7.852  -20.275 1.00 12.36 ? 414  SER A CB  1 
ATOM   257  O OG  . SER A 1 46  ? -13.199 -7.110  -21.241 1.00 11.76 ? 414  SER A OG  1 
ATOM   258  N N   . ASN A 1 47  ? -14.295 -9.049  -17.326 1.00 14.11 ? 415  ASN A N   1 
ATOM   259  C CA  . ASN A 1 47  ? -15.210 -9.664  -16.347 1.00 15.35 ? 415  ASN A CA  1 
ATOM   260  C C   . ASN A 1 47  ? -14.894 -9.262  -14.913 1.00 15.80 ? 415  ASN A C   1 
ATOM   261  O O   . ASN A 1 47  ? -15.496 -9.832  -13.980 1.00 18.05 ? 415  ASN A O   1 
ATOM   262  C CB  . ASN A 1 47  ? -15.147 -11.187 -16.424 1.00 13.80 ? 415  ASN A CB  1 
ATOM   263  C CG  . ASN A 1 47  ? -15.826 -11.739 -17.642 1.00 14.11 ? 415  ASN A CG  1 
ATOM   264  O OD1 . ASN A 1 47  ? -16.435 -11.011 -18.397 1.00 17.82 ? 415  ASN A OD1 1 
ATOM   265  N ND2 . ASN A 1 47  ? -15.682 -13.031 -17.874 1.00 15.17 ? 415  ASN A ND2 1 
ATOM   266  N N   . GLY A 1 48  ? -13.937 -8.354  -14.745 1.00 15.91 ? 416  GLY A N   1 
ATOM   267  C CA  . GLY A 1 48  ? -13.516 -7.884  -13.413 1.00 16.98 ? 416  GLY A CA  1 
ATOM   268  C C   . GLY A 1 48  ? -14.350 -6.691  -12.997 1.00 17.99 ? 416  GLY A C   1 
ATOM   269  O O   . GLY A 1 48  ? -15.216 -6.226  -13.756 1.00 18.33 ? 416  GLY A O   1 
ATOM   270  N N   . LEU A 1 49  ? -14.089 -6.168  -11.806 1.00 16.43 ? 417  LEU A N   1 
ATOM   271  C CA  . LEU A 1 49  ? -14.805 -4.975  -11.382 1.00 17.78 ? 417  LEU A CA  1 
ATOM   272  C C   . LEU A 1 49  ? -13.789 -3.877  -11.113 1.00 17.61 ? 417  LEU A C   1 
ATOM   273  O O   . LEU A 1 49  ? -12.688 -4.163  -10.718 1.00 16.67 ? 417  LEU A O   1 
ATOM   274  C CB  . LEU A 1 49  ? -15.571 -5.271  -10.084 1.00 17.41 ? 417  LEU A CB  1 
ATOM   275  C CG  . LEU A 1 49  ? -16.754 -6.250  -10.224 1.00 17.63 ? 417  LEU A CG  1 
ATOM   276  C CD1 . LEU A 1 49  ? -17.317 -6.459  -8.868  1.00 19.73 ? 417  LEU A CD1 1 
ATOM   277  C CD2 . LEU A 1 49  ? -17.822 -5.642  -11.141 1.00 21.89 ? 417  LEU A CD2 1 
ATOM   278  N N   . ALA A 1 50  ? -14.177 -2.621  -11.280 1.00 17.66 ? 418  ALA A N   1 
ATOM   279  C CA  . ALA A 1 50  ? -13.283 -1.526  -10.924 1.00 18.58 ? 418  ALA A CA  1 
ATOM   280  C C   . ALA A 1 50  ? -13.471 -1.202  -9.409  1.00 18.23 ? 418  ALA A C   1 
ATOM   281  O O   . ALA A 1 50  ? -13.922 -0.112  -9.042  1.00 19.15 ? 418  ALA A O   1 
ATOM   282  C CB  . ALA A 1 50  ? -13.603 -0.238  -11.851 1.00 19.04 ? 418  ALA A CB  1 
ATOM   283  N N   . ASP A 1 51  ? -13.141 -2.186  -8.555  1.00 17.82 ? 419  ASP A N   1 
ATOM   284  C CA  . ASP A 1 51  ? -13.336 -2.095  -7.096  1.00 18.26 ? 419  ASP A CA  1 
ATOM   285  C C   . ASP A 1 51  ? -11.970 -2.205  -6.441  1.00 17.61 ? 419  ASP A C   1 
ATOM   286  O O   . ASP A 1 51  ? -11.541 -3.319  -6.042  1.00 18.11 ? 419  ASP A O   1 
ATOM   287  C CB  . ASP A 1 51  ? -14.208 -3.262  -6.595  1.00 18.30 ? 419  ASP A CB  1 
ATOM   288  C CG  . ASP A 1 51  ? -15.692 -3.088  -6.876  1.00 18.27 ? 419  ASP A CG  1 
ATOM   289  O OD1 . ASP A 1 51  ? -16.137 -2.224  -7.687  1.00 17.89 ? 419  ASP A OD1 1 
ATOM   290  O OD2 . ASP A 1 51  ? -16.458 -3.829  -6.213  1.00 21.16 ? 419  ASP A OD2 1 
ATOM   291  N N   . PRO A 1 52  ? -11.242 -1.061  -6.373  1.00 18.28 ? 420  PRO A N   1 
ATOM   292  C CA  . PRO A 1 52  ? -9.832  -1.112  -6.013  1.00 17.01 ? 420  PRO A CA  1 
ATOM   293  C C   . PRO A 1 52  ? -9.586  -1.118  -4.504  1.00 17.46 ? 420  PRO A C   1 
ATOM   294  O O   . PRO A 1 52  ? -10.287 -0.443  -3.744  1.00 16.07 ? 420  PRO A O   1 
ATOM   295  C CB  . PRO A 1 52  ? -9.248  0.164   -6.677  1.00 16.73 ? 420  PRO A CB  1 
ATOM   296  C CG  . PRO A 1 52  ? -10.379 1.164   -6.671  1.00 17.68 ? 420  PRO A CG  1 
ATOM   297  C CD  . PRO A 1 52  ? -11.696 0.305   -6.755  1.00 16.22 ? 420  PRO A CD  1 
ATOM   298  N N   . TYR A 1 53  ? -8.556  -1.857  -4.087  1.00 17.65 ? 421  TYR A N   1 
ATOM   299  C CA  . TYR A 1 53  ? -8.057  -1.737  -2.715  1.00 17.15 ? 421  TYR A CA  1 
ATOM   300  C C   . TYR A 1 53  ? -6.511  -1.773  -2.754  1.00 16.91 ? 421  TYR A C   1 
ATOM   301  O O   . TYR A 1 53  ? -5.921  -2.129  -3.781  1.00 17.10 ? 421  TYR A O   1 
ATOM   302  C CB  . TYR A 1 53  ? -8.607  -2.870  -1.819  1.00 16.44 ? 421  TYR A CB  1 
ATOM   303  C CG  . TYR A 1 53  ? -8.281  -4.289  -2.289  1.00 19.21 ? 421  TYR A CG  1 
ATOM   304  C CD1 . TYR A 1 53  ? -8.957  -4.867  -3.349  1.00 19.76 ? 421  TYR A CD1 1 
ATOM   305  C CD2 . TYR A 1 53  ? -7.356  -5.092  -1.585  1.00 23.00 ? 421  TYR A CD2 1 
ATOM   306  C CE1 . TYR A 1 53  ? -8.674  -6.205  -3.763  1.00 20.07 ? 421  TYR A CE1 1 
ATOM   307  C CE2 . TYR A 1 53  ? -7.082  -6.412  -1.998  1.00 19.10 ? 421  TYR A CE2 1 
ATOM   308  C CZ  . TYR A 1 53  ? -7.749  -6.942  -3.061  1.00 19.03 ? 421  TYR A CZ  1 
ATOM   309  O OH  . TYR A 1 53  ? -7.466  -8.245  -3.452  1.00 22.27 ? 421  TYR A OH  1 
ATOM   310  N N   . VAL A 1 54  ? -5.876  -1.386  -1.643  1.00 16.89 ? 422  VAL A N   1 
ATOM   311  C CA  . VAL A 1 54  ? -4.423  -1.462  -1.522  1.00 16.77 ? 422  VAL A CA  1 
ATOM   312  C C   . VAL A 1 54  ? -4.025  -2.503  -0.473  1.00 17.77 ? 422  VAL A C   1 
ATOM   313  O O   . VAL A 1 54  ? -4.623  -2.575  0.630   1.00 17.77 ? 422  VAL A O   1 
ATOM   314  C CB  . VAL A 1 54  ? -3.803  -0.101  -1.261  1.00 16.76 ? 422  VAL A CB  1 
ATOM   315  C CG1 . VAL A 1 54  ? -2.264  -0.206  -1.012  1.00 17.30 ? 422  VAL A CG1 1 
ATOM   316  C CG2 . VAL A 1 54  ? -4.091  0.862   -2.436  1.00 16.42 ? 422  VAL A CG2 1 
ATOM   317  N N   . LYS A 1 55  ? -3.029  -3.320  -0.822  1.00 17.51 ? 423  LYS A N   1 
ATOM   318  C CA  . LYS A 1 55  ? -2.410  -4.285  0.093   1.00 18.42 ? 423  LYS A CA  1 
ATOM   319  C C   . LYS A 1 55  ? -0.990  -3.860  0.446   1.00 18.62 ? 423  LYS A C   1 
ATOM   320  O O   . LYS A 1 55  ? -0.185  -3.533  -0.438  1.00 17.34 ? 423  LYS A O   1 
ATOM   321  C CB  . LYS A 1 55  ? -2.373  -5.702  -0.510  1.00 18.85 ? 423  LYS A CB  1 
ATOM   322  C CG  . LYS A 1 55  ? -3.744  -6.308  -0.605  1.00 22.76 ? 423  LYS A CG  1 
ATOM   323  C CD  . LYS A 1 55  ? -3.729  -7.628  -1.377  1.00 30.19 ? 423  LYS A CD  1 
ATOM   324  C CE  . LYS A 1 55  ? -3.391  -7.347  -2.858  1.00 33.98 ? 423  LYS A CE  1 
ATOM   325  N NZ  . LYS A 1 55  ? -3.841  -8.284  -3.959  1.00 34.11 ? 423  LYS A NZ  1 
ATOM   326  N N   . LEU A 1 56  ? -0.688  -3.837  1.740   1.00 15.82 ? 424  LEU A N   1 
ATOM   327  C CA  . LEU A 1 56  ? 0.662   -3.536  2.196   1.00 15.88 ? 424  LEU A CA  1 
ATOM   328  C C   . LEU A 1 56  ? 1.277   -4.869  2.652   1.00 16.82 ? 424  LEU A C   1 
ATOM   329  O O   . LEU A 1 56  ? 0.589   -5.640  3.270   1.00 15.80 ? 424  LEU A O   1 
ATOM   330  C CB  . LEU A 1 56  ? 0.587   -2.605  3.407   1.00 13.98 ? 424  LEU A CB  1 
ATOM   331  C CG  . LEU A 1 56  ? 0.658   -1.105  3.225   1.00 20.36 ? 424  LEU A CG  1 
ATOM   332  C CD1 . LEU A 1 56  ? 0.302   -0.599  1.863   1.00 16.50 ? 424  LEU A CD1 1 
ATOM   333  C CD2 . LEU A 1 56  ? 0.096   -0.331  4.425   1.00 17.64 ? 424  LEU A CD2 1 
ATOM   334  N N   . HIS A 1 57  ? 2.546   -5.103  2.319   1.00 17.16 ? 425  HIS A N   1 
ATOM   335  C CA  A HIS A 1 57  ? 3.282   -6.312  2.778   0.55 18.77 ? 425  HIS A CA  1 
ATOM   336  C CA  B HIS A 1 57  ? 3.287   -6.305  2.755   0.45 18.65 ? 425  HIS A CA  1 
ATOM   337  C C   . HIS A 1 57  ? 4.699   -5.849  3.167   1.00 19.65 ? 425  HIS A C   1 
ATOM   338  O O   . HIS A 1 57  ? 5.442   -5.246  2.364   1.00 20.71 ? 425  HIS A O   1 
ATOM   339  C CB  A HIS A 1 57  ? 3.445   -7.408  1.692   0.55 17.97 ? 425  HIS A CB  1 
ATOM   340  C CB  B HIS A 1 57  ? 3.360   -7.291  1.571   0.45 17.83 ? 425  HIS A CB  1 
ATOM   341  C CG  A HIS A 1 57  ? 2.176   -7.977  1.114   0.55 20.15 ? 425  HIS A CG  1 
ATOM   342  C CG  B HIS A 1 57  ? 3.638   -8.716  1.940   0.45 18.84 ? 425  HIS A CG  1 
ATOM   343  N ND1 A HIS A 1 57  ? 1.474   -9.012  1.705   0.55 24.93 ? 425  HIS A ND1 1 
ATOM   344  N ND1 B HIS A 1 57  ? 4.276   -9.089  3.104   0.45 20.62 ? 425  HIS A ND1 1 
ATOM   345  C CD2 A HIS A 1 57  ? 1.589   -7.779  -0.095  0.55 21.69 ? 425  HIS A CD2 1 
ATOM   346  C CD2 B HIS A 1 57  ? 3.399   -9.866  1.263   0.45 21.59 ? 425  HIS A CD2 1 
ATOM   347  C CE1 A HIS A 1 57  ? 0.458   -9.355  0.925   0.55 24.82 ? 425  HIS A CE1 1 
ATOM   348  C CE1 B HIS A 1 57  ? 4.399   -10.405 3.140   0.45 20.71 ? 425  HIS A CE1 1 
ATOM   349  N NE2 A HIS A 1 57  ? 0.516   -8.632  -0.179  0.55 23.27 ? 425  HIS A NE2 1 
ATOM   350  N NE2 B HIS A 1 57  ? 3.881   -10.903 2.033   0.45 20.75 ? 425  HIS A NE2 1 
ATOM   351  N N   . LEU A 1 58  ? 5.100   -6.103  4.401   1.00 21.82 ? 426  LEU A N   1 
ATOM   352  C CA  . LEU A 1 58  ? 6.504   -5.877  4.785   1.00 23.40 ? 426  LEU A CA  1 
ATOM   353  C C   . LEU A 1 58  ? 7.335   -7.137  4.511   1.00 23.97 ? 426  LEU A C   1 
ATOM   354  O O   . LEU A 1 58  ? 7.025   -8.217  5.035   1.00 23.81 ? 426  LEU A O   1 
ATOM   355  C CB  . LEU A 1 58  ? 6.601   -5.522  6.276   1.00 25.10 ? 426  LEU A CB  1 
ATOM   356  C CG  . LEU A 1 58  ? 6.776   -4.089  6.817   1.00 27.48 ? 426  LEU A CG  1 
ATOM   357  C CD1 . LEU A 1 58  ? 6.512   -2.960  5.878   1.00 29.05 ? 426  LEU A CD1 1 
ATOM   358  C CD2 . LEU A 1 58  ? 5.953   -3.972  8.081   1.00 31.19 ? 426  LEU A CD2 1 
ATOM   359  N N   . LEU A 1 59  ? 8.410   -6.978  3.738   1.00 24.10 ? 427  LEU A N   1 
ATOM   360  C CA  . LEU A 1 59  ? 9.280   -8.099  3.394   1.00 25.97 ? 427  LEU A CA  1 
ATOM   361  C C   . LEU A 1 59  ? 10.743  -7.906  3.825   1.00 27.29 ? 427  LEU A C   1 
ATOM   362  O O   . LEU A 1 59  ? 11.293  -6.830  3.664   1.00 26.83 ? 427  LEU A O   1 
ATOM   363  C CB  . LEU A 1 59  ? 9.266   -8.307  1.889   1.00 26.29 ? 427  LEU A CB  1 
ATOM   364  C CG  . LEU A 1 59  ? 7.909   -8.326  1.211   1.00 28.64 ? 427  LEU A CG  1 
ATOM   365  C CD1 . LEU A 1 59  ? 8.091   -7.859  -0.227  1.00 31.47 ? 427  LEU A CD1 1 
ATOM   366  C CD2 . LEU A 1 59  ? 7.426   -9.767  1.341   1.00 30.62 ? 427  LEU A CD2 1 
ATOM   367  N N   . PRO A 1 60  ? 11.391  -8.975  4.312   1.00 29.10 ? 428  PRO A N   1 
ATOM   368  C CA  . PRO A 1 60  ? 10.786  -10.284 4.531   1.00 30.72 ? 428  PRO A CA  1 
ATOM   369  C C   . PRO A 1 60  ? 9.965   -10.224 5.817   1.00 32.87 ? 428  PRO A C   1 
ATOM   370  O O   . PRO A 1 60  ? 10.115  -9.283  6.607   1.00 33.14 ? 428  PRO A O   1 
ATOM   371  C CB  . PRO A 1 60  ? 11.994  -11.204 4.680   1.00 30.68 ? 428  PRO A CB  1 
ATOM   372  C CG  . PRO A 1 60  ? 13.075  -10.310 5.224   1.00 30.04 ? 428  PRO A CG  1 
ATOM   373  C CD  . PRO A 1 60  ? 12.820  -8.941  4.678   1.00 28.57 ? 428  PRO A CD  1 
ATOM   374  N N   . GLY A 1 61  ? 9.077   -11.184 6.019   1.00 34.90 ? 429  GLY A N   1 
ATOM   375  C CA  . GLY A 1 61  ? 8.157   -11.084 7.146   1.00 37.45 ? 429  GLY A CA  1 
ATOM   376  C C   . GLY A 1 61  ? 7.301   -12.302 7.362   1.00 38.84 ? 429  GLY A C   1 
ATOM   377  O O   . GLY A 1 61  ? 7.050   -13.057 6.432   1.00 38.28 ? 429  GLY A O   1 
ATOM   378  N N   . ALA A 1 62  ? 6.822   -12.422 8.606   1.00 41.21 ? 430  ALA A N   1 
ATOM   379  C CA  . ALA A 1 62  ? 6.206   -13.624 9.222   1.00 42.13 ? 430  ALA A CA  1 
ATOM   380  C C   . ALA A 1 62  ? 5.116   -14.261 8.409   1.00 42.96 ? 430  ALA A C   1 
ATOM   381  O O   . ALA A 1 62  ? 4.672   -15.364 8.735   1.00 43.55 ? 430  ALA A O   1 
ATOM   382  C CB  . ALA A 1 62  ? 5.628   -13.251 10.583  1.00 42.26 ? 430  ALA A CB  1 
ATOM   383  N N   . SER A 1 63  ? 4.730   -13.560 7.336   1.00 43.76 ? 431  SER A N   1 
ATOM   384  C CA  . SER A 1 63  ? 3.436   -13.668 6.665   1.00 44.06 ? 431  SER A CA  1 
ATOM   385  C C   . SER A 1 63  ? 2.437   -13.092 7.690   1.00 43.99 ? 431  SER A C   1 
ATOM   386  O O   . SER A 1 63  ? 2.884   -12.425 8.653   1.00 43.42 ? 431  SER A O   1 
ATOM   387  C CB  . SER A 1 63  ? 3.130   -15.088 6.194   1.00 44.70 ? 431  SER A CB  1 
ATOM   388  O OG  . SER A 1 63  ? 2.172   -15.097 5.142   1.00 46.40 ? 431  SER A OG  1 
ATOM   389  N N   . LYS A 1 64  ? 1.135   -13.343 7.481   1.00 42.94 ? 432  LYS A N   1 
ATOM   390  C CA  . LYS A 1 64  ? 0.017   -12.810 8.306   1.00 41.35 ? 432  LYS A CA  1 
ATOM   391  C C   . LYS A 1 64  ? 0.214   -11.409 8.835   1.00 39.68 ? 432  LYS A C   1 
ATOM   392  O O   . LYS A 1 64  ? -0.266  -10.420 8.234   1.00 39.66 ? 432  LYS A O   1 
ATOM   393  C CB  . LYS A 1 64  ? -0.315  -13.709 9.486   1.00 41.15 ? 432  LYS A CB  1 
ATOM   394  C CG  . LYS A 1 64  ? -0.518  -15.127 9.118   1.00 41.92 ? 432  LYS A CG  1 
ATOM   395  C CD  . LYS A 1 64  ? -1.504  -15.799 10.012  1.00 42.63 ? 432  LYS A CD  1 
ATOM   396  C CE  . LYS A 1 64  ? -1.606  -17.246 9.583   1.00 44.04 ? 432  LYS A CE  1 
ATOM   397  N NZ  . LYS A 1 64  ? -2.533  -18.041 10.435  1.00 47.25 ? 432  LYS A NZ  1 
ATOM   398  N N   . SER A 1 65  ? 0.920   -11.358 9.966   1.00 36.37 ? 433  SER A N   1 
ATOM   399  C CA  . SER A 1 65  ? 1.220   -10.147 10.682  1.00 33.65 ? 433  SER A CA  1 
ATOM   400  C C   . SER A 1 65  ? 1.879   -9.065  9.821   1.00 30.77 ? 433  SER A C   1 
ATOM   401  O O   . SER A 1 65  ? 1.842   -7.896  10.182  1.00 31.65 ? 433  SER A O   1 
ATOM   402  C CB  . SER A 1 65  ? 2.088   -10.479 11.926  1.00 34.50 ? 433  SER A CB  1 
ATOM   403  O OG  . SER A 1 65  ? 2.760   -11.762 11.830  1.00 33.92 ? 433  SER A OG  1 
ATOM   404  N N   . ASN A 1 66  ? 2.434   -9.421  8.658   1.00 27.65 ? 434  ASN A N   1 
ATOM   405  C CA  A ASN A 1 66  ? 3.141   -8.442  7.826   0.57 26.10 ? 434  ASN A CA  1 
ATOM   406  C CA  B ASN A 1 66  ? 3.144   -8.410  7.864   0.43 25.37 ? 434  ASN A CA  1 
ATOM   407  C C   . ASN A 1 66  ? 2.289   -7.750  6.760   1.00 23.96 ? 434  ASN A C   1 
ATOM   408  O O   . ASN A 1 66  ? 2.771   -6.867  6.049   1.00 23.32 ? 434  ASN A O   1 
ATOM   409  C CB  A ASN A 1 66  ? 4.411   -9.054  7.210   0.57 25.90 ? 434  ASN A CB  1 
ATOM   410  C CB  B ASN A 1 66  ? 4.496   -8.944  7.329   0.43 24.62 ? 434  ASN A CB  1 
ATOM   411  C CG  A ASN A 1 66  ? 4.127   -10.043 6.093   0.57 28.44 ? 434  ASN A CG  1 
ATOM   412  C CG  B ASN A 1 66  ? 5.617   -8.964  8.409   0.43 24.03 ? 434  ASN A CG  1 
ATOM   413  O OD1 A ASN A 1 66  ? 3.025   -10.101 5.547   0.57 29.62 ? 434  ASN A OD1 1 
ATOM   414  O OD1 B ASN A 1 66  ? 6.463   -8.060  8.486   0.43 20.21 ? 434  ASN A OD1 1 
ATOM   415  N ND2 A ASN A 1 66  ? 5.148   -10.841 5.736   0.57 30.54 ? 434  ASN A ND2 1 
ATOM   416  N ND2 B ASN A 1 66  ? 5.634   -10.013 9.217   0.43 20.61 ? 434  ASN A ND2 1 
ATOM   417  N N   . LYS A 1 67  ? 1.028   -8.163  6.672   1.00 23.00 ? 435  LYS A N   1 
ATOM   418  C CA  . LYS A 1 67  ? 0.040   -7.691  5.683   1.00 22.92 ? 435  LYS A CA  1 
ATOM   419  C C   . LYS A 1 67  ? -1.071  -6.847  6.298   1.00 21.58 ? 435  LYS A C   1 
ATOM   420  O O   . LYS A 1 67  ? -1.616  -7.166  7.381   1.00 20.08 ? 435  LYS A O   1 
ATOM   421  C CB  . LYS A 1 67  ? -0.577  -8.867  4.914   1.00 23.21 ? 435  LYS A CB  1 
ATOM   422  C CG  . LYS A 1 67  ? 0.502   -9.709  4.197   1.00 30.57 ? 435  LYS A CG  1 
ATOM   423  C CD  . LYS A 1 67  ? 0.413   -11.277 4.349   1.00 35.13 ? 435  LYS A CD  1 
ATOM   424  C CE  . LYS A 1 67  ? -0.121  -11.961 3.113   1.00 37.43 ? 435  LYS A CE  1 
ATOM   425  N NZ  . LYS A 1 67  ? 0.689   -13.207 2.748   1.00 43.87 ? 435  LYS A NZ  1 
ATOM   426  N N   . LEU A 1 68  ? -1.354  -5.735  5.634   1.00 18.62 ? 436  LEU A N   1 
ATOM   427  C CA  . LEU A 1 68  ? -2.499  -4.884  5.972   1.00 18.38 ? 436  LEU A CA  1 
ATOM   428  C C   . LEU A 1 68  ? -3.234  -4.557  4.643   1.00 20.15 ? 436  LEU A C   1 
ATOM   429  O O   . LEU A 1 68  ? -2.624  -4.618  3.564   1.00 20.44 ? 436  LEU A O   1 
ATOM   430  C CB  . LEU A 1 68  ? -2.045  -3.611  6.720   1.00 19.09 ? 436  LEU A CB  1 
ATOM   431  C CG  . LEU A 1 68  ? -1.475  -3.808  8.150   1.00 19.77 ? 436  LEU A CG  1 
ATOM   432  C CD1 . LEU A 1 68  ? -0.769  -2.494  8.639   1.00 19.03 ? 436  LEU A CD1 1 
ATOM   433  C CD2 . LEU A 1 68  ? -2.537  -4.312  9.209   1.00 21.49 ? 436  LEU A CD2 1 
ATOM   434  N N   . ARG A 1 69  ? -4.527  -4.209  4.718   1.00 18.97 ? 437  ARG A N   1 
ATOM   435  C CA  . ARG A 1 69  ? -5.334  -3.977  3.505   1.00 20.82 ? 437  ARG A CA  1 
ATOM   436  C C   . ARG A 1 69  ? -6.241  -2.768  3.775   1.00 18.39 ? 437  ARG A C   1 
ATOM   437  O O   . ARG A 1 69  ? -6.841  -2.684  4.869   1.00 17.25 ? 437  ARG A O   1 
ATOM   438  C CB  . ARG A 1 69  ? -6.190  -5.241  3.253   1.00 20.72 ? 437  ARG A CB  1 
ATOM   439  C CG  . ARG A 1 69  ? -7.289  -5.121  2.236   1.00 26.60 ? 437  ARG A CG  1 
ATOM   440  C CD  . ARG A 1 69  ? -8.071  -6.439  2.080   1.00 23.84 ? 437  ARG A CD  1 
ATOM   441  N NE  . ARG A 1 69  ? -9.172  -6.267  1.115   1.00 29.55 ? 437  ARG A NE  1 
ATOM   442  C CZ  . ARG A 1 69  ? -9.592  -7.220  0.284   1.00 32.49 ? 437  ARG A CZ  1 
ATOM   443  N NH1 . ARG A 1 69  ? -9.024  -8.420  0.305   1.00 35.86 ? 437  ARG A NH1 1 
ATOM   444  N NH2 . ARG A 1 69  ? -10.556 -6.976  -0.596  1.00 34.71 ? 437  ARG A NH2 1 
ATOM   445  N N   . THR A 1 70  ? -6.397  -1.890  2.789   1.00 15.14 ? 438  THR A N   1 
ATOM   446  C CA  . THR A 1 70  ? -7.362  -0.820  2.899   1.00 14.34 ? 438  THR A CA  1 
ATOM   447  C C   . THR A 1 70  ? -8.788  -1.343  2.650   1.00 15.51 ? 438  THR A C   1 
ATOM   448  O O   . THR A 1 70  ? -8.953  -2.443  2.197   1.00 15.50 ? 438  THR A O   1 
ATOM   449  C CB  . THR A 1 70  ? -7.130  0.307   1.814   1.00 13.19 ? 438  THR A CB  1 
ATOM   450  O OG1 . THR A 1 70  ? -7.320  -0.257  0.500   1.00 13.11 ? 438  THR A OG1 1 
ATOM   451  C CG2 . THR A 1 70  ? -5.700  0.892   1.864   1.00 11.50 ? 438  THR A CG2 1 
ATOM   452  N N   . LYS A 1 71  ? -9.791  -0.496  2.881   1.00 15.57 ? 439  LYS A N   1 
ATOM   453  C CA  A LYS A 1 71  ? -11.156 -0.667  2.364   0.62 16.78 ? 439  LYS A CA  1 
ATOM   454  C CA  B LYS A 1 71  ? -11.128 -0.807  2.380   0.38 16.34 ? 439  LYS A CA  1 
ATOM   455  C C   . LYS A 1 71  ? -11.137 -0.892  0.844   1.00 17.06 ? 439  LYS A C   1 
ATOM   456  O O   . LYS A 1 71  ? -10.274 -0.340  0.138   1.00 17.14 ? 439  LYS A O   1 
ATOM   457  C CB  A LYS A 1 71  ? -11.921 0.633   2.639   0.62 17.26 ? 439  LYS A CB  1 
ATOM   458  C CB  B LYS A 1 71  ? -12.167 0.205   2.867   0.38 16.55 ? 439  LYS A CB  1 
ATOM   459  C CG  A LYS A 1 71  ? -13.446 0.524   2.652   0.62 16.96 ? 439  LYS A CG  1 
ATOM   460  C CG  B LYS A 1 71  ? -12.078 1.584   2.200   0.38 15.79 ? 439  LYS A CG  1 
ATOM   461  C CD  A LYS A 1 71  ? -14.117 1.868   3.073   0.62 17.88 ? 439  LYS A CD  1 
ATOM   462  C CD  B LYS A 1 71  ? -11.370 2.583   3.081   0.38 18.67 ? 439  LYS A CD  1 
ATOM   463  C CE  A LYS A 1 71  ? -15.575 1.631   3.479   0.62 18.59 ? 439  LYS A CE  1 
ATOM   464  C CE  B LYS A 1 71  ? -11.362 3.987   2.519   0.38 13.55 ? 439  LYS A CE  1 
ATOM   465  N NZ  A LYS A 1 71  ? -16.464 2.857   3.580   0.62 15.67 ? 439  LYS A NZ  1 
ATOM   466  N NZ  B LYS A 1 71  ? -12.148 4.916   3.387   0.38 21.26 ? 439  LYS A NZ  1 
ATOM   467  N N   . THR A 1 72  ? -12.090 -1.656  0.334   1.00 17.88 ? 440  THR A N   1 
ATOM   468  C CA  . THR A 1 72  ? -12.344 -1.774  -1.092  1.00 17.24 ? 440  THR A CA  1 
ATOM   469  C C   . THR A 1 72  ? -13.384 -0.744  -1.471  1.00 17.73 ? 440  THR A C   1 
ATOM   470  O O   . THR A 1 72  ? -14.452 -0.647  -0.851  1.00 17.38 ? 440  THR A O   1 
ATOM   471  C CB  . THR A 1 72  ? -12.771 -3.153  -1.463  1.00 17.40 ? 440  THR A CB  1 
ATOM   472  O OG1 . THR A 1 72  ? -11.775 -4.075  -1.016  1.00 17.86 ? 440  THR A OG1 1 
ATOM   473  C CG2 . THR A 1 72  ? -13.030 -3.304  -2.982  1.00 19.00 ? 440  THR A CG2 1 
ATOM   474  N N   . LEU A 1 73  ? -13.064 0.037   -2.504  1.00 18.39 ? 441  LEU A N   1 
ATOM   475  C CA  . LEU A 1 73  ? -13.975 1.062   -2.988  1.00 19.13 ? 441  LEU A CA  1 
ATOM   476  C C   . LEU A 1 73  ? -14.733 0.471   -4.202  1.00 20.06 ? 441  LEU A C   1 
ATOM   477  O O   . LEU A 1 73  ? -14.397 -0.627  -4.625  1.00 18.48 ? 441  LEU A O   1 
ATOM   478  C CB  . LEU A 1 73  ? -13.156 2.267   -3.370  1.00 19.22 ? 441  LEU A CB  1 
ATOM   479  C CG  . LEU A 1 73  ? -12.952 3.300   -2.221  1.00 23.17 ? 441  LEU A CG  1 
ATOM   480  C CD1 . LEU A 1 73  ? -12.823 2.742   -0.855  1.00 23.79 ? 441  LEU A CD1 1 
ATOM   481  C CD2 . LEU A 1 73  ? -11.804 4.220   -2.519  1.00 22.87 ? 441  LEU A CD2 1 
ATOM   482  N N   . ARG A 1 74  ? -15.735 1.183   -4.724  1.00 20.08 ? 442  ARG A N   1 
ATOM   483  C CA  . ARG A 1 74  ? -16.674 0.591   -5.674  1.00 20.64 ? 442  ARG A CA  1 
ATOM   484  C C   . ARG A 1 74  ? -16.798 1.421   -6.928  1.00 20.46 ? 442  ARG A C   1 
ATOM   485  O O   . ARG A 1 74  ? -17.108 2.632   -6.889  1.00 18.82 ? 442  ARG A O   1 
ATOM   486  C CB  . ARG A 1 74  ? -18.069 0.467   -5.048  1.00 21.98 ? 442  ARG A CB  1 
ATOM   487  C CG  . ARG A 1 74  ? -18.109 -0.304  -3.703  1.00 23.21 ? 442  ARG A CG  1 
ATOM   488  C CD  . ARG A 1 74  ? -19.574 -0.582  -3.327  1.00 24.09 ? 442  ARG A CD  1 
ATOM   489  N NE  . ARG A 1 74  ? -20.185 -1.487  -4.313  1.00 32.63 ? 442  ARG A NE  1 
ATOM   490  C CZ  . ARG A 1 74  ? -21.463 -1.874  -4.311  1.00 35.13 ? 442  ARG A CZ  1 
ATOM   491  N NH1 . ARG A 1 74  ? -22.304 -1.470  -3.345  1.00 29.23 ? 442  ARG A NH1 1 
ATOM   492  N NH2 . ARG A 1 74  ? -21.892 -2.686  -5.285  1.00 34.25 ? 442  ARG A NH2 1 
ATOM   493  N N   . ASN A 1 75  ? -16.567 0.740   -8.039  1.00 20.86 ? 443  ASN A N   1 
ATOM   494  C CA  . ASN A 1 75  ? -16.788 1.293   -9.384  1.00 21.80 ? 443  ASN A CA  1 
ATOM   495  C C   . ASN A 1 75  ? -16.044 2.591   -9.598  1.00 20.98 ? 443  ASN A C   1 
ATOM   496  O O   . ASN A 1 75  ? -16.637 3.616   -9.930  1.00 19.49 ? 443  ASN A O   1 
ATOM   497  C CB  . ASN A 1 75  ? -18.283 1.459   -9.678  1.00 22.40 ? 443  ASN A CB  1 
ATOM   498  C CG  . ASN A 1 75  ? -18.568 1.593   -11.166 1.00 24.19 ? 443  ASN A CG  1 
ATOM   499  O OD1 . ASN A 1 75  ? -17.835 1.063   -11.991 1.00 25.90 ? 443  ASN A OD1 1 
ATOM   500  N ND2 . ASN A 1 75  ? -19.632 2.309   -11.505 1.00 24.95 ? 443  ASN A ND2 1 
ATOM   501  N N   . THR A 1 76  ? -14.729 2.530   -9.417  1.00 21.48 ? 444  THR A N   1 
ATOM   502  C CA  . THR A 1 76  ? -13.885 3.710   -9.608  1.00 21.30 ? 444  THR A CA  1 
ATOM   503  C C   . THR A 1 76  ? -12.489 3.347   -10.123 1.00 21.42 ? 444  THR A C   1 
ATOM   504  O O   . THR A 1 76  ? -11.885 2.373   -9.672  1.00 20.90 ? 444  THR A O   1 
ATOM   505  C CB  . THR A 1 76  ? -13.779 4.581   -8.310  1.00 22.32 ? 444  THR A CB  1 
ATOM   506  O OG1 . THR A 1 76  ? -13.064 5.780   -8.597  1.00 20.54 ? 444  THR A OG1 1 
ATOM   507  C CG2 . THR A 1 76  ? -13.093 3.824   -7.136  1.00 19.16 ? 444  THR A CG2 1 
ATOM   508  N N   . ARG A 1 77  ? -11.986 4.175   -11.040 1.00 20.53 ? 445  ARG A N   1 
ATOM   509  C CA  . ARG A 1 77  ? -10.606 4.105   -11.499 1.00 21.71 ? 445  ARG A CA  1 
ATOM   510  C C   . ARG A 1 77  ? -9.752  5.214   -10.869 1.00 19.53 ? 445  ARG A C   1 
ATOM   511  O O   . ARG A 1 77  ? -8.516  5.270   -11.084 1.00 19.39 ? 445  ARG A O   1 
ATOM   512  C CB  . ARG A 1 77  ? -10.575 4.132   -13.039 1.00 21.93 ? 445  ARG A CB  1 
ATOM   513  C CG  . ARG A 1 77  ? -11.096 2.820   -13.620 1.00 24.77 ? 445  ARG A CG  1 
ATOM   514  C CD  . ARG A 1 77  ? -11.335 2.855   -15.130 1.00 27.04 ? 445  ARG A CD  1 
ATOM   515  N NE  . ARG A 1 77  ? -11.838 1.553   -15.611 1.00 38.86 ? 445  ARG A NE  1 
ATOM   516  C CZ  . ARG A 1 77  ? -13.120 1.163   -15.591 1.00 44.50 ? 445  ARG A CZ  1 
ATOM   517  N NH1 . ARG A 1 77  ? -14.082 1.952   -15.079 1.00 47.81 ? 445  ARG A NH1 1 
ATOM   518  N NH2 . ARG A 1 77  ? -13.458 -0.032  -16.077 1.00 45.74 ? 445  ARG A NH2 1 
ATOM   519  N N   . ASN A 1 78  ? -10.417 6.103   -10.100 1.00 17.68 ? 446  ASN A N   1 
ATOM   520  C CA  . ASN A 1 78  ? -9.754  7.152   -9.349  1.00 15.13 ? 446  ASN A CA  1 
ATOM   521  C C   . ASN A 1 78  ? -10.126 7.125   -7.873  1.00 16.05 ? 446  ASN A C   1 
ATOM   522  O O   . ASN A 1 78  ? -10.652 8.108   -7.334  1.00 14.55 ? 446  ASN A O   1 
ATOM   523  C CB  . ASN A 1 78  ? -10.019 8.556   -9.986  1.00 16.25 ? 446  ASN A CB  1 
ATOM   524  C CG  . ASN A 1 78  ? -9.557  8.617   -11.403 1.00 15.12 ? 446  ASN A CG  1 
ATOM   525  O OD1 . ASN A 1 78  ? -8.382  8.852   -11.669 1.00 16.45 ? 446  ASN A OD1 1 
ATOM   526  N ND2 . ASN A 1 78  ? -10.471 8.361   -12.340 1.00 19.65 ? 446  ASN A ND2 1 
ATOM   527  N N   . PRO A 1 79  ? -9.811  6.003   -7.156  1.00 14.01 ? 447  PRO A N   1 
ATOM   528  C CA  . PRO A 1 79  ? -10.263 5.895   -5.776  1.00 14.97 ? 447  PRO A CA  1 
ATOM   529  C C   . PRO A 1 79  ? -9.581  6.850   -4.774  1.00 15.75 ? 447  PRO A C   1 
ATOM   530  O O   . PRO A 1 79  ? -8.401  7.106   -4.881  1.00 15.91 ? 447  PRO A O   1 
ATOM   531  C CB  . PRO A 1 79  ? -9.842  4.483   -5.385  1.00 15.71 ? 447  PRO A CB  1 
ATOM   532  C CG  . PRO A 1 79  ? -8.597  4.211   -6.314  1.00 13.39 ? 447  PRO A CG  1 
ATOM   533  C CD  . PRO A 1 79  ? -9.031  4.822   -7.599  1.00 15.80 ? 447  PRO A CD  1 
ATOM   534  N N   . VAL A 1 80  ? -10.344 7.350   -3.810  1.00 15.92 ? 448  VAL A N   1 
ATOM   535  C CA  . VAL A 1 80  ? -9.756  8.053   -2.675  1.00 15.94 ? 448  VAL A CA  1 
ATOM   536  C C   . VAL A 1 80  ? -10.045 7.237   -1.409  1.00 15.52 ? 448  VAL A C   1 
ATOM   537  O O   . VAL A 1 80  ? -11.157 7.319   -0.836  1.00 15.76 ? 448  VAL A O   1 
ATOM   538  C CB  . VAL A 1 80  ? -10.334 9.463   -2.541  1.00 14.99 ? 448  VAL A CB  1 
ATOM   539  C CG1 . VAL A 1 80  ? -9.809  10.149  -1.254  1.00 13.01 ? 448  VAL A CG1 1 
ATOM   540  C CG2 . VAL A 1 80  ? -10.024 10.381  -3.803  1.00 16.50 ? 448  VAL A CG2 1 
ATOM   541  N N   . TRP A 1 81  ? -9.057  6.450   -0.964  1.00 15.42 ? 449  TRP A N   1 
ATOM   542  C CA  . TRP A 1 81  ? -9.146  5.743   0.285   1.00 14.06 ? 449  TRP A CA  1 
ATOM   543  C C   . TRP A 1 81  ? -8.979  6.661   1.504   1.00 15.68 ? 449  TRP A C   1 
ATOM   544  O O   . TRP A 1 81  ? -9.716  6.536   2.498   1.00 15.64 ? 449  TRP A O   1 
ATOM   545  C CB  . TRP A 1 81  ? -8.087  4.633   0.341   1.00 14.50 ? 449  TRP A CB  1 
ATOM   546  C CG  . TRP A 1 81  ? -8.262  3.589   -0.694  1.00 14.65 ? 449  TRP A CG  1 
ATOM   547  C CD1 . TRP A 1 81  ? -9.156  2.551   -0.670  1.00 16.96 ? 449  TRP A CD1 1 
ATOM   548  C CD2 . TRP A 1 81  ? -7.540  3.474   -1.928  1.00 16.53 ? 449  TRP A CD2 1 
ATOM   549  N NE1 . TRP A 1 81  ? -9.006  1.759   -1.814  1.00 15.17 ? 449  TRP A NE1 1 
ATOM   550  C CE2 . TRP A 1 81  ? -8.018  2.306   -2.592  1.00 17.16 ? 449  TRP A CE2 1 
ATOM   551  C CE3 . TRP A 1 81  ? -6.501  4.219   -2.520  1.00 18.56 ? 449  TRP A CE3 1 
ATOM   552  C CZ2 . TRP A 1 81  ? -7.483  1.858   -3.808  1.00 15.66 ? 449  TRP A CZ2 1 
ATOM   553  C CZ3 . TRP A 1 81  ? -5.991  3.784   -3.743  1.00 18.01 ? 449  TRP A CZ3 1 
ATOM   554  C CH2 . TRP A 1 81  ? -6.468  2.628   -4.364  1.00 14.28 ? 449  TRP A CH2 1 
ATOM   555  N N   . ASN A 1 82  ? -8.018  7.594   1.451   1.00 16.01 ? 450  ASN A N   1 
ATOM   556  C CA  . ASN A 1 82  ? -7.807  8.509   2.571   1.00 16.39 ? 450  ASN A CA  1 
ATOM   557  C C   . ASN A 1 82  ? -7.786  7.732   3.895   1.00 16.32 ? 450  ASN A C   1 
ATOM   558  O O   . ASN A 1 82  ? -8.536  8.022   4.832   1.00 15.39 ? 450  ASN A O   1 
ATOM   559  C CB  A ASN A 1 82  ? -9.034  9.510   2.673   0.85 15.49 ? 450  ASN A CB  1 
ATOM   560  C CB  B ASN A 1 82  ? -8.701  9.725   2.387   0.16 16.11 ? 450  ASN A CB  1 
ATOM   561  C CG  A ASN A 1 82  ? -8.842  10.723  3.669   0.85 16.16 ? 450  ASN A CG  1 
ATOM   562  C CG  B ASN A 1 82  ? -8.165  10.676  1.289   0.16 16.06 ? 450  ASN A CG  1 
ATOM   563  O OD1 A ASN A 1 82  ? -7.731  11.054  4.090   0.85 11.61 ? 450  ASN A OD1 1 
ATOM   564  O OD1 B ASN A 1 82  ? -6.974  10.676  0.971   0.16 15.99 ? 450  ASN A OD1 1 
ATOM   565  N ND2 A ASN A 1 82  ? -9.959  11.456  3.928   0.85 14.97 ? 450  ASN A ND2 1 
ATOM   566  N ND2 B ASN A 1 82  ? -9.048  11.484  0.735   0.16 16.76 ? 450  ASN A ND2 1 
ATOM   567  N N   . GLU A 1 83  ? -6.889  6.742   3.963   1.00 15.38 ? 451  GLU A N   1 
ATOM   568  C CA  . GLU A 1 83  ? -6.866  5.785   5.061   1.00 17.38 ? 451  GLU A CA  1 
ATOM   569  C C   . GLU A 1 83  ? -5.457  5.494   5.599   1.00 17.05 ? 451  GLU A C   1 
ATOM   570  O O   . GLU A 1 83  ? -4.520  5.212   4.827   1.00 17.22 ? 451  GLU A O   1 
ATOM   571  C CB  . GLU A 1 83  ? -7.485  4.430   4.622   1.00 16.38 ? 451  GLU A CB  1 
ATOM   572  C CG  . GLU A 1 83  ? -7.521  3.415   5.765   1.00 19.10 ? 451  GLU A CG  1 
ATOM   573  C CD  . GLU A 1 83  ? -8.198  2.101   5.410   1.00 18.96 ? 451  GLU A CD  1 
ATOM   574  O OE1 . GLU A 1 83  ? -8.809  2.035   4.316   1.00 19.43 ? 451  GLU A OE1 1 
ATOM   575  O OE2 . GLU A 1 83  ? -8.161  1.186   6.264   1.00 19.94 ? 451  GLU A OE2 1 
ATOM   576  N N   . THR A 1 84  ? -5.310  5.557   6.928   1.00 17.36 ? 452  THR A N   1 
ATOM   577  C CA  . THR A 1 84  ? -4.051  5.248   7.565   1.00 15.38 ? 452  THR A CA  1 
ATOM   578  C C   . THR A 1 84  ? -3.988  3.821   8.127   1.00 15.51 ? 452  THR A C   1 
ATOM   579  O O   . THR A 1 84  ? -4.727  3.463   9.045   1.00 16.19 ? 452  THR A O   1 
ATOM   580  C CB  . THR A 1 84  ? -3.687  6.307   8.664   1.00 16.00 ? 452  THR A CB  1 
ATOM   581  O OG1 . THR A 1 84  ? -3.626  7.606   8.027   1.00 16.95 ? 452  THR A OG1 1 
ATOM   582  C CG2 . THR A 1 84  ? -2.342  6.010   9.308   1.00 14.84 ? 452  THR A CG2 1 
ATOM   583  N N   . LEU A 1 85  ? -3.062  3.045   7.608   1.00 14.23 ? 453  LEU A N   1 
ATOM   584  C CA  . LEU A 1 85  ? -2.808  1.682   8.121   1.00 15.14 ? 453  LEU A CA  1 
ATOM   585  C C   . LEU A 1 85  ? -1.552  1.767   8.982   1.00 17.50 ? 453  LEU A C   1 
ATOM   586  O O   . LEU A 1 85  ? -0.567  2.390   8.560   1.00 18.03 ? 453  LEU A O   1 
ATOM   587  C CB  . LEU A 1 85  ? -2.594  0.745   6.897   1.00 14.91 ? 453  LEU A CB  1 
ATOM   588  C CG  . LEU A 1 85  ? -3.864  0.497   6.037   1.00 17.26 ? 453  LEU A CG  1 
ATOM   589  C CD1 . LEU A 1 85  ? -3.510  -0.210  4.719   1.00 16.47 ? 453  LEU A CD1 1 
ATOM   590  C CD2 . LEU A 1 85  ? -4.968  -0.307  6.815   1.00 17.96 ? 453  LEU A CD2 1 
ATOM   591  N N   . GLN A 1 86  ? -1.550  1.135   10.172  1.00 17.97 ? 454  GLN A N   1 
ATOM   592  C CA  . GLN A 1 86  ? -0.472  1.318   11.157  1.00 16.42 ? 454  GLN A CA  1 
ATOM   593  C C   . GLN A 1 86  ? 0.141   -0.030  11.460  1.00 17.24 ? 454  GLN A C   1 
ATOM   594  O O   . GLN A 1 86  ? -0.548  -0.967  11.830  1.00 15.92 ? 454  GLN A O   1 
ATOM   595  C CB  . GLN A 1 86  ? -1.013  1.941   12.458  1.00 16.22 ? 454  GLN A CB  1 
ATOM   596  C CG  . GLN A 1 86  ? -1.535  3.411   12.197  1.00 16.11 ? 454  GLN A CG  1 
ATOM   597  C CD  . GLN A 1 86  ? -1.925  4.122   13.437  1.00 22.32 ? 454  GLN A CD  1 
ATOM   598  O OE1 . GLN A 1 86  ? -1.169  4.168   14.385  1.00 25.03 ? 454  GLN A OE1 1 
ATOM   599  N NE2 . GLN A 1 86  ? -3.114  4.712   13.438  1.00 29.90 ? 454  GLN A NE2 1 
ATOM   600  N N   . TYR A 1 87  ? 1.436   -0.134  11.257  1.00 16.88 ? 455  TYR A N   1 
ATOM   601  C CA  . TYR A 1 87  ? 2.106   -1.340  11.746  1.00 17.26 ? 455  TYR A CA  1 
ATOM   602  C C   . TYR A 1 87  ? 2.693   -0.972  13.099  1.00 17.55 ? 455  TYR A C   1 
ATOM   603  O O   . TYR A 1 87  ? 3.632   -0.196  13.177  1.00 20.23 ? 455  TYR A O   1 
ATOM   604  C CB  . TYR A 1 87  ? 3.236   -1.676  10.808  1.00 17.08 ? 455  TYR A CB  1 
ATOM   605  C CG  . TYR A 1 87  ? 2.883   -2.338  9.493   1.00 17.10 ? 455  TYR A CG  1 
ATOM   606  C CD1 . TYR A 1 87  ? 2.605   -3.692  9.450   1.00 17.03 ? 455  TYR A CD1 1 
ATOM   607  C CD2 . TYR A 1 87  ? 2.937   -1.615  8.281   1.00 15.37 ? 455  TYR A CD2 1 
ATOM   608  C CE1 . TYR A 1 87  ? 2.339   -4.348  8.230   1.00 17.02 ? 455  TYR A CE1 1 
ATOM   609  C CE2 . TYR A 1 87  ? 2.688   -2.253  7.044   1.00 16.27 ? 455  TYR A CE2 1 
ATOM   610  C CZ  . TYR A 1 87  ? 2.400   -3.634  7.039   1.00 16.92 ? 455  TYR A CZ  1 
ATOM   611  O OH  . TYR A 1 87  ? 2.128   -4.344  5.867   1.00 16.39 ? 455  TYR A OH  1 
ATOM   612  N N   . HIS A 1 88  ? 2.143   -1.520  14.157  1.00 18.66 ? 456  HIS A N   1 
ATOM   613  C CA  . HIS A 1 88  ? 2.748   -1.422  15.505  1.00 18.99 ? 456  HIS A CA  1 
ATOM   614  C C   . HIS A 1 88  ? 3.854   -2.429  15.789  1.00 19.64 ? 456  HIS A C   1 
ATOM   615  O O   . HIS A 1 88  ? 3.972   -3.415  15.087  1.00 20.22 ? 456  HIS A O   1 
ATOM   616  C CB  . HIS A 1 88  ? 1.638   -1.571  16.520  1.00 20.15 ? 456  HIS A CB  1 
ATOM   617  C CG  . HIS A 1 88  ? 0.797   -0.341  16.614  1.00 21.38 ? 456  HIS A CG  1 
ATOM   618  N ND1 . HIS A 1 88  ? -0.420  -0.216  15.980  1.00 26.27 ? 456  HIS A ND1 1 
ATOM   619  C CD2 . HIS A 1 88  ? 1.033   0.849   17.218  1.00 23.27 ? 456  HIS A CD2 1 
ATOM   620  C CE1 . HIS A 1 88  ? -0.913  0.990   16.214  1.00 24.18 ? 456  HIS A CE1 1 
ATOM   621  N NE2 . HIS A 1 88  ? -0.050  1.657   16.966  1.00 26.27 ? 456  HIS A NE2 1 
ATOM   622  N N   . GLY A 1 89  ? 4.708   -2.177  16.792  1.00 18.51 ? 457  GLY A N   1 
ATOM   623  C CA  . GLY A 1 89  ? 5.839   -3.095  17.070  1.00 16.14 ? 457  GLY A CA  1 
ATOM   624  C C   . GLY A 1 89  ? 6.911   -3.046  15.992  1.00 17.73 ? 457  GLY A C   1 
ATOM   625  O O   . GLY A 1 89  ? 7.655   -4.001  15.800  1.00 18.28 ? 457  GLY A O   1 
ATOM   626  N N   . ILE A 1 90  ? 6.978   -1.954  15.240  1.00 16.62 ? 458  ILE A N   1 
ATOM   627  C CA  . ILE A 1 90  ? 8.071   -1.825  14.261  1.00 17.96 ? 458  ILE A CA  1 
ATOM   628  C C   . ILE A 1 90  ? 9.232   -1.087  14.912  1.00 18.43 ? 458  ILE A C   1 
ATOM   629  O O   . ILE A 1 90  ? 9.063   0.042   15.384  1.00 18.79 ? 458  ILE A O   1 
ATOM   630  C CB  . ILE A 1 90  ? 7.618   -1.068  12.965  1.00 18.99 ? 458  ILE A CB  1 
ATOM   631  C CG1 . ILE A 1 90  ? 6.601   -1.888  12.171  1.00 19.76 ? 458  ILE A CG1 1 
ATOM   632  C CG2 . ILE A 1 90  ? 8.864   -0.662  12.071  1.00 17.57 ? 458  ILE A CG2 1 
ATOM   633  C CD1 . ILE A 1 90  ? 7.104   -3.266  11.629  1.00 21.43 ? 458  ILE A CD1 1 
ATOM   634  N N   . THR A 1 91  ? 10.412  -1.717  14.883  1.00 19.17 ? 459  THR A N   1 
ATOM   635  C CA  . THR A 1 91  ? 11.598  -1.222  15.568  1.00 19.93 ? 459  THR A CA  1 
ATOM   636  C C   . THR A 1 91  ? 12.641  -0.803  14.553  1.00 21.21 ? 459  THR A C   1 
ATOM   637  O O   . THR A 1 91  ? 12.460  -0.981  13.345  1.00 20.72 ? 459  THR A O   1 
ATOM   638  C CB  . THR A 1 91  ? 12.240  -2.325  16.445  1.00 20.16 ? 459  THR A CB  1 
ATOM   639  O OG1 . THR A 1 91  ? 12.842  -3.318  15.600  1.00 21.40 ? 459  THR A OG1 1 
ATOM   640  C CG2 . THR A 1 91  ? 11.223  -3.010  17.331  1.00 18.08 ? 459  THR A CG2 1 
ATOM   641  N N   . GLU A 1 92  ? 13.757  -0.266  15.046  1.00 22.74 ? 460  GLU A N   1 
ATOM   642  C CA  . GLU A 1 92  ? 14.866  0.114   14.182  1.00 24.44 ? 460  GLU A CA  1 
ATOM   643  C C   . GLU A 1 92  ? 15.424  -1.108  13.424  1.00 24.36 ? 460  GLU A C   1 
ATOM   644  O O   . GLU A 1 92  ? 15.836  -0.978  12.270  1.00 26.05 ? 460  GLU A O   1 
ATOM   645  C CB  . GLU A 1 92  ? 15.957  0.907   14.964  1.00 24.32 ? 460  GLU A CB  1 
ATOM   646  N N   . GLU A 1 93  ? 15.378  -2.294  14.030  1.00 24.58 ? 461  GLU A N   1 
ATOM   647  C CA  . GLU A 1 93  ? 15.794  -3.524  13.333  1.00 24.07 ? 461  GLU A CA  1 
ATOM   648  C C   . GLU A 1 93  ? 14.900  -3.810  12.116  1.00 24.05 ? 461  GLU A C   1 
ATOM   649  O O   . GLU A 1 93  ? 15.400  -4.174  11.047  1.00 24.79 ? 461  GLU A O   1 
ATOM   650  C CB  . GLU A 1 93  ? 15.853  -4.746  14.275  1.00 24.55 ? 461  GLU A CB  1 
ATOM   651  N N   . ASP A 1 94  ? 13.587  -3.608  12.261  1.00 22.30 ? 462  ASP A N   1 
ATOM   652  C CA  . ASP A 1 94  ? 12.659  -3.800  11.137  1.00 21.69 ? 462  ASP A CA  1 
ATOM   653  C C   . ASP A 1 94  ? 12.907  -2.774  10.035  1.00 21.39 ? 462  ASP A C   1 
ATOM   654  O O   . ASP A 1 94  ? 12.838  -3.099  8.847   1.00 19.54 ? 462  ASP A O   1 
ATOM   655  C CB  . ASP A 1 94  ? 11.218  -3.723  11.609  1.00 21.13 ? 462  ASP A CB  1 
ATOM   656  C CG  . ASP A 1 94  ? 10.936  -4.699  12.711  1.00 23.51 ? 462  ASP A CG  1 
ATOM   657  O OD1 . ASP A 1 94  ? 11.473  -5.845  12.679  1.00 25.57 ? 462  ASP A OD1 1 
ATOM   658  O OD2 . ASP A 1 94  ? 10.218  -4.322  13.634  1.00 20.05 ? 462  ASP A OD2 1 
ATOM   659  N N   . MET A 1 95  ? 13.205  -1.548  10.459  1.00 21.40 ? 463  MET A N   1 
ATOM   660  C CA  . MET A 1 95  ? 13.348  -0.412  9.534   1.00 22.91 ? 463  MET A CA  1 
ATOM   661  C C   . MET A 1 95  ? 14.591  -0.603  8.663   1.00 23.33 ? 463  MET A C   1 
ATOM   662  O O   . MET A 1 95  ? 14.598  -0.272  7.453   1.00 24.30 ? 463  MET A O   1 
ATOM   663  C CB  . MET A 1 95  ? 13.423  0.895   10.308  1.00 22.88 ? 463  MET A CB  1 
ATOM   664  C CG  . MET A 1 95  ? 12.102  1.349   10.937  1.00 24.70 ? 463  MET A CG  1 
ATOM   665  S SD  . MET A 1 95  ? 10.704  1.580   9.855   1.00 27.64 ? 463  MET A SD  1 
ATOM   666  C CE  . MET A 1 95  ? 11.113  3.085   8.943   1.00 26.62 ? 463  MET A CE  1 
ATOM   667  N N   . GLN A 1 96  ? 15.606  -1.207  9.267   1.00 23.56 ? 464  GLN A N   1 
ATOM   668  C CA  . GLN A 1 96  ? 16.836  -1.540  8.583   1.00 23.98 ? 464  GLN A CA  1 
ATOM   669  C C   . GLN A 1 96  ? 16.667  -2.696  7.607   1.00 24.55 ? 464  GLN A C   1 
ATOM   670  O O   . GLN A 1 96  ? 17.189  -2.634  6.500   1.00 25.81 ? 464  GLN A O   1 
ATOM   671  C CB  . GLN A 1 96  ? 17.952  -1.834  9.593   1.00 24.21 ? 464  GLN A CB  1 
ATOM   672  N N   . ARG A 1 97  ? 15.947  -3.742  8.011   1.00 24.19 ? 465  ARG A N   1 
ATOM   673  C CA  . ARG A 1 97  ? 15.828  -4.989  7.228   1.00 23.73 ? 465  ARG A CA  1 
ATOM   674  C C   . ARG A 1 97  ? 14.738  -5.011  6.138   1.00 22.64 ? 465  ARG A C   1 
ATOM   675  O O   . ARG A 1 97  ? 14.875  -5.732  5.139   1.00 21.19 ? 465  ARG A O   1 
ATOM   676  C CB  . ARG A 1 97  ? 15.585  -6.185  8.169   1.00 23.67 ? 465  ARG A CB  1 
ATOM   677  C CG  . ARG A 1 97  ? 16.789  -6.602  9.032   1.00 26.67 ? 465  ARG A CG  1 
ATOM   678  C CD  . ARG A 1 97  ? 16.393  -7.724  10.007  1.00 26.61 ? 465  ARG A CD  1 
ATOM   679  N NE  . ARG A 1 97  ? 17.377  -7.907  11.087  1.00 31.11 ? 465  ARG A NE  1 
ATOM   680  C CZ  . ARG A 1 97  ? 18.234  -8.913  11.174  1.00 32.37 ? 465  ARG A CZ  1 
ATOM   681  N NH1 . ARG A 1 97  ? 18.249  -9.850  10.236  1.00 35.06 ? 465  ARG A NH1 1 
ATOM   682  N NH2 . ARG A 1 97  ? 19.099  -8.982  12.202  1.00 34.65 ? 465  ARG A NH2 1 
ATOM   683  N N   . LYS A 1 98  ? 13.649  -4.246  6.332   1.00 21.44 ? 466  LYS A N   1 
ATOM   684  C CA  . LYS A 1 98  ? 12.415  -4.483  5.569   1.00 19.83 ? 466  LYS A CA  1 
ATOM   685  C C   . LYS A 1 98  ? 12.101  -3.510  4.424   1.00 19.62 ? 466  LYS A C   1 
ATOM   686  O O   . LYS A 1 98  ? 12.474  -2.327  4.413   1.00 19.03 ? 466  LYS A O   1 
ATOM   687  C CB  . LYS A 1 98  ? 11.199  -4.649  6.513   1.00 19.47 ? 466  LYS A CB  1 
ATOM   688  C CG  . LYS A 1 98  ? 11.317  -5.872  7.486   1.00 19.54 ? 466  LYS A CG  1 
ATOM   689  C CD  . LYS A 1 98  ? 10.170  -5.919  8.504   1.00 20.72 ? 466  LYS A CD  1 
ATOM   690  C CE  . LYS A 1 98  ? 10.313  -7.101  9.503   1.00 23.69 ? 466  LYS A CE  1 
ATOM   691  N NZ  . LYS A 1 98  ? 10.109  -8.435  8.891   1.00 28.87 ? 466  LYS A NZ  1 
ATOM   692  N N   . THR A 1 99  ? 11.418  -4.060  3.434   1.00 19.09 ? 467  THR A N   1 
ATOM   693  C CA  . THR A 1 99  ? 10.874  -3.282  2.345   1.00 19.27 ? 467  THR A CA  1 
ATOM   694  C C   . THR A 1 99  ? 9.354   -3.305  2.477   1.00 18.77 ? 467  THR A C   1 
ATOM   695  O O   . THR A 1 99  ? 8.781   -4.353  2.786   1.00 18.60 ? 467  THR A O   1 
ATOM   696  C CB  . THR A 1 99  ? 11.353  -3.843  1.012   1.00 19.39 ? 467  THR A CB  1 
ATOM   697  O OG1 . THR A 1 99  ? 12.768  -3.681  0.963   1.00 20.03 ? 467  THR A OG1 1 
ATOM   698  C CG2 . THR A 1 99  ? 10.725  -3.111  -0.190  1.00 19.12 ? 467  THR A CG2 1 
ATOM   699  N N   . LEU A 1 100 ? 8.732   -2.130  2.346   1.00 18.05 ? 468  LEU A N   1 
ATOM   700  C CA  . LEU A 1 100 ? 7.277   -2.048  2.257   1.00 17.80 ? 468  LEU A CA  1 
ATOM   701  C C   . LEU A 1 100 ? 6.853   -2.248  0.785   1.00 19.26 ? 468  LEU A C   1 
ATOM   702  O O   . LEU A 1 100 ? 7.218   -1.435  -0.081  1.00 20.00 ? 468  LEU A O   1 
ATOM   703  C CB  . LEU A 1 100 ? 6.798   -0.678  2.755   1.00 16.15 ? 468  LEU A CB  1 
ATOM   704  C CG  . LEU A 1 100 ? 5.312   -0.385  2.612   1.00 17.07 ? 468  LEU A CG  1 
ATOM   705  C CD1 . LEU A 1 100 ? 4.482   -1.363  3.403   1.00 18.65 ? 468  LEU A CD1 1 
ATOM   706  C CD2 . LEU A 1 100 ? 4.992   1.082   2.984   1.00 17.49 ? 468  LEU A CD2 1 
ATOM   707  N N   . ARG A 1 101 ? 6.078   -3.297  0.499   1.00 19.79 ? 469  ARG A N   1 
ATOM   708  C CA  . ARG A 1 101 ? 5.502   -3.443  -0.847  1.00 20.10 ? 469  ARG A CA  1 
ATOM   709  C C   . ARG A 1 101 ? 4.063   -2.996  -0.806  1.00 19.84 ? 469  ARG A C   1 
ATOM   710  O O   . ARG A 1 101 ? 3.294   -3.358  0.106   1.00 19.14 ? 469  ARG A O   1 
ATOM   711  C CB  A ARG A 1 101 ? 5.649   -4.874  -1.388  0.70 19.68 ? 469  ARG A CB  1 
ATOM   712  C CB  B ARG A 1 101 ? 5.639   -4.905  -1.315  0.30 19.80 ? 469  ARG A CB  1 
ATOM   713  C CG  A ARG A 1 101 ? 4.872   -5.151  -2.717  0.70 20.41 ? 469  ARG A CG  1 
ATOM   714  C CG  B ARG A 1 101 ? 4.835   -5.298  -2.571  0.30 20.19 ? 469  ARG A CG  1 
ATOM   715  C CD  A ARG A 1 101 ? 5.102   -6.590  -3.205  0.70 22.66 ? 469  ARG A CD  1 
ATOM   716  C CD  B ARG A 1 101 ? 5.340   -6.609  -3.222  0.30 20.39 ? 469  ARG A CD  1 
ATOM   717  N NE  A ARG A 1 101 ? 3.850   -7.296  -3.495  0.70 28.13 ? 469  ARG A NE  1 
ATOM   718  N NE  B ARG A 1 101 ? 5.285   -7.794  -2.355  0.30 20.32 ? 469  ARG A NE  1 
ATOM   719  C CZ  A ARG A 1 101 ? 3.253   -7.325  -4.677  0.70 30.38 ? 469  ARG A CZ  1 
ATOM   720  C CZ  B ARG A 1 101 ? 4.200   -8.539  -2.127  0.30 20.85 ? 469  ARG A CZ  1 
ATOM   721  N NH1 A ARG A 1 101 ? 3.782   -6.669  -5.687  0.70 34.98 ? 469  ARG A NH1 1 
ATOM   722  N NH1 B ARG A 1 101 ? 3.031   -8.236  -2.677  0.30 20.92 ? 469  ARG A NH1 1 
ATOM   723  N NH2 A ARG A 1 101 ? 2.119   -8.006  -4.864  0.70 32.98 ? 469  ARG A NH2 1 
ATOM   724  N NH2 B ARG A 1 101 ? 4.283   -9.601  -1.338  0.30 20.21 ? 469  ARG A NH2 1 
ATOM   725  N N   . ILE A 1 102 ? 3.722   -2.114  -1.742  1.00 19.29 ? 470  ILE A N   1 
ATOM   726  C CA  . ILE A 1 102 ? 2.373   -1.550  -1.823  1.00 19.39 ? 470  ILE A CA  1 
ATOM   727  C C   . ILE A 1 102 ? 1.757   -1.975  -3.145  1.00 19.17 ? 470  ILE A C   1 
ATOM   728  O O   . ILE A 1 102 ? 2.194   -1.535  -4.182  1.00 17.70 ? 470  ILE A O   1 
ATOM   729  C CB  . ILE A 1 102 ? 2.418   -0.016  -1.775  1.00 19.50 ? 470  ILE A CB  1 
ATOM   730  C CG1 . ILE A 1 102 ? 3.196   0.420   -0.506  1.00 21.18 ? 470  ILE A CG1 1 
ATOM   731  C CG2 . ILE A 1 102 ? 1.018   0.562   -1.662  1.00 19.50 ? 470  ILE A CG2 1 
ATOM   732  C CD1 . ILE A 1 102 ? 3.339   1.926   -0.342  1.00 19.84 ? 470  ILE A CD1 1 
ATOM   733  N N   . SER A 1 103 ? 0.734   -2.806  -3.095  1.00 19.28 ? 471  SER A N   1 
ATOM   734  C CA  . SER A 1 103 ? 0.118   -3.350  -4.320  1.00 19.12 ? 471  SER A CA  1 
ATOM   735  C C   . SER A 1 103 ? -1.345  -2.862  -4.429  1.00 18.83 ? 471  SER A C   1 
ATOM   736  O O   . SER A 1 103 ? -2.079  -2.820  -3.425  1.00 18.83 ? 471  SER A O   1 
ATOM   737  C CB  . SER A 1 103 ? 0.224   -4.883  -4.316  1.00 19.11 ? 471  SER A CB  1 
ATOM   738  O OG  . SER A 1 103 ? -0.420  -5.382  -3.156  1.00 27.07 ? 471  SER A OG  1 
ATOM   739  N N   . VAL A 1 104 ? -1.754  -2.487  -5.649  1.00 17.24 ? 472  VAL A N   1 
ATOM   740  C CA  . VAL A 1 104 ? -3.130  -2.064  -5.913  1.00 17.38 ? 472  VAL A CA  1 
ATOM   741  C C   . VAL A 1 104 ? -3.822  -3.175  -6.722  1.00 18.73 ? 472  VAL A C   1 
ATOM   742  O O   . VAL A 1 104 ? -3.278  -3.635  -7.756  1.00 17.00 ? 472  VAL A O   1 
ATOM   743  C CB  . VAL A 1 104 ? -3.160  -0.739  -6.691  1.00 16.74 ? 472  VAL A CB  1 
ATOM   744  C CG1 . VAL A 1 104 ? -4.584  -0.283  -6.910  1.00 17.61 ? 472  VAL A CG1 1 
ATOM   745  C CG2 . VAL A 1 104 ? -2.283  0.358   -5.951  1.00 17.60 ? 472  VAL A CG2 1 
ATOM   746  N N   . CYS A 1 105 ? -4.968  -3.646  -6.217  1.00 17.45 ? 473  CYS A N   1 
ATOM   747  C CA  . CYS A 1 105 ? -5.690  -4.754  -6.795  1.00 20.41 ? 473  CYS A CA  1 
ATOM   748  C C   . CYS A 1 105 ? -7.165  -4.319  -6.956  1.00 20.44 ? 473  CYS A C   1 
ATOM   749  O O   . CYS A 1 105 ? -7.642  -3.478  -6.207  1.00 20.26 ? 473  CYS A O   1 
ATOM   750  C CB  . CYS A 1 105 ? -5.641  -5.972  -5.868  1.00 20.08 ? 473  CYS A CB  1 
ATOM   751  S SG  . CYS A 1 105 ? -3.962  -6.679  -5.800  1.00 27.26 ? 473  CYS A SG  1 
ATOM   752  N N   . ASP A 1 106 ? -7.854  -4.916  -7.915  1.00 20.77 ? 474  ASP A N   1 
ATOM   753  C CA  . ASP A 1 106 ? -9.303  -4.777  -8.092  1.00 20.67 ? 474  ASP A CA  1 
ATOM   754  C C   . ASP A 1 106 ? -9.932  -6.098  -7.569  1.00 21.09 ? 474  ASP A C   1 
ATOM   755  O O   . ASP A 1 106 ? -9.524  -7.172  -7.978  1.00 22.43 ? 474  ASP A O   1 
ATOM   756  C CB  . ASP A 1 106 ? -9.627  -4.640  -9.586  1.00 20.23 ? 474  ASP A CB  1 
ATOM   757  C CG  . ASP A 1 106 ? -9.595  -3.199  -10.101 1.00 22.98 ? 474  ASP A CG  1 
ATOM   758  O OD1 . ASP A 1 106 ? -9.751  -2.232  -9.315  1.00 21.22 ? 474  ASP A OD1 1 
ATOM   759  O OD2 . ASP A 1 106 ? -9.435  -3.030  -11.326 1.00 21.93 ? 474  ASP A OD2 1 
ATOM   760  N N   . GLU A 1 107 ? -10.911 -6.007  -6.663  1.00 20.40 ? 475  GLU A N   1 
ATOM   761  C CA  . GLU A 1 107 ? -11.668 -7.183  -6.227  1.00 21.90 ? 475  GLU A CA  1 
ATOM   762  C C   . GLU A 1 107 ? -12.687 -7.571  -7.326  1.00 21.97 ? 475  GLU A C   1 
ATOM   763  O O   . GLU A 1 107 ? -13.408 -6.704  -7.837  1.00 21.89 ? 475  GLU A O   1 
ATOM   764  C CB  . GLU A 1 107 ? -12.387 -6.894  -4.880  1.00 21.00 ? 475  GLU A CB  1 
ATOM   765  C CG  . GLU A 1 107 ? -12.912 -8.118  -4.217  1.00 21.21 ? 475  GLU A CG  1 
ATOM   766  C CD  . GLU A 1 107 ? -13.407 -7.879  -2.785  1.00 23.36 ? 475  GLU A CD  1 
ATOM   767  O OE1 . GLU A 1 107 ? -13.146 -6.808  -2.211  1.00 25.48 ? 475  GLU A OE1 1 
ATOM   768  O OE2 . GLU A 1 107 ? -14.060 -8.783  -2.231  1.00 24.42 ? 475  GLU A OE2 1 
ATOM   769  N N   . ASP A 1 108 ? -12.753 -8.864  -7.660  1.00 20.59 ? 476  ASP A N   1 
ATOM   770  C CA  . ASP A 1 108 ? -13.726 -9.354  -8.642  1.00 20.94 ? 476  ASP A CA  1 
ATOM   771  C C   . ASP A 1 108 ? -15.114 -9.716  -8.056  1.00 20.27 ? 476  ASP A C   1 
ATOM   772  O O   . ASP A 1 108 ? -15.379 -9.518  -6.872  1.00 19.99 ? 476  ASP A O   1 
ATOM   773  C CB  . ASP A 1 108 ? -13.120 -10.477 -9.513  1.00 20.82 ? 476  ASP A CB  1 
ATOM   774  C CG  . ASP A 1 108 ? -13.034 -11.820 -8.785  1.00 23.33 ? 476  ASP A CG  1 
ATOM   775  O OD1 . ASP A 1 108 ? -13.641 -12.002 -7.696  1.00 20.15 ? 476  ASP A OD1 1 
ATOM   776  O OD2 . ASP A 1 108 ? -12.342 -12.746 -9.293  1.00 25.12 ? 476  ASP A OD2 1 
ATOM   777  N N   . LYS A 1 109 ? -15.973 -10.308 -8.872  1.00 20.43 ? 477  LYS A N   1 
ATOM   778  C CA  . LYS A 1 109 ? -17.335 -10.631 -8.462  1.00 20.44 ? 477  LYS A CA  1 
ATOM   779  C C   . LYS A 1 109 ? -17.422 -11.689 -7.352  1.00 21.14 ? 477  LYS A C   1 
ATOM   780  O O   . LYS A 1 109 ? -18.395 -11.735 -6.631  1.00 20.81 ? 477  LYS A O   1 
ATOM   781  C CB  . LYS A 1 109 ? -18.165 -11.037 -9.685  1.00 21.17 ? 477  LYS A CB  1 
ATOM   782  C CG  . LYS A 1 109 ? -18.317 -9.917  -10.699 1.00 22.91 ? 477  LYS A CG  1 
ATOM   783  C CD  . LYS A 1 109 ? -18.640 -10.494 -12.085 1.00 25.01 ? 477  LYS A CD  1 
ATOM   784  C CE  . LYS A 1 109 ? -18.720 -9.380  -13.171 1.00 29.06 ? 477  LYS A CE  1 
ATOM   785  N NZ  . LYS A 1 109 ? -19.201 -9.958  -14.484 1.00 29.58 ? 477  LYS A NZ  1 
ATOM   786  N N   . PHE A 1 110 ? -16.389 -12.506 -7.194  1.00 21.31 ? 478  PHE A N   1 
ATOM   787  C CA  . PHE A 1 110 ? -16.409 -13.569 -6.178  1.00 22.37 ? 478  PHE A CA  1 
ATOM   788  C C   . PHE A 1 110 ? -15.436 -13.402 -5.058  1.00 22.98 ? 478  PHE A C   1 
ATOM   789  O O   . PHE A 1 110 ? -15.206 -14.345 -4.266  1.00 22.98 ? 478  PHE A O   1 
ATOM   790  C CB  . PHE A 1 110 ? -16.194 -14.922 -6.841  1.00 23.87 ? 478  PHE A CB  1 
ATOM   791  C CG  . PHE A 1 110 ? -17.285 -15.290 -7.793  1.00 26.86 ? 478  PHE A CG  1 
ATOM   792  C CD1 . PHE A 1 110 ? -17.213 -14.912 -9.123  1.00 30.35 ? 478  PHE A CD1 1 
ATOM   793  C CD2 . PHE A 1 110 ? -18.399 -15.997 -7.354  1.00 29.81 ? 478  PHE A CD2 1 
ATOM   794  C CE1 . PHE A 1 110 ? -18.239 -15.253 -10.014 1.00 30.17 ? 478  PHE A CE1 1 
ATOM   795  C CE2 . PHE A 1 110 ? -19.420 -16.335 -8.239  1.00 30.12 ? 478  PHE A CE2 1 
ATOM   796  C CZ  . PHE A 1 110 ? -19.326 -15.965 -9.566  1.00 27.57 ? 478  PHE A CZ  1 
ATOM   797  N N   . GLY A 1 111 ? -14.877 -12.205 -4.967  1.00 23.12 ? 479  GLY A N   1 
ATOM   798  C CA  . GLY A 1 111 ? -13.984 -11.875 -3.875  1.00 25.10 ? 479  GLY A CA  1 
ATOM   799  C C   . GLY A 1 111 ? -12.493 -12.060 -4.183  1.00 25.91 ? 479  GLY A C   1 
ATOM   800  O O   . GLY A 1 111 ? -11.661 -11.710 -3.374  1.00 25.67 ? 479  GLY A O   1 
ATOM   801  N N   . HIS A 1 112 ? -12.174 -12.636 -5.334  1.00 27.35 ? 480  HIS A N   1 
ATOM   802  C CA  . HIS A 1 112 ? -10.793 -12.798 -5.736  1.00 28.59 ? 480  HIS A CA  1 
ATOM   803  C C   . HIS A 1 112 ? -10.332 -11.493 -6.339  1.00 28.39 ? 480  HIS A C   1 
ATOM   804  O O   . HIS A 1 112 ? -11.003 -10.483 -6.260  1.00 29.80 ? 480  HIS A O   1 
ATOM   805  C CB  . HIS A 1 112 ? -10.623 -13.958 -6.724  1.00 29.09 ? 480  HIS A CB  1 
ATOM   806  C CG  . HIS A 1 112 ? -11.293 -15.216 -6.281  1.00 32.32 ? 480  HIS A CG  1 
ATOM   807  N ND1 . HIS A 1 112 ? -12.111 -15.954 -7.112  1.00 33.91 ? 480  HIS A ND1 1 
ATOM   808  C CD2 . HIS A 1 112 ? -11.274 -15.859 -5.091  1.00 31.15 ? 480  HIS A CD2 1 
ATOM   809  C CE1 . HIS A 1 112 ? -12.559 -17.008 -6.449  1.00 34.93 ? 480  HIS A CE1 1 
ATOM   810  N NE2 . HIS A 1 112 ? -12.064 -16.972 -5.223  1.00 33.24 ? 480  HIS A NE2 1 
ATOM   811  N N   . ASN A 1 113 ? -9.163  -11.463 -6.924  1.00 27.55 ? 481  ASN A N   1 
ATOM   812  C CA  . ASN A 1 113 ? -8.673  -10.136 -7.248  1.00 26.45 ? 481  ASN A CA  1 
ATOM   813  C C   . ASN A 1 113 ? -7.770  -10.236 -8.420  1.00 24.04 ? 481  ASN A C   1 
ATOM   814  O O   . ASN A 1 113 ? -7.224  -11.332 -8.675  1.00 22.62 ? 481  ASN A O   1 
ATOM   815  C CB  . ASN A 1 113 ? -7.900  -9.579  -6.068  1.00 26.98 ? 481  ASN A CB  1 
ATOM   816  C CG  . ASN A 1 113 ? -6.643  -10.354 -5.802  1.00 31.07 ? 481  ASN A CG  1 
ATOM   817  O OD1 . ASN A 1 113 ? -6.621  -11.242 -4.962  1.00 35.69 ? 481  ASN A OD1 1 
ATOM   818  N ND2 . ASN A 1 113 ? -5.587  -10.052 -6.554  1.00 35.20 ? 481  ASN A ND2 1 
ATOM   819  N N   . GLU A 1 114 ? -7.661  -9.119  -9.139  1.00 22.33 ? 482  GLU A N   1 
ATOM   820  C CA  . GLU A 1 114 ? -6.692  -8.951  -10.214 1.00 21.31 ? 482  GLU A CA  1 
ATOM   821  C C   . GLU A 1 114 ? -5.680  -7.879  -9.820  1.00 19.64 ? 482  GLU A C   1 
ATOM   822  O O   . GLU A 1 114 ? -6.026  -6.749  -9.487  1.00 17.81 ? 482  GLU A O   1 
ATOM   823  C CB  . GLU A 1 114 ? -7.361  -8.515  -11.513 1.00 21.10 ? 482  GLU A CB  1 
ATOM   824  C CG  . GLU A 1 114 ? -6.351  -8.604  -12.697 1.00 22.34 ? 482  GLU A CG  1 
ATOM   825  C CD  . GLU A 1 114 ? -6.942  -8.256  -14.051 1.00 22.67 ? 482  GLU A CD  1 
ATOM   826  O OE1 . GLU A 1 114 ? -8.060  -7.699  -14.091 1.00 23.62 ? 482  GLU A OE1 1 
ATOM   827  O OE2 . GLU A 1 114 ? -6.261  -8.508  -15.071 1.00 25.08 ? 482  GLU A OE2 1 
ATOM   828  N N   . PHE A 1 115 ? -4.416  -8.239  -9.856  1.00 18.60 ? 483  PHE A N   1 
ATOM   829  C CA  . PHE A 1 115 ? -3.360  -7.306  -9.531  1.00 17.11 ? 483  PHE A CA  1 
ATOM   830  C C   . PHE A 1 115 ? -3.251  -6.205  -10.630 1.00 17.66 ? 483  PHE A C   1 
ATOM   831  O O   . PHE A 1 115 ? -3.195  -6.526  -11.831 1.00 17.13 ? 483  PHE A O   1 
ATOM   832  C CB  . PHE A 1 115 ? -2.065  -8.149  -9.443  1.00 17.90 ? 483  PHE A CB  1 
ATOM   833  C CG  . PHE A 1 115 ? -0.795  -7.355  -9.361  1.00 15.44 ? 483  PHE A CG  1 
ATOM   834  C CD1 . PHE A 1 115 ? -0.418  -6.730  -8.153  1.00 17.76 ? 483  PHE A CD1 1 
ATOM   835  C CD2 . PHE A 1 115 ? 0.063   -7.303  -10.441 1.00 12.29 ? 483  PHE A CD2 1 
ATOM   836  C CE1 . PHE A 1 115 ? 0.790   -6.010  -8.080  1.00 20.43 ? 483  PHE A CE1 1 
ATOM   837  C CE2 . PHE A 1 115 ? 1.270   -6.616  -10.389 1.00 16.81 ? 483  PHE A CE2 1 
ATOM   838  C CZ  . PHE A 1 115 ? 1.638   -5.952  -9.186  1.00 16.73 ? 483  PHE A CZ  1 
ATOM   839  N N   . ILE A 1 116 ? -3.226  -4.935  -10.235 1.00 16.84 ? 484  ILE A N   1 
ATOM   840  C CA  . ILE A 1 116 ? -3.003  -3.836  -11.218 1.00 18.46 ? 484  ILE A CA  1 
ATOM   841  C C   . ILE A 1 116 ? -1.515  -3.464  -11.278 1.00 18.64 ? 484  ILE A C   1 
ATOM   842  O O   . ILE A 1 116 ? -0.862  -3.571  -12.316 1.00 19.23 ? 484  ILE A O   1 
ATOM   843  C CB  . ILE A 1 116 ? -3.892  -2.606  -10.906 1.00 17.93 ? 484  ILE A CB  1 
ATOM   844  C CG1 . ILE A 1 116 ? -5.347  -3.027  -10.901 1.00 19.60 ? 484  ILE A CG1 1 
ATOM   845  C CG2 . ILE A 1 116 ? -3.596  -1.409  -11.902 1.00 17.94 ? 484  ILE A CG2 1 
ATOM   846  C CD1 . ILE A 1 116 ? -6.265  -1.852  -10.663 1.00 25.83 ? 484  ILE A CD1 1 
ATOM   847  N N   . GLY A 1 117 ? -0.967  -3.015  -10.148 1.00 18.43 ? 485  GLY A N   1 
ATOM   848  C CA  . GLY A 1 117 ? 0.453   -2.646  -10.125 1.00 18.17 ? 485  GLY A CA  1 
ATOM   849  C C   . GLY A 1 117 ? 0.905   -2.419  -8.693  1.00 18.66 ? 485  GLY A C   1 
ATOM   850  O O   . GLY A 1 117 ? 0.110   -2.486  -7.757  1.00 17.09 ? 485  GLY A O   1 
ATOM   851  N N   . GLU A 1 118 ? 2.192   -2.145  -8.532  1.00 18.67 ? 486  GLU A N   1 
ATOM   852  C CA  . GLU A 1 118 ? 2.773   -2.017  -7.208  1.00 20.02 ? 486  GLU A CA  1 
ATOM   853  C C   . GLU A 1 118 ? 3.821   -0.898  -7.175  1.00 19.23 ? 486  GLU A C   1 
ATOM   854  O O   . GLU A 1 118 ? 4.162   -0.295  -8.173  1.00 18.62 ? 486  GLU A O   1 
ATOM   855  C CB  . GLU A 1 118 ? 3.421   -3.351  -6.794  1.00 18.25 ? 486  GLU A CB  1 
ATOM   856  C CG  . GLU A 1 118 ? 4.745   -3.656  -7.555  1.00 18.90 ? 486  GLU A CG  1 
ATOM   857  C CD  . GLU A 1 118 ? 5.361   -4.947  -7.079  1.00 22.95 ? 486  GLU A CD  1 
ATOM   858  O OE1 . GLU A 1 118 ? 6.523   -4.934  -6.675  1.00 29.82 ? 486  GLU A OE1 1 
ATOM   859  O OE2 . GLU A 1 118 ? 4.685   -5.988  -7.096  1.00 29.98 ? 486  GLU A OE2 1 
ATOM   860  N N   . THR A 1 119 ? 4.273   -0.600  -5.972  1.00 19.52 ? 487  THR A N   1 
ATOM   861  C CA  . THR A 1 119 ? 5.484   0.158   -5.752  1.00 19.88 ? 487  THR A CA  1 
ATOM   862  C C   . THR A 1 119 ? 6.128   -0.420  -4.481  1.00 20.62 ? 487  THR A C   1 
ATOM   863  O O   . THR A 1 119 ? 5.460   -1.124  -3.689  1.00 18.55 ? 487  THR A O   1 
ATOM   864  C CB  . THR A 1 119 ? 5.208   1.691   -5.660  1.00 19.99 ? 487  THR A CB  1 
ATOM   865  O OG1 . THR A 1 119 ? 6.458   2.392   -5.675  1.00 21.80 ? 487  THR A OG1 1 
ATOM   866  C CG2 . THR A 1 119 ? 4.415   2.032   -4.391  1.00 18.40 ? 487  THR A CG2 1 
ATOM   867  N N   . ARG A 1 120 ? 7.425   -0.157  -4.304  1.00 20.37 ? 488  ARG A N   1 
ATOM   868  C CA  . ARG A 1 120 ? 8.128   -0.625  -3.108  1.00 22.07 ? 488  ARG A CA  1 
ATOM   869  C C   . ARG A 1 120 ? 8.962   0.510   -2.567  1.00 22.32 ? 488  ARG A C   1 
ATOM   870  O O   . ARG A 1 120 ? 9.456   1.358   -3.332  1.00 20.71 ? 488  ARG A O   1 
ATOM   871  C CB  . ARG A 1 120 ? 9.065   -1.806  -3.419  1.00 22.35 ? 488  ARG A CB  1 
ATOM   872  C CG  . ARG A 1 120 ? 8.383   -2.934  -4.163  1.00 29.15 ? 488  ARG A CG  1 
ATOM   873  C CD  . ARG A 1 120 ? 9.251   -4.192  -4.209  1.00 36.48 ? 488  ARG A CD  1 
ATOM   874  N NE  . ARG A 1 120 ? 8.570   -5.268  -4.946  1.00 40.48 ? 488  ARG A NE  1 
ATOM   875  C CZ  . ARG A 1 120 ? 8.879   -6.562  -4.846  1.00 43.95 ? 488  ARG A CZ  1 
ATOM   876  N NH1 . ARG A 1 120 ? 9.858   -6.958  -4.023  1.00 44.58 ? 488  ARG A NH1 1 
ATOM   877  N NH2 . ARG A 1 120 ? 8.208   -7.466  -5.560  1.00 41.33 ? 488  ARG A NH2 1 
ATOM   878  N N   . PHE A 1 121 ? 9.122   0.508   -1.244  1.00 21.78 ? 489  PHE A N   1 
ATOM   879  C CA  . PHE A 1 121 ? 9.983   1.460   -0.601  1.00 22.24 ? 489  PHE A CA  1 
ATOM   880  C C   . PHE A 1 121 ? 10.841  0.789   0.478   1.00 21.54 ? 489  PHE A C   1 
ATOM   881  O O   . PHE A 1 121 ? 10.300  0.258   1.427   1.00 20.54 ? 489  PHE A O   1 
ATOM   882  C CB  . PHE A 1 121 ? 9.148   2.558   0.017   1.00 22.08 ? 489  PHE A CB  1 
ATOM   883  C CG  . PHE A 1 121 ? 9.964   3.686   0.548   1.00 24.93 ? 489  PHE A CG  1 
ATOM   884  C CD1 . PHE A 1 121 ? 10.597  4.556   -0.322  1.00 26.01 ? 489  PHE A CD1 1 
ATOM   885  C CD2 . PHE A 1 121 ? 10.100  3.881   1.918   1.00 26.75 ? 489  PHE A CD2 1 
ATOM   886  C CE1 . PHE A 1 121 ? 11.370  5.623   0.158   1.00 27.18 ? 489  PHE A CE1 1 
ATOM   887  C CE2 . PHE A 1 121 ? 10.865  4.937   2.390   1.00 26.99 ? 489  PHE A CE2 1 
ATOM   888  C CZ  . PHE A 1 121 ? 11.493  5.804   1.511   1.00 25.43 ? 489  PHE A CZ  1 
ATOM   889  N N   . SER A 1 122 ? 12.167  0.813   0.328   1.00 21.42 ? 490  SER A N   1 
ATOM   890  C CA  . SER A 1 122 ? 13.064  0.274   1.402   1.00 21.76 ? 490  SER A CA  1 
ATOM   891  C C   . SER A 1 122 ? 12.969  1.144   2.643   1.00 20.49 ? 490  SER A C   1 
ATOM   892  O O   . SER A 1 122 ? 13.216  2.356   2.587   1.00 20.16 ? 490  SER A O   1 
ATOM   893  C CB  . SER A 1 122 ? 14.538  0.206   0.956   1.00 22.15 ? 490  SER A CB  1 
ATOM   894  O OG  . SER A 1 122 ? 14.634  -0.517  -0.262  1.00 25.58 ? 490  SER A OG  1 
ATOM   895  N N   . LEU A 1 123 ? 12.624  0.541   3.765   1.00 20.03 ? 491  LEU A N   1 
ATOM   896  C CA  . LEU A 1 123 ? 12.357  1.347   4.969   1.00 21.37 ? 491  LEU A CA  1 
ATOM   897  C C   . LEU A 1 123 ? 13.634  1.998   5.565   1.00 21.66 ? 491  LEU A C   1 
ATOM   898  O O   . LEU A 1 123 ? 13.531  2.968   6.320   1.00 22.03 ? 491  LEU A O   1 
ATOM   899  C CB  . LEU A 1 123 ? 11.584  0.524   6.028   1.00 19.92 ? 491  LEU A CB  1 
ATOM   900  C CG  . LEU A 1 123 ? 10.160  0.124   5.610   1.00 19.11 ? 491  LEU A CG  1 
ATOM   901  C CD1 . LEU A 1 123 ? 9.642   -0.811  6.624   1.00 19.28 ? 491  LEU A CD1 1 
ATOM   902  C CD2 . LEU A 1 123 ? 9.223   1.322   5.531   1.00 17.04 ? 491  LEU A CD2 1 
ATOM   903  N N   . LYS A 1 124 ? 14.807  1.453   5.222   1.00 22.78 ? 492  LYS A N   1 
ATOM   904  C CA  . LYS A 1 124 ? 16.135  2.093   5.464   1.00 24.00 ? 492  LYS A CA  1 
ATOM   905  C C   . LYS A 1 124 ? 16.118  3.588   5.158   1.00 24.50 ? 492  LYS A C   1 
ATOM   906  O O   . LYS A 1 124 ? 16.772  4.377   5.857   1.00 24.43 ? 492  LYS A O   1 
ATOM   907  C CB  . LYS A 1 124 ? 17.175  1.553   4.499   1.00 24.47 ? 492  LYS A CB  1 
ATOM   908  C CG  . LYS A 1 124 ? 17.616  0.120   4.626   1.00 27.20 ? 492  LYS A CG  1 
ATOM   909  C CD  . LYS A 1 124 ? 18.376  -0.276  3.346   1.00 27.92 ? 492  LYS A CD  1 
ATOM   910  N N   . LYS A 1 125 ? 15.406  3.960   4.089   1.00 24.19 ? 493  LYS A N   1 
ATOM   911  C CA  . LYS A 1 125 ? 15.477  5.302   3.504   1.00 24.93 ? 493  LYS A CA  1 
ATOM   912  C C   . LYS A 1 125 ? 14.571  6.299   4.217   1.00 25.45 ? 493  LYS A C   1 
ATOM   913  O O   . LYS A 1 125 ? 14.608  7.485   3.925   1.00 24.95 ? 493  LYS A O   1 
ATOM   914  C CB  . LYS A 1 125 ? 15.207  5.244   1.984   1.00 24.67 ? 493  LYS A CB  1 
ATOM   915  C CG  . LYS A 1 125 ? 16.303  4.492   1.261   1.00 25.20 ? 493  LYS A CG  1 
ATOM   916  C CD  . LYS A 1 125 ? 15.833  3.752   0.026   1.00 28.55 ? 493  LYS A CD  1 
ATOM   917  C CE  . LYS A 1 125 ? 16.151  4.473   -1.285  1.00 27.98 ? 493  LYS A CE  1 
ATOM   918  N NZ  . LYS A 1 125 ? 17.588  4.867   -1.447  1.00 29.43 ? 493  LYS A NZ  1 
ATOM   919  N N   . LEU A 1 126 ? 13.783  5.811   5.179   1.00 25.74 ? 494  LEU A N   1 
ATOM   920  C CA  . LEU A 1 126 ? 12.902  6.674   5.959   1.00 26.57 ? 494  LEU A CA  1 
ATOM   921  C C   . LEU A 1 126 ? 13.600  7.215   7.201   1.00 27.09 ? 494  LEU A C   1 
ATOM   922  O O   . LEU A 1 126 ? 14.196  6.450   7.972   1.00 28.03 ? 494  LEU A O   1 
ATOM   923  C CB  . LEU A 1 126 ? 11.634  5.927   6.395   1.00 26.54 ? 494  LEU A CB  1 
ATOM   924  C CG  . LEU A 1 126 ? 10.243  6.199   5.818   1.00 25.92 ? 494  LEU A CG  1 
ATOM   925  C CD1 . LEU A 1 126 ? 9.175   5.762   6.838   1.00 25.61 ? 494  LEU A CD1 1 
ATOM   926  C CD2 . LEU A 1 126 ? 10.012  7.649   5.378   1.00 21.91 ? 494  LEU A CD2 1 
ATOM   927  N N   . LYS A 1 127 ? 13.490  8.521   7.413   1.00 26.83 ? 495  LYS A N   1 
ATOM   928  C CA  . LYS A 1 127 ? 14.041  9.160   8.604   1.00 27.10 ? 495  LYS A CA  1 
ATOM   929  C C   . LYS A 1 127 ? 13.006  9.159   9.729   1.00 26.22 ? 495  LYS A C   1 
ATOM   930  O O   . LYS A 1 127 ? 11.856  9.542   9.519   1.00 26.14 ? 495  LYS A O   1 
ATOM   931  C CB  . LYS A 1 127 ? 14.524  10.593  8.283   1.00 27.61 ? 495  LYS A CB  1 
ATOM   932  C CG  . LYS A 1 127 ? 16.048  10.777  8.166   1.00 30.39 ? 495  LYS A CG  1 
ATOM   933  C CD  . LYS A 1 127 ? 16.632  10.209  6.862   1.00 33.77 ? 495  LYS A CD  1 
ATOM   934  N N   . ALA A 1 128 ? 13.402  8.700   10.913  1.00 25.42 ? 496  ALA A N   1 
ATOM   935  C CA  . ALA A 1 128 ? 12.498  8.662   12.043  1.00 24.46 ? 496  ALA A CA  1 
ATOM   936  C C   . ALA A 1 128 ? 11.873  10.043  12.251  1.00 24.86 ? 496  ALA A C   1 
ATOM   937  O O   . ALA A 1 128 ? 12.574  11.056  12.207  1.00 24.29 ? 496  ALA A O   1 
ATOM   938  C CB  . ALA A 1 128 ? 13.211  8.198   13.283  1.00 24.34 ? 496  ALA A CB  1 
ATOM   939  N N   . ASN A 1 129 ? 10.543  10.057  12.414  1.00 24.53 ? 497  ASN A N   1 
ATOM   940  C CA  . ASN A 1 129 ? 9.740   11.228  12.796  1.00 24.45 ? 497  ASN A CA  1 
ATOM   941  C C   . ASN A 1 129 ? 9.561   12.271  11.720  1.00 24.94 ? 497  ASN A C   1 
ATOM   942  O O   . ASN A 1 129 ? 8.979   13.322  12.008  1.00 24.68 ? 497  ASN A O   1 
ATOM   943  C CB  . ASN A 1 129 ? 10.278  11.908  14.056  1.00 24.60 ? 497  ASN A CB  1 
ATOM   944  C CG  . ASN A 1 129 ? 10.422  10.950  15.211  1.00 24.68 ? 497  ASN A CG  1 
ATOM   945  O OD1 . ASN A 1 129 ? 9.521   10.153  15.485  1.00 24.54 ? 497  ASN A OD1 1 
ATOM   946  N ND2 . ASN A 1 129 ? 11.557  11.025  15.897  1.00 21.72 ? 497  ASN A ND2 1 
ATOM   947  N N   . GLN A 1 130 ? 10.019  11.949  10.504  1.00 23.90 ? 498  GLN A N   1 
ATOM   948  C CA  . GLN A 1 130 ? 10.031  12.860  9.375   1.00 24.65 ? 498  GLN A CA  1 
ATOM   949  C C   . GLN A 1 130 ? 9.110   12.301  8.286   1.00 23.54 ? 498  GLN A C   1 
ATOM   950  O O   . GLN A 1 130 ? 9.453   11.336  7.599   1.00 22.26 ? 498  GLN A O   1 
ATOM   951  C CB  . GLN A 1 130 ? 11.448  13.027  8.814   1.00 24.65 ? 498  GLN A CB  1 
ATOM   952  C CG  . GLN A 1 130 ? 11.562  14.165  7.852   1.00 28.77 ? 498  GLN A CG  1 
ATOM   953  C CD  . GLN A 1 130 ? 12.406  13.859  6.616   1.00 34.24 ? 498  GLN A CD  1 
ATOM   954  O OE1 . GLN A 1 130 ? 12.035  13.029  5.772   1.00 36.79 ? 498  GLN A OE1 1 
ATOM   955  N NE2 . GLN A 1 130 ? 13.529  14.568  6.482   1.00 36.53 ? 498  GLN A NE2 1 
ATOM   956  N N   . ARG A 1 131 ? 7.940   12.915  8.150   1.00 23.63 ? 499  ARG A N   1 
ATOM   957  C CA  . ARG A 1 131 ? 6.932   12.413  7.242   1.00 23.39 ? 499  ARG A CA  1 
ATOM   958  C C   . ARG A 1 131 ? 7.475   12.509  5.829   1.00 23.19 ? 499  ARG A C   1 
ATOM   959  O O   . ARG A 1 131 ? 8.078   13.541  5.454   1.00 24.42 ? 499  ARG A O   1 
ATOM   960  C CB  . ARG A 1 131 ? 5.629   13.189  7.402   1.00 24.15 ? 499  ARG A CB  1 
ATOM   961  C CG  . ARG A 1 131 ? 4.575   12.833  6.333   1.00 25.64 ? 499  ARG A CG  1 
ATOM   962  C CD  . ARG A 1 131 ? 3.260   13.510  6.585   1.00 21.57 ? 499  ARG A CD  1 
ATOM   963  N NE  . ARG A 1 131 ? 2.729   13.157  7.890   1.00 22.93 ? 499  ARG A NE  1 
ATOM   964  C CZ  . ARG A 1 131 ? 2.182   11.983  8.176   1.00 19.36 ? 499  ARG A CZ  1 
ATOM   965  N NH1 . ARG A 1 131 ? 1.999   11.075  7.234   1.00 15.52 ? 499  ARG A NH1 1 
ATOM   966  N NH2 . ARG A 1 131 ? 1.733   11.756  9.382   1.00 20.41 ? 499  ARG A NH2 1 
ATOM   967  N N   . LYS A 1 132 ? 7.272   11.448  5.047   1.00 23.23 ? 500  LYS A N   1 
ATOM   968  C CA  . LYS A 1 132 ? 7.608   11.445  3.625   1.00 22.58 ? 500  LYS A CA  1 
ATOM   969  C C   . LYS A 1 132 ? 6.368   11.246  2.735   1.00 21.72 ? 500  LYS A C   1 
ATOM   970  O O   . LYS A 1 132 ? 5.590   10.329  2.925   1.00 20.78 ? 500  LYS A O   1 
ATOM   971  C CB  . LYS A 1 132 ? 8.697   10.425  3.301   1.00 22.83 ? 500  LYS A CB  1 
ATOM   972  C CG  . LYS A 1 132 ? 9.199   10.545  1.867   1.00 24.52 ? 500  LYS A CG  1 
ATOM   973  C CD  . LYS A 1 132 ? 10.492  9.786   1.551   1.00 25.17 ? 500  LYS A CD  1 
ATOM   974  C CE  . LYS A 1 132 ? 11.171  10.520  0.373   1.00 29.86 ? 500  LYS A CE  1 
ATOM   975  N NZ  . LYS A 1 132 ? 11.802  9.605   -0.609  1.00 32.88 ? 500  LYS A NZ  1 
ATOM   976  N N   . ASN A 1 133 ? 6.196   12.131  1.752   1.00 20.82 ? 501  ASN A N   1 
ATOM   977  C CA  . ASN A 1 133 ? 5.036   12.080  0.891   1.00 20.31 ? 501  ASN A CA  1 
ATOM   978  C C   . ASN A 1 133 ? 5.428   11.572  -0.476  1.00 20.36 ? 501  ASN A C   1 
ATOM   979  O O   . ASN A 1 133 ? 6.460   11.982  -1.015  1.00 20.52 ? 501  ASN A O   1 
ATOM   980  C CB  . ASN A 1 133 ? 4.384   13.474  0.789   1.00 20.12 ? 501  ASN A CB  1 
ATOM   981  C CG  . ASN A 1 133 ? 4.009   14.041  2.147   1.00 20.89 ? 501  ASN A CG  1 
ATOM   982  O OD1 . ASN A 1 133 ? 3.201   13.458  2.881   1.00 19.57 ? 501  ASN A OD1 1 
ATOM   983  N ND2 . ASN A 1 133 ? 4.575   15.198  2.481   1.00 22.68 ? 501  ASN A ND2 1 
ATOM   984  N N   . PHE A 1 134 ? 4.597   10.696  -1.043  1.00 19.87 ? 502  PHE A N   1 
ATOM   985  C CA  . PHE A 1 134 ? 4.867   10.118  -2.347  1.00 19.92 ? 502  PHE A CA  1 
ATOM   986  C C   . PHE A 1 134 ? 3.708   10.316  -3.321  1.00 19.63 ? 502  PHE A C   1 
ATOM   987  O O   . PHE A 1 134 ? 2.548   10.271  -2.925  1.00 18.35 ? 502  PHE A O   1 
ATOM   988  C CB  . PHE A 1 134 ? 5.073   8.621   -2.226  1.00 20.22 ? 502  PHE A CB  1 
ATOM   989  C CG  . PHE A 1 134 ? 6.098   8.196   -1.211  1.00 20.53 ? 502  PHE A CG  1 
ATOM   990  C CD1 . PHE A 1 134 ? 5.886   8.373   0.157   1.00 21.63 ? 502  PHE A CD1 1 
ATOM   991  C CD2 . PHE A 1 134 ? 7.248   7.531   -1.630  1.00 23.60 ? 502  PHE A CD2 1 
ATOM   992  C CE1 . PHE A 1 134 ? 6.843   7.898   1.114   1.00 20.98 ? 502  PHE A CE1 1 
ATOM   993  C CE2 . PHE A 1 134 ? 8.210   7.068   -0.688  1.00 22.16 ? 502  PHE A CE2 1 
ATOM   994  C CZ  . PHE A 1 134 ? 7.994   7.252   0.662   1.00 21.85 ? 502  PHE A CZ  1 
ATOM   995  N N   . ASN A 1 135 ? 4.051   10.511  -4.589  1.00 20.40 ? 503  ASN A N   1 
ATOM   996  C CA  . ASN A 1 135 ? 3.123   10.452  -5.728  1.00 22.13 ? 503  ASN A CA  1 
ATOM   997  C C   . ASN A 1 135 ? 3.857   9.683   -6.828  1.00 22.37 ? 503  ASN A C   1 
ATOM   998  O O   . ASN A 1 135 ? 4.643   10.263  -7.562  1.00 22.83 ? 503  ASN A O   1 
ATOM   999  C CB  . ASN A 1 135 ? 2.696   11.854  -6.206  1.00 23.20 ? 503  ASN A CB  1 
ATOM   1000 C CG  . ASN A 1 135 ? 1.543   11.804  -7.227  1.00 27.23 ? 503  ASN A CG  1 
ATOM   1001 O OD1 . ASN A 1 135 ? 1.339   10.804  -7.908  1.00 31.59 ? 503  ASN A OD1 1 
ATOM   1002 N ND2 . ASN A 1 135 ? 0.795   12.894  -7.329  1.00 32.01 ? 503  ASN A ND2 1 
ATOM   1003 N N   . ILE A 1 136 ? 3.633   8.374   -6.921  1.00 22.88 ? 504  ILE A N   1 
ATOM   1004 C CA  . ILE A 1 136 ? 4.418   7.533   -7.841  1.00 23.78 ? 504  ILE A CA  1 
ATOM   1005 C C   . ILE A 1 136 ? 3.550   6.924   -8.947  1.00 23.90 ? 504  ILE A C   1 
ATOM   1006 O O   . ILE A 1 136 ? 2.334   6.883   -8.804  1.00 24.72 ? 504  ILE A O   1 
ATOM   1007 C CB  . ILE A 1 136 ? 5.215   6.393   -7.101  1.00 23.52 ? 504  ILE A CB  1 
ATOM   1008 C CG1 . ILE A 1 136 ? 4.307   5.534   -6.245  1.00 23.99 ? 504  ILE A CG1 1 
ATOM   1009 C CG2 . ILE A 1 136 ? 6.371   6.970   -6.240  1.00 25.58 ? 504  ILE A CG2 1 
ATOM   1010 C CD1 . ILE A 1 136 ? 3.519   4.463   -6.990  1.00 28.19 ? 504  ILE A CD1 1 
ATOM   1011 N N   . CYS A 1 137 ? 4.167   6.455   -10.038 1.00 22.52 ? 505  CYS A N   1 
ATOM   1012 C CA  . CYS A 1 137 ? 3.437   5.631   -11.006 1.00 22.42 ? 505  CYS A CA  1 
ATOM   1013 C C   . CYS A 1 137 ? 3.678   4.159   -10.718 1.00 21.14 ? 505  CYS A C   1 
ATOM   1014 O O   . CYS A 1 137 ? 4.817   3.729   -10.447 1.00 20.46 ? 505  CYS A O   1 
ATOM   1015 C CB  . CYS A 1 137 ? 3.828   5.943   -12.451 1.00 22.99 ? 505  CYS A CB  1 
ATOM   1016 S SG  . CYS A 1 137 ? 3.366   7.593   -13.020 1.00 29.99 ? 505  CYS A SG  1 
ATOM   1017 N N   . LEU A 1 138 ? 2.592   3.394   -10.776 1.00 20.12 ? 506  LEU A N   1 
ATOM   1018 C CA  . LEU A 1 138 ? 2.595   1.959   -10.472 1.00 19.12 ? 506  LEU A CA  1 
ATOM   1019 C C   . LEU A 1 138 ? 3.369   1.199   -11.531 1.00 19.67 ? 506  LEU A C   1 
ATOM   1020 O O   . LEU A 1 138 ? 3.497   1.647   -12.677 1.00 18.26 ? 506  LEU A O   1 
ATOM   1021 C CB  . LEU A 1 138 ? 1.152   1.438   -10.403 1.00 19.03 ? 506  LEU A CB  1 
ATOM   1022 C CG  . LEU A 1 138 ? 0.274   1.988   -9.280  1.00 18.17 ? 506  LEU A CG  1 
ATOM   1023 C CD1 . LEU A 1 138 ? -1.097  1.463   -9.524  1.00 17.76 ? 506  LEU A CD1 1 
ATOM   1024 C CD2 . LEU A 1 138 ? 0.813   1.585   -7.877  1.00 17.55 ? 506  LEU A CD2 1 
ATOM   1025 N N   . GLU A 1 139 ? 3.920   0.065   -11.126 1.00 21.05 ? 507  GLU A N   1 
ATOM   1026 C CA  . GLU A 1 139 ? 4.635   -0.784  -12.053 1.00 22.39 ? 507  GLU A CA  1 
ATOM   1027 C C   . GLU A 1 139 ? 4.275   -2.200  -11.743 1.00 23.26 ? 507  GLU A C   1 
ATOM   1028 O O   . GLU A 1 139 ? 3.861   -2.527  -10.616 1.00 22.58 ? 507  GLU A O   1 
ATOM   1029 C CB  . GLU A 1 139 ? 6.149   -0.604  -11.909 1.00 22.72 ? 507  GLU A CB  1 
ATOM   1030 C CG  . GLU A 1 139 ? 6.642   0.689   -12.531 1.00 25.21 ? 507  GLU A CG  1 
ATOM   1031 C CD  . GLU A 1 139 ? 8.135   0.746   -12.571 1.00 29.97 ? 507  GLU A CD  1 
ATOM   1032 O OE1 . GLU A 1 139 ? 8.762   -0.346  -12.496 1.00 30.19 ? 507  GLU A OE1 1 
ATOM   1033 O OE2 . GLU A 1 139 ? 8.668   1.880   -12.669 1.00 30.63 ? 507  GLU A OE2 1 
ATOM   1034 N N   . ARG A 1 140 ? 4.425   -3.045  -12.749 1.00 23.49 ? 508  ARG A N   1 
ATOM   1035 C CA  . ARG A 1 140 ? 4.394   -4.458  -12.500 1.00 24.53 ? 508  ARG A CA  1 
ATOM   1036 C C   . ARG A 1 140 ? 5.850   -4.900  -12.381 1.00 25.65 ? 508  ARG A C   1 
ATOM   1037 O O   . ARG A 1 140 ? 6.745   -4.481  -13.157 1.00 26.53 ? 508  ARG A O   1 
ATOM   1038 C CB  . ARG A 1 140 ? 3.636   -5.160  -13.612 1.00 23.96 ? 508  ARG A CB  1 
ATOM   1039 C CG  . ARG A 1 140 ? 2.232   -4.556  -13.839 1.00 24.90 ? 508  ARG A CG  1 
ATOM   1040 C CD  . ARG A 1 140 ? 1.492   -5.231  -14.954 1.00 23.47 ? 508  ARG A CD  1 
ATOM   1041 N NE  . ARG A 1 140 ? 1.276   -6.664  -14.734 1.00 23.03 ? 508  ARG A NE  1 
ATOM   1042 C CZ  . ARG A 1 140 ? 0.159   -7.176  -14.238 1.00 23.11 ? 508  ARG A CZ  1 
ATOM   1043 N NH1 . ARG A 1 140 ? -0.833  -6.367  -13.849 1.00 21.20 ? 508  ARG A NH1 1 
ATOM   1044 N NH2 . ARG A 1 140 ? 0.053   -8.488  -14.081 1.00 21.26 ? 508  ARG A NH2 1 
ATOM   1045 N N   . VAL A 1 141 ? 6.102   -5.720  -11.382 1.00 27.21 ? 509  VAL A N   1 
ATOM   1046 C CA  . VAL A 1 141 ? 7.416   -6.338  -11.201 1.00 28.43 ? 509  VAL A CA  1 
ATOM   1047 C C   . VAL A 1 141 ? 7.305   -7.833  -11.604 1.00 28.67 ? 509  VAL A C   1 
ATOM   1048 O O   . VAL A 1 141 ? 8.232   -8.549  -11.980 1.00 28.68 ? 509  VAL A O   1 
ATOM   1049 C CB  . VAL A 1 141 ? 7.910   -6.119  -9.726  1.00 28.42 ? 509  VAL A CB  1 
ATOM   1050 C CG1 . VAL A 1 141 ? 9.210   -6.884  -9.436  1.00 31.45 ? 509  VAL A CG1 1 
ATOM   1051 C CG2 . VAL A 1 141 ? 8.085   -4.620  -9.437  1.00 29.26 ? 509  VAL A CG2 1 
ATOM   1052 N N   . ILE A 1 142 ? 6.212   -8.406  -11.565 1.00 30.37 ? 510  ILE A N   1 
HETATM 1053 C C1  . GOL B 2 .   ? -6.637  -9.386  0.138   1.00 43.91 ? 2647 GOL A C1  1 
HETATM 1054 O O1  . GOL B 2 .   ? -6.386  -9.717  1.473   1.00 44.48 ? 2647 GOL A O1  1 
HETATM 1055 C C2  . GOL B 2 .   ? -6.453  -10.603 -0.745  1.00 44.86 ? 2647 GOL A C2  1 
HETATM 1056 O O2  . GOL B 2 .   ? -7.741  -11.100 -1.008  1.00 45.02 ? 2647 GOL A O2  1 
HETATM 1057 C C3  . GOL B 2 .   ? -5.858  -10.087 -2.048  1.00 43.80 ? 2647 GOL A C3  1 
HETATM 1058 O O3  . GOL B 2 .   ? -4.509  -10.469 -2.284  1.00 44.51 ? 2647 GOL A O3  1 
HETATM 1059 O O   . HOH C 3 .   ? 1.260   5.412   18.962  1.00 40.60 ? 2001 HOH A O   1 
HETATM 1060 O O   . HOH C 3 .   ? -12.653 -2.958  -19.186 1.00 39.26 ? 2002 HOH A O   1 
HETATM 1061 O O   . HOH C 3 .   ? -12.771 6.433   -14.790 1.00 40.44 ? 2003 HOH A O   1 
HETATM 1062 O O   . HOH C 3 .   ? 9.232   8.842   9.176   1.00 28.52 ? 2004 HOH A O   1 
HETATM 1063 O O   . HOH C 3 .   ? 2.121   6.659   17.071  1.00 29.14 ? 2005 HOH A O   1 
HETATM 1064 O O   . HOH C 3 .   ? 6.538   10.547  19.052  1.00 38.27 ? 2006 HOH A O   1 
HETATM 1065 O O   . HOH C 3 .   ? 3.471   0.200   18.403  1.00 23.54 ? 2007 HOH A O   1 
HETATM 1066 O O   . HOH C 3 .   ? -1.126  9.550   16.176  1.00 33.34 ? 2008 HOH A O   1 
HETATM 1067 O O   . HOH C 3 .   ? 1.034   8.291   7.652   1.00 18.99 ? 2009 HOH A O   1 
HETATM 1068 O O   . HOH C 3 .   ? -10.644 11.471  -7.650  1.00 41.84 ? 2010 HOH A O   1 
HETATM 1069 O O   . HOH C 3 .   ? -8.109  9.983   -7.083  1.00 22.01 ? 2011 HOH A O   1 
HETATM 1070 O O   . HOH C 3 .   ? -9.302  16.344  -6.069  1.00 44.53 ? 2012 HOH A O   1 
HETATM 1071 O O   . HOH C 3 .   ? -2.311  8.824   -13.558 1.00 34.64 ? 2013 HOH A O   1 
HETATM 1072 O O   . HOH C 3 .   ? -8.246  4.525   -16.122 1.00 26.70 ? 2014 HOH A O   1 
HETATM 1073 O O   . HOH C 3 .   ? -10.534 -3.977  -20.147 1.00 26.67 ? 2015 HOH A O   1 
HETATM 1074 O O   . HOH C 3 .   ? -11.204 -4.956  -14.726 1.00 29.69 ? 2016 HOH A O   1 
HETATM 1075 O O   . HOH C 3 .   ? -12.494 -13.396 -14.528 1.00 30.18 ? 2017 HOH A O   1 
HETATM 1076 O O   . HOH C 3 .   ? -10.477 -10.219 -12.530 1.00 18.76 ? 2018 HOH A O   1 
HETATM 1077 O O   . HOH C 3 .   ? -17.472 -6.977  -15.492 1.00 23.31 ? 2019 HOH A O   1 
HETATM 1078 O O   . HOH C 3 .   ? -14.171 -4.741  -21.401 1.00 28.04 ? 2020 HOH A O   1 
HETATM 1079 O O   . HOH C 3 .   ? -17.971 -11.166 -20.480 1.00 20.38 ? 2021 HOH A O   1 
HETATM 1080 O O   . HOH C 3 .   ? -15.363 -11.257 -11.765 1.00 25.72 ? 2022 HOH A O   1 
HETATM 1081 O O   . HOH C 3 .   ? -14.739 -14.628 -15.415 1.00 34.89 ? 2023 HOH A O   1 
HETATM 1082 O O   . HOH C 3 .   ? -11.371 -7.459  -10.914 1.00 21.42 ? 2024 HOH A O   1 
HETATM 1083 O O   . HOH C 3 .   ? -16.923 -1.992  -11.774 1.00 22.05 ? 2025 HOH A O   1 
HETATM 1084 O O   . HOH C 3 .   ? -18.369 -2.222  -9.176  1.00 22.24 ? 2026 HOH A O   1 
HETATM 1085 O O   . HOH C 3 .   ? -1.935  -11.763 0.437   1.00 44.39 ? 2027 HOH A O   1 
HETATM 1086 O O   . HOH C 3 .   ? 5.343   -17.625 7.131   1.00 26.92 ? 2028 HOH A O   1 
HETATM 1087 O O   . HOH C 3 .   ? 0.784   -13.370 12.965  1.00 35.43 ? 2029 HOH A O   1 
HETATM 1088 O O   . HOH C 3 .   ? 4.751   -6.626  11.780  1.00 35.12 ? 2030 HOH A O   1 
HETATM 1089 O O   . HOH C 3 .   ? -11.025 -4.390  1.793   1.00 30.16 ? 2031 HOH A O   1 
HETATM 1090 O O   . HOH C 3 .   ? -13.230 7.872   4.780   1.00 36.96 ? 2032 HOH A O   1 
HETATM 1091 O O   . HOH C 3 .   ? -16.775 3.890   -3.582  1.00 35.24 ? 2033 HOH A O   1 
HETATM 1092 O O   . HOH C 3 .   ? -14.710 -2.807  -15.132 1.00 36.45 ? 2034 HOH A O   1 
HETATM 1093 O O   . HOH C 3 .   ? -14.121 6.941   -11.851 1.00 29.97 ? 2035 HOH A O   1 
HETATM 1094 O O   . HOH C 3 .   ? -9.597  7.121   -15.088 1.00 38.39 ? 2036 HOH A O   1 
HETATM 1095 O O   . HOH C 3 .   ? -13.263 7.486   -4.192  1.00 20.35 ? 2037 HOH A O   1 
HETATM 1096 O O   . HOH C 3 .   ? -12.412 10.653  2.786   1.00 32.17 ? 2038 HOH A O   1 
HETATM 1097 O O   . HOH C 3 .   ? -7.504  6.256   8.599   1.00 14.63 ? 2039 HOH A O   1 
HETATM 1098 O O   . HOH C 3 .   ? -5.221  4.175   11.455  1.00 25.35 ? 2040 HOH A O   1 
HETATM 1099 O O   . HOH C 3 .   ? -1.545  -3.279  16.025  1.00 28.10 ? 2041 HOH A O   1 
HETATM 1100 O O   . HOH C 3 .   ? -0.039  -3.309  13.742  1.00 31.29 ? 2042 HOH A O   1 
HETATM 1101 O O   . HOH C 3 .   ? 7.741   -6.523  15.002  1.00 33.27 ? 2043 HOH A O   1 
HETATM 1102 O O   . HOH C 3 .   ? 10.598  -6.005  15.603  1.00 31.98 ? 2044 HOH A O   1 
HETATM 1103 O O   . HOH C 3 .   ? 14.991  -1.312  4.598   1.00 28.64 ? 2045 HOH A O   1 
HETATM 1104 O O   . HOH C 3 .   ? -0.405  -8.848  -4.438  1.00 32.51 ? 2046 HOH A O   1 
HETATM 1105 O O   . HOH C 3 .   ? 1.690   -5.657  -1.339  1.00 21.67 ? 2047 HOH A O   1 
HETATM 1106 O O   . HOH C 3 .   ? -9.286  -0.789  -13.073 1.00 40.10 ? 2048 HOH A O   1 
HETATM 1107 O O   . HOH C 3 .   ? -10.099 0.168   -10.382 1.00 14.44 ? 2049 HOH A O   1 
HETATM 1108 O O   . HOH C 3 .   ? -10.189 -9.257  -2.514  1.00 25.14 ? 2050 HOH A O   1 
HETATM 1109 O O   . HOH C 3 .   ? -10.007 -6.312  -12.804 1.00 33.16 ? 2051 HOH A O   1 
HETATM 1110 O O   . HOH C 3 .   ? -3.915  -11.120 -10.050 1.00 21.75 ? 2052 HOH A O   1 
HETATM 1111 O O   . HOH C 3 .   ? -2.625  -9.022  -13.109 1.00 18.89 ? 2053 HOH A O   1 
HETATM 1112 O O   . HOH C 3 .   ? 7.768   3.778   -3.736  1.00 27.63 ? 2054 HOH A O   1 
HETATM 1113 O O   . HOH C 3 .   ? 9.114   0.796   -6.838  1.00 30.83 ? 2055 HOH A O   1 
HETATM 1114 O O   . HOH C 3 .   ? 13.148  2.409   -1.969  1.00 29.35 ? 2056 HOH A O   1 
HETATM 1115 O O   . HOH C 3 .   ? 11.697  10.622  6.172   1.00 36.68 ? 2057 HOH A O   1 
HETATM 1116 O O   . HOH C 3 .   ? 0.313   9.548   9.942   1.00 36.08 ? 2058 HOH A O   1 
HETATM 1117 O O   . HOH C 3 .   ? 0.907   13.236  1.527   1.00 18.18 ? 2059 HOH A O   1 
HETATM 1118 O O   . HOH C 3 .   ? 8.304   14.421  1.195   1.00 26.62 ? 2060 HOH A O   1 
HETATM 1119 O O   . HOH C 3 .   ? 6.108   17.246  1.049   1.00 37.92 ? 2061 HOH A O   1 
HETATM 1120 O O   . HOH C 3 .   ? 1.427   12.347  -0.901  1.00 28.94 ? 2062 HOH A O   1 
HETATM 1121 O O   . HOH C 3 .   ? 7.043   10.975  -4.953  1.00 24.98 ? 2063 HOH A O   1 
HETATM 1122 O O   . HOH C 3 .   ? 7.274   7.227   -10.312 1.00 40.41 ? 2064 HOH A O   1 
HETATM 1123 O O   . HOH C 3 .   ? 9.485   -10.852 -12.337 1.00 41.21 ? 2065 HOH A O   1 
HETATM 1124 O O   . HOH C 3 .   ? 3.698   -9.036  -12.200 1.00 29.67 ? 2066 HOH A O   1 
# 
loop_
_pdbx_poly_seq_scheme.asym_id 
_pdbx_poly_seq_scheme.entity_id 
_pdbx_poly_seq_scheme.seq_id 
_pdbx_poly_seq_scheme.mon_id 
_pdbx_poly_seq_scheme.ndb_seq_num 
_pdbx_poly_seq_scheme.pdb_seq_num 
_pdbx_poly_seq_scheme.auth_seq_num 
_pdbx_poly_seq_scheme.pdb_mon_id 
_pdbx_poly_seq_scheme.auth_mon_id 
_pdbx_poly_seq_scheme.pdb_strand_id 
_pdbx_poly_seq_scheme.pdb_ins_code 
_pdbx_poly_seq_scheme.hetero 
A 1 1   GLY 1   369 ?   ?   ?   A . n 
A 1 2   SER 2   370 ?   ?   ?   A . n 
A 1 3   GLU 3   371 ?   ?   ?   A . n 
A 1 4   ALA 4   372 ?   ?   ?   A . n 
A 1 5   ASN 5   373 ?   ?   ?   A . n 
A 1 6   SER 6   374 ?   ?   ?   A . n 
A 1 7   TYR 7   375 ?   ?   ?   A . n 
A 1 8   ASP 8   376 ?   ?   ?   A . n 
A 1 9   SER 9   377 ?   ?   ?   A . n 
A 1 10  ASP 10  378 ?   ?   ?   A . n 
A 1 11  GLN 11  379 ?   ?   ?   A . n 
A 1 12  ALA 12  380 ?   ?   ?   A . n 
A 1 13  THR 13  381 ?   ?   ?   A . n 
A 1 14  THR 14  382 382 THR THR A . n 
A 1 15  LEU 15  383 383 LEU LEU A . n 
A 1 16  GLY 16  384 384 GLY GLY A . n 
A 1 17  ALA 17  385 385 ALA ALA A . n 
A 1 18  LEU 18  386 386 LEU LEU A . n 
A 1 19  GLU 19  387 387 GLU GLU A . n 
A 1 20  PHE 20  388 388 PHE PHE A . n 
A 1 21  SER 21  389 389 SER SER A . n 
A 1 22  LEU 22  390 390 LEU LEU A . n 
A 1 23  LEU 23  391 391 LEU LEU A . n 
A 1 24  TYR 24  392 392 TYR TYR A . n 
A 1 25  ASP 25  393 393 ASP ASP A . n 
A 1 26  GLN 26  394 394 GLN GLN A . n 
A 1 27  ASP 27  395 395 ASP ASP A . n 
A 1 28  ASN 28  396 396 ASN ASN A . n 
A 1 29  SER 29  397 397 SER SER A . n 
A 1 30  ASN 30  398 398 ASN ASN A . n 
A 1 31  LEU 31  399 399 LEU LEU A . n 
A 1 32  GLN 32  400 400 GLN GLN A . n 
A 1 33  CYS 33  401 401 CYS CYS A . n 
A 1 34  THR 34  402 402 THR THR A . n 
A 1 35  ILE 35  403 403 ILE ILE A . n 
A 1 36  ILE 36  404 404 ILE ILE A . n 
A 1 37  ARG 37  405 405 ARG ARG A . n 
A 1 38  ALA 38  406 406 ALA ALA A . n 
A 1 39  LYS 39  407 407 LYS LYS A . n 
A 1 40  GLY 40  408 408 GLY GLY A . n 
A 1 41  LEU 41  409 409 LEU LEU A . n 
A 1 42  LYS 42  410 410 LYS LYS A . n 
A 1 43  PRO 43  411 411 PRO PRO A . n 
A 1 44  MET 44  412 412 MET MET A . n 
A 1 45  ASP 45  413 413 ASP ASP A . n 
A 1 46  SER 46  414 414 SER SER A . n 
A 1 47  ASN 47  415 415 ASN ASN A . n 
A 1 48  GLY 48  416 416 GLY GLY A . n 
A 1 49  LEU 49  417 417 LEU LEU A . n 
A 1 50  ALA 50  418 418 ALA ALA A . n 
A 1 51  ASP 51  419 419 ASP ASP A . n 
A 1 52  PRO 52  420 420 PRO PRO A . n 
A 1 53  TYR 53  421 421 TYR TYR A . n 
A 1 54  VAL 54  422 422 VAL VAL A . n 
A 1 55  LYS 55  423 423 LYS LYS A . n 
A 1 56  LEU 56  424 424 LEU LEU A . n 
A 1 57  HIS 57  425 425 HIS HIS A . n 
A 1 58  LEU 58  426 426 LEU LEU A . n 
A 1 59  LEU 59  427 427 LEU LEU A . n 
A 1 60  PRO 60  428 428 PRO PRO A . n 
A 1 61  GLY 61  429 429 GLY GLY A . n 
A 1 62  ALA 62  430 430 ALA ALA A . n 
A 1 63  SER 63  431 431 SER SER A . n 
A 1 64  LYS 64  432 432 LYS LYS A . n 
A 1 65  SER 65  433 433 SER SER A . n 
A 1 66  ASN 66  434 434 ASN ASN A . n 
A 1 67  LYS 67  435 435 LYS LYS A . n 
A 1 68  LEU 68  436 436 LEU LEU A . n 
A 1 69  ARG 69  437 437 ARG ARG A . n 
A 1 70  THR 70  438 438 THR THR A . n 
A 1 71  LYS 71  439 439 LYS LYS A . n 
A 1 72  THR 72  440 440 THR THR A . n 
A 1 73  LEU 73  441 441 LEU LEU A . n 
A 1 74  ARG 74  442 442 ARG ARG A . n 
A 1 75  ASN 75  443 443 ASN ASN A . n 
A 1 76  THR 76  444 444 THR THR A . n 
A 1 77  ARG 77  445 445 ARG ARG A . n 
A 1 78  ASN 78  446 446 ASN ASN A . n 
A 1 79  PRO 79  447 447 PRO PRO A . n 
A 1 80  VAL 80  448 448 VAL VAL A . n 
A 1 81  TRP 81  449 449 TRP TRP A . n 
A 1 82  ASN 82  450 450 ASN ASN A . n 
A 1 83  GLU 83  451 451 GLU GLU A . n 
A 1 84  THR 84  452 452 THR THR A . n 
A 1 85  LEU 85  453 453 LEU LEU A . n 
A 1 86  GLN 86  454 454 GLN GLN A . n 
A 1 87  TYR 87  455 455 TYR TYR A . n 
A 1 88  HIS 88  456 456 HIS HIS A . n 
A 1 89  GLY 89  457 457 GLY GLY A . n 
A 1 90  ILE 90  458 458 ILE ILE A . n 
A 1 91  THR 91  459 459 THR THR A . n 
A 1 92  GLU 92  460 460 GLU GLU A . n 
A 1 93  GLU 93  461 461 GLU GLU A . n 
A 1 94  ASP 94  462 462 ASP ASP A . n 
A 1 95  MET 95  463 463 MET MET A . n 
A 1 96  GLN 96  464 464 GLN GLN A . n 
A 1 97  ARG 97  465 465 ARG ARG A . n 
A 1 98  LYS 98  466 466 LYS LYS A . n 
A 1 99  THR 99  467 467 THR THR A . n 
A 1 100 LEU 100 468 468 LEU LEU A . n 
A 1 101 ARG 101 469 469 ARG ARG A . n 
A 1 102 ILE 102 470 470 ILE ILE A . n 
A 1 103 SER 103 471 471 SER SER A . n 
A 1 104 VAL 104 472 472 VAL VAL A . n 
A 1 105 CYS 105 473 473 CYS CYS A . n 
A 1 106 ASP 106 474 474 ASP ASP A . n 
A 1 107 GLU 107 475 475 GLU GLU A . n 
A 1 108 ASP 108 476 476 ASP ASP A . n 
A 1 109 LYS 109 477 477 LYS LYS A . n 
A 1 110 PHE 110 478 478 PHE PHE A . n 
A 1 111 GLY 111 479 479 GLY GLY A . n 
A 1 112 HIS 112 480 480 HIS HIS A . n 
A 1 113 ASN 113 481 481 ASN ASN A . n 
A 1 114 GLU 114 482 482 GLU GLU A . n 
A 1 115 PHE 115 483 483 PHE PHE A . n 
A 1 116 ILE 116 484 484 ILE ILE A . n 
A 1 117 GLY 117 485 485 GLY GLY A . n 
A 1 118 GLU 118 486 486 GLU GLU A . n 
A 1 119 THR 119 487 487 THR THR A . n 
A 1 120 ARG 120 488 488 ARG ARG A . n 
A 1 121 PHE 121 489 489 PHE PHE A . n 
A 1 122 SER 122 490 490 SER SER A . n 
A 1 123 LEU 123 491 491 LEU LEU A . n 
A 1 124 LYS 124 492 492 LYS LYS A . n 
A 1 125 LYS 125 493 493 LYS LYS A . n 
A 1 126 LEU 126 494 494 LEU LEU A . n 
A 1 127 LYS 127 495 495 LYS LYS A . n 
A 1 128 ALA 128 496 496 ALA ALA A . n 
A 1 129 ASN 129 497 497 ASN ASN A . n 
A 1 130 GLN 130 498 498 GLN GLN A . n 
A 1 131 ARG 131 499 499 ARG ARG A . n 
A 1 132 LYS 132 500 500 LYS LYS A . n 
A 1 133 ASN 133 501 501 ASN ASN A . n 
A 1 134 PHE 134 502 502 PHE PHE A . n 
A 1 135 ASN 135 503 503 ASN ASN A . n 
A 1 136 ILE 136 504 504 ILE ILE A . n 
A 1 137 CYS 137 505 505 CYS CYS A . n 
A 1 138 LEU 138 506 506 LEU LEU A . n 
A 1 139 GLU 139 507 507 GLU GLU A . n 
A 1 140 ARG 140 508 508 ARG ARG A . n 
A 1 141 VAL 141 509 509 VAL VAL A . n 
A 1 142 ILE 142 510 510 ILE ILE A . n 
# 
loop_
_pdbx_nonpoly_scheme.asym_id 
_pdbx_nonpoly_scheme.entity_id 
_pdbx_nonpoly_scheme.mon_id 
_pdbx_nonpoly_scheme.ndb_seq_num 
_pdbx_nonpoly_scheme.pdb_seq_num 
_pdbx_nonpoly_scheme.auth_seq_num 
_pdbx_nonpoly_scheme.pdb_mon_id 
_pdbx_nonpoly_scheme.auth_mon_id 
_pdbx_nonpoly_scheme.pdb_strand_id 
_pdbx_nonpoly_scheme.pdb_ins_code 
B 2 GOL 1  2647 2647 GOL GOL A . 
C 3 HOH 1  2001 2001 HOH HOH A . 
C 3 HOH 2  2002 2002 HOH HOH A . 
C 3 HOH 3  2003 2003 HOH HOH A . 
C 3 HOH 4  2004 2004 HOH HOH A . 
C 3 HOH 5  2005 2005 HOH HOH A . 
C 3 HOH 6  2006 2006 HOH HOH A . 
C 3 HOH 7  2007 2007 HOH HOH A . 
C 3 HOH 8  2008 2008 HOH HOH A . 
C 3 HOH 9  2009 2009 HOH HOH A . 
C 3 HOH 10 2010 2010 HOH HOH A . 
C 3 HOH 11 2011 2011 HOH HOH A . 
C 3 HOH 12 2012 2012 HOH HOH A . 
C 3 HOH 13 2013 2013 HOH HOH A . 
C 3 HOH 14 2014 2014 HOH HOH A . 
C 3 HOH 15 2015 2015 HOH HOH A . 
C 3 HOH 16 2016 2016 HOH HOH A . 
C 3 HOH 17 2017 2017 HOH HOH A . 
C 3 HOH 18 2018 2018 HOH HOH A . 
C 3 HOH 19 2019 2019 HOH HOH A . 
C 3 HOH 20 2020 2020 HOH HOH A . 
C 3 HOH 21 2021 2021 HOH HOH A . 
C 3 HOH 22 2022 2022 HOH HOH A . 
C 3 HOH 23 2023 2023 HOH HOH A . 
C 3 HOH 24 2024 2024 HOH HOH A . 
C 3 HOH 25 2025 2025 HOH HOH A . 
C 3 HOH 26 2026 2026 HOH HOH A . 
C 3 HOH 27 2027 2027 HOH HOH A . 
C 3 HOH 28 2028 2028 HOH HOH A . 
C 3 HOH 29 2029 2029 HOH HOH A . 
C 3 HOH 30 2030 2030 HOH HOH A . 
C 3 HOH 31 2031 2031 HOH HOH A . 
C 3 HOH 32 2032 2032 HOH HOH A . 
C 3 HOH 33 2033 2033 HOH HOH A . 
C 3 HOH 34 2034 2034 HOH HOH A . 
C 3 HOH 35 2035 2035 HOH HOH A . 
C 3 HOH 36 2036 2036 HOH HOH A . 
C 3 HOH 37 2037 2037 HOH HOH A . 
C 3 HOH 38 2038 2038 HOH HOH A . 
C 3 HOH 39 2039 2039 HOH HOH A . 
C 3 HOH 40 2040 2040 HOH HOH A . 
C 3 HOH 41 2041 2041 HOH HOH A . 
C 3 HOH 42 2042 2042 HOH HOH A . 
C 3 HOH 43 2043 2043 HOH HOH A . 
C 3 HOH 44 2044 2044 HOH HOH A . 
C 3 HOH 45 2045 2045 HOH HOH A . 
C 3 HOH 46 2046 2046 HOH HOH A . 
C 3 HOH 47 2047 2047 HOH HOH A . 
C 3 HOH 48 2048 2048 HOH HOH A . 
C 3 HOH 49 2049 2049 HOH HOH A . 
C 3 HOH 50 2050 2050 HOH HOH A . 
C 3 HOH 51 2051 2051 HOH HOH A . 
C 3 HOH 52 2052 2052 HOH HOH A . 
C 3 HOH 53 2053 2053 HOH HOH A . 
C 3 HOH 54 2054 2054 HOH HOH A . 
C 3 HOH 55 2055 2055 HOH HOH A . 
C 3 HOH 56 2056 2056 HOH HOH A . 
C 3 HOH 57 2057 2057 HOH HOH A . 
C 3 HOH 58 2058 2058 HOH HOH A . 
C 3 HOH 59 2059 2059 HOH HOH A . 
C 3 HOH 60 2060 2060 HOH HOH A . 
C 3 HOH 61 2061 2061 HOH HOH A . 
C 3 HOH 62 2062 2062 HOH HOH A . 
C 3 HOH 63 2063 2063 HOH HOH A . 
C 3 HOH 64 2064 2064 HOH HOH A . 
C 3 HOH 65 2065 2065 HOH HOH A . 
C 3 HOH 66 2066 2066 HOH HOH A . 
# 
_pdbx_struct_assembly.id                   1 
_pdbx_struct_assembly.details              author_and_software_defined_assembly 
_pdbx_struct_assembly.method_details       PQS 
_pdbx_struct_assembly.oligomeric_details   monomeric 
_pdbx_struct_assembly.oligomeric_count     1 
# 
_pdbx_struct_assembly_gen.assembly_id       1 
_pdbx_struct_assembly_gen.oper_expression   1 
_pdbx_struct_assembly_gen.asym_id_list      A,B,C 
# 
_pdbx_struct_oper_list.id                   1 
_pdbx_struct_oper_list.type                 'identity operation' 
_pdbx_struct_oper_list.name                 1_555 
_pdbx_struct_oper_list.symmetry_operation   x,y,z 
_pdbx_struct_oper_list.matrix[1][1]         1.0000000000 
_pdbx_struct_oper_list.matrix[1][2]         0.0000000000 
_pdbx_struct_oper_list.matrix[1][3]         0.0000000000 
_pdbx_struct_oper_list.vector[1]            0.0000000000 
_pdbx_struct_oper_list.matrix[2][1]         0.0000000000 
_pdbx_struct_oper_list.matrix[2][2]         1.0000000000 
_pdbx_struct_oper_list.matrix[2][3]         0.0000000000 
_pdbx_struct_oper_list.vector[2]            0.0000000000 
_pdbx_struct_oper_list.matrix[3][1]         0.0000000000 
_pdbx_struct_oper_list.matrix[3][2]         0.0000000000 
_pdbx_struct_oper_list.matrix[3][3]         1.0000000000 
_pdbx_struct_oper_list.vector[3]            0.0000000000 
# 
loop_
_pdbx_audit_revision_history.ordinal 
_pdbx_audit_revision_history.data_content_type 
_pdbx_audit_revision_history.major_revision 
_pdbx_audit_revision_history.minor_revision 
_pdbx_audit_revision_history.revision_date 
1 'Structure model' 1 0 2006-06-28 
2 'Structure model' 1 1 2011-07-13 
3 'Structure model' 1 2 2018-05-30 
4 'Structure model' 1 3 2023-12-13 
# 
_pdbx_audit_revision_details.ordinal             1 
_pdbx_audit_revision_details.revision_ordinal    1 
_pdbx_audit_revision_details.data_content_type   'Structure model' 
_pdbx_audit_revision_details.provider            repository 
_pdbx_audit_revision_details.type                'Initial release' 
_pdbx_audit_revision_details.description         ? 
_pdbx_audit_revision_details.details             ? 
# 
loop_
_pdbx_audit_revision_group.ordinal 
_pdbx_audit_revision_group.revision_ordinal 
_pdbx_audit_revision_group.data_content_type 
_pdbx_audit_revision_group.group 
1 2 'Structure model' Advisory                    
2 2 'Structure model' 'Version format compliance' 
3 3 'Structure model' 'Data collection'           
4 4 'Structure model' 'Data collection'           
5 4 'Structure model' 'Database references'       
6 4 'Structure model' Other                       
7 4 'Structure model' 'Refinement description'    
# 
loop_
_pdbx_audit_revision_category.ordinal 
_pdbx_audit_revision_category.revision_ordinal 
_pdbx_audit_revision_category.data_content_type 
_pdbx_audit_revision_category.category 
1 3 'Structure model' diffrn_detector               
2 4 'Structure model' chem_comp_atom                
3 4 'Structure model' chem_comp_bond                
4 4 'Structure model' database_2                    
5 4 'Structure model' pdbx_database_status          
6 4 'Structure model' pdbx_initial_refinement_model 
# 
loop_
_pdbx_audit_revision_item.ordinal 
_pdbx_audit_revision_item.revision_ordinal 
_pdbx_audit_revision_item.data_content_type 
_pdbx_audit_revision_item.item 
1 3 'Structure model' '_diffrn_detector.type'                
2 4 'Structure model' '_database_2.pdbx_DOI'                 
3 4 'Structure model' '_database_2.pdbx_database_accession'  
4 4 'Structure model' '_pdbx_database_status.status_code_sf' 
# 
_pdbx_refine_tls.pdbx_refine_id   'X-RAY DIFFRACTION' 
_pdbx_refine_tls.id               1 
_pdbx_refine_tls.details          ? 
_pdbx_refine_tls.method           refined 
_pdbx_refine_tls.origin_x         -0.1688 
_pdbx_refine_tls.origin_y         0.0235 
_pdbx_refine_tls.origin_z         -0.2016 
_pdbx_refine_tls.T[1][1]          -0.0323 
_pdbx_refine_tls.T[2][2]          -0.0469 
_pdbx_refine_tls.T[3][3]          -0.0598 
_pdbx_refine_tls.T[1][2]          -0.0127 
_pdbx_refine_tls.T[1][3]          0.0000 
_pdbx_refine_tls.T[2][3]          0.0211 
_pdbx_refine_tls.L[1][1]          1.3581 
_pdbx_refine_tls.L[2][2]          1.4585 
_pdbx_refine_tls.L[3][3]          3.0758 
_pdbx_refine_tls.L[1][2]          -0.0368 
_pdbx_refine_tls.L[1][3]          1.3771 
_pdbx_refine_tls.L[2][3]          0.5586 
_pdbx_refine_tls.S[1][1]          -0.2309 
_pdbx_refine_tls.S[1][2]          0.2147 
_pdbx_refine_tls.S[1][3]          0.0453 
_pdbx_refine_tls.S[2][1]          0.0461 
_pdbx_refine_tls.S[2][2]          0.0521 
_pdbx_refine_tls.S[2][3]          -0.1422 
_pdbx_refine_tls.S[3][1]          -0.2470 
_pdbx_refine_tls.S[3][2]          0.2304 
_pdbx_refine_tls.S[3][3]          0.1788 
# 
_pdbx_refine_tls_group.pdbx_refine_id      'X-RAY DIFFRACTION' 
_pdbx_refine_tls_group.id                  1 
_pdbx_refine_tls_group.refine_tls_id       1 
_pdbx_refine_tls_group.beg_auth_asym_id    A 
_pdbx_refine_tls_group.beg_auth_seq_id     382 
_pdbx_refine_tls_group.beg_label_asym_id   ? 
_pdbx_refine_tls_group.beg_label_seq_id    ? 
_pdbx_refine_tls_group.end_auth_asym_id    A 
_pdbx_refine_tls_group.end_auth_seq_id     509 
_pdbx_refine_tls_group.end_label_asym_id   ? 
_pdbx_refine_tls_group.end_label_seq_id    ? 
_pdbx_refine_tls_group.selection           ? 
_pdbx_refine_tls_group.selection_details   ? 
# 
loop_
_software.name 
_software.classification 
_software.version 
_software.citation_id 
_software.pdbx_ordinal 
_software.date 
_software.type 
_software.location 
_software.language 
REFMAC refinement       5.2.0019 ? 1 ? ? ? ? 
SAINT  'data reduction' .        ? 2 ? ? ? ? 
SADABS 'data scaling'   .        ? 3 ? ? ? ? 
PHASER phasing          .        ? 4 ? ? ? ? 
# 
_pdbx_entry_details.entry_id                 2CHD 
_pdbx_entry_details.compound_details         'INVOLVED IN PROTEIN TRANSPORT' 
_pdbx_entry_details.source_details           ? 
_pdbx_entry_details.nonpolymer_details       ? 
_pdbx_entry_details.sequence_details         
;DUE TO CLONING PROCEDURE TWO ADDITIONAL RESIDUES GLY AND
 SER ARE LOCATED AT THE N-TERMINUS.
;
_pdbx_entry_details.has_ligand_of_interest   ? 
# 
_pdbx_validate_close_contact.id               1 
_pdbx_validate_close_contact.PDB_model_num    1 
_pdbx_validate_close_contact.auth_atom_id_1   NH1 
_pdbx_validate_close_contact.auth_asym_id_1   A 
_pdbx_validate_close_contact.auth_comp_id_1   ARG 
_pdbx_validate_close_contact.auth_seq_id_1    469 
_pdbx_validate_close_contact.PDB_ins_code_1   ? 
_pdbx_validate_close_contact.label_alt_id_1   A 
_pdbx_validate_close_contact.auth_atom_id_2   OE2 
_pdbx_validate_close_contact.auth_asym_id_2   A 
_pdbx_validate_close_contact.auth_comp_id_2   GLU 
_pdbx_validate_close_contact.auth_seq_id_2    486 
_pdbx_validate_close_contact.PDB_ins_code_2   ? 
_pdbx_validate_close_contact.label_alt_id_2   ? 
_pdbx_validate_close_contact.dist             1.81 
# 
loop_
_pdbx_validate_torsion.id 
_pdbx_validate_torsion.PDB_model_num 
_pdbx_validate_torsion.auth_comp_id 
_pdbx_validate_torsion.auth_asym_id 
_pdbx_validate_torsion.auth_seq_id 
_pdbx_validate_torsion.PDB_ins_code 
_pdbx_validate_torsion.label_alt_id 
_pdbx_validate_torsion.phi 
_pdbx_validate_torsion.psi 
1 1 ILE A 404 ? ? -92.06  -65.59  
2 1 MET A 412 ? ? -118.52 -112.45 
3 1 ALA A 430 ? ? -50.31  -8.60   
4 1 SER A 431 ? ? 68.29   -164.93 
5 1 LYS A 432 ? ? 35.57   -84.00  
6 1 ILE A 484 ? ? -94.25  -61.11  
# 
loop_
_pdbx_unobs_or_zero_occ_atoms.id 
_pdbx_unobs_or_zero_occ_atoms.PDB_model_num 
_pdbx_unobs_or_zero_occ_atoms.polymer_flag 
_pdbx_unobs_or_zero_occ_atoms.occupancy_flag 
_pdbx_unobs_or_zero_occ_atoms.auth_asym_id 
_pdbx_unobs_or_zero_occ_atoms.auth_comp_id 
_pdbx_unobs_or_zero_occ_atoms.auth_seq_id 
_pdbx_unobs_or_zero_occ_atoms.PDB_ins_code 
_pdbx_unobs_or_zero_occ_atoms.auth_atom_id 
_pdbx_unobs_or_zero_occ_atoms.label_alt_id 
_pdbx_unobs_or_zero_occ_atoms.label_asym_id 
_pdbx_unobs_or_zero_occ_atoms.label_comp_id 
_pdbx_unobs_or_zero_occ_atoms.label_seq_id 
_pdbx_unobs_or_zero_occ_atoms.label_atom_id 
1  1 Y 1 A GLU 460 ? CG  ? A GLU 92  CG  
2  1 Y 1 A GLU 460 ? CD  ? A GLU 92  CD  
3  1 Y 1 A GLU 460 ? OE1 ? A GLU 92  OE1 
4  1 Y 1 A GLU 460 ? OE2 ? A GLU 92  OE2 
5  1 Y 1 A GLU 461 ? CG  ? A GLU 93  CG  
6  1 Y 1 A GLU 461 ? CD  ? A GLU 93  CD  
7  1 Y 1 A GLU 461 ? OE1 ? A GLU 93  OE1 
8  1 Y 1 A GLU 461 ? OE2 ? A GLU 93  OE2 
9  1 Y 1 A GLN 464 ? CG  ? A GLN 96  CG  
10 1 Y 1 A GLN 464 ? CD  ? A GLN 96  CD  
11 1 Y 1 A GLN 464 ? OE1 ? A GLN 96  OE1 
12 1 Y 1 A GLN 464 ? NE2 ? A GLN 96  NE2 
13 1 Y 1 A LYS 492 ? CE  ? A LYS 124 CE  
14 1 Y 1 A LYS 492 ? NZ  ? A LYS 124 NZ  
15 1 Y 1 A LYS 495 ? CE  ? A LYS 127 CE  
16 1 Y 1 A LYS 495 ? NZ  ? A LYS 127 NZ  
17 1 Y 1 A ILE 510 ? CA  ? A ILE 142 CA  
18 1 Y 1 A ILE 510 ? C   ? A ILE 142 C   
19 1 Y 1 A ILE 510 ? O   ? A ILE 142 O   
20 1 Y 1 A ILE 510 ? CB  ? A ILE 142 CB  
21 1 Y 1 A ILE 510 ? CG1 ? A ILE 142 CG1 
22 1 Y 1 A ILE 510 ? CG2 ? A ILE 142 CG2 
23 1 Y 1 A ILE 510 ? CD1 ? A ILE 142 CD1 
# 
loop_
_pdbx_unobs_or_zero_occ_residues.id 
_pdbx_unobs_or_zero_occ_residues.PDB_model_num 
_pdbx_unobs_or_zero_occ_residues.polymer_flag 
_pdbx_unobs_or_zero_occ_residues.occupancy_flag 
_pdbx_unobs_or_zero_occ_residues.auth_asym_id 
_pdbx_unobs_or_zero_occ_residues.auth_comp_id 
_pdbx_unobs_or_zero_occ_residues.auth_seq_id 
_pdbx_unobs_or_zero_occ_residues.PDB_ins_code 
_pdbx_unobs_or_zero_occ_residues.label_asym_id 
_pdbx_unobs_or_zero_occ_residues.label_comp_id 
_pdbx_unobs_or_zero_occ_residues.label_seq_id 
1  1 Y 1 A GLY 369 ? A GLY 1  
2  1 Y 1 A SER 370 ? A SER 2  
3  1 Y 1 A GLU 371 ? A GLU 3  
4  1 Y 1 A ALA 372 ? A ALA 4  
5  1 Y 1 A ASN 373 ? A ASN 5  
6  1 Y 1 A SER 374 ? A SER 6  
7  1 Y 1 A TYR 375 ? A TYR 7  
8  1 Y 1 A ASP 376 ? A ASP 8  
9  1 Y 1 A SER 377 ? A SER 9  
10 1 Y 1 A ASP 378 ? A ASP 10 
11 1 Y 1 A GLN 379 ? A GLN 11 
12 1 Y 1 A ALA 380 ? A ALA 12 
13 1 Y 1 A THR 381 ? A THR 13 
# 
loop_
_chem_comp_atom.comp_id 
_chem_comp_atom.atom_id 
_chem_comp_atom.type_symbol 
_chem_comp_atom.pdbx_aromatic_flag 
_chem_comp_atom.pdbx_stereo_config 
_chem_comp_atom.pdbx_ordinal 
ALA N    N N N 1   
ALA CA   C N S 2   
ALA C    C N N 3   
ALA O    O N N 4   
ALA CB   C N N 5   
ALA OXT  O N N 6   
ALA H    H N N 7   
ALA H2   H N N 8   
ALA HA   H N N 9   
ALA HB1  H N N 10  
ALA HB2  H N N 11  
ALA HB3  H N N 12  
ALA HXT  H N N 13  
ARG N    N N N 14  
ARG CA   C N S 15  
ARG C    C N N 16  
ARG O    O N N 17  
ARG CB   C N N 18  
ARG CG   C N N 19  
ARG CD   C N N 20  
ARG NE   N N N 21  
ARG CZ   C N N 22  
ARG NH1  N N N 23  
ARG NH2  N N N 24  
ARG OXT  O N N 25  
ARG H    H N N 26  
ARG H2   H N N 27  
ARG HA   H N N 28  
ARG HB2  H N N 29  
ARG HB3  H N N 30  
ARG HG2  H N N 31  
ARG HG3  H N N 32  
ARG HD2  H N N 33  
ARG HD3  H N N 34  
ARG HE   H N N 35  
ARG HH11 H N N 36  
ARG HH12 H N N 37  
ARG HH21 H N N 38  
ARG HH22 H N N 39  
ARG HXT  H N N 40  
ASN N    N N N 41  
ASN CA   C N S 42  
ASN C    C N N 43  
ASN O    O N N 44  
ASN CB   C N N 45  
ASN CG   C N N 46  
ASN OD1  O N N 47  
ASN ND2  N N N 48  
ASN OXT  O N N 49  
ASN H    H N N 50  
ASN H2   H N N 51  
ASN HA   H N N 52  
ASN HB2  H N N 53  
ASN HB3  H N N 54  
ASN HD21 H N N 55  
ASN HD22 H N N 56  
ASN HXT  H N N 57  
ASP N    N N N 58  
ASP CA   C N S 59  
ASP C    C N N 60  
ASP O    O N N 61  
ASP CB   C N N 62  
ASP CG   C N N 63  
ASP OD1  O N N 64  
ASP OD2  O N N 65  
ASP OXT  O N N 66  
ASP H    H N N 67  
ASP H2   H N N 68  
ASP HA   H N N 69  
ASP HB2  H N N 70  
ASP HB3  H N N 71  
ASP HD2  H N N 72  
ASP HXT  H N N 73  
CYS N    N N N 74  
CYS CA   C N R 75  
CYS C    C N N 76  
CYS O    O N N 77  
CYS CB   C N N 78  
CYS SG   S N N 79  
CYS OXT  O N N 80  
CYS H    H N N 81  
CYS H2   H N N 82  
CYS HA   H N N 83  
CYS HB2  H N N 84  
CYS HB3  H N N 85  
CYS HG   H N N 86  
CYS HXT  H N N 87  
GLN N    N N N 88  
GLN CA   C N S 89  
GLN C    C N N 90  
GLN O    O N N 91  
GLN CB   C N N 92  
GLN CG   C N N 93  
GLN CD   C N N 94  
GLN OE1  O N N 95  
GLN NE2  N N N 96  
GLN OXT  O N N 97  
GLN H    H N N 98  
GLN H2   H N N 99  
GLN HA   H N N 100 
GLN HB2  H N N 101 
GLN HB3  H N N 102 
GLN HG2  H N N 103 
GLN HG3  H N N 104 
GLN HE21 H N N 105 
GLN HE22 H N N 106 
GLN HXT  H N N 107 
GLU N    N N N 108 
GLU CA   C N S 109 
GLU C    C N N 110 
GLU O    O N N 111 
GLU CB   C N N 112 
GLU CG   C N N 113 
GLU CD   C N N 114 
GLU OE1  O N N 115 
GLU OE2  O N N 116 
GLU OXT  O N N 117 
GLU H    H N N 118 
GLU H2   H N N 119 
GLU HA   H N N 120 
GLU HB2  H N N 121 
GLU HB3  H N N 122 
GLU HG2  H N N 123 
GLU HG3  H N N 124 
GLU HE2  H N N 125 
GLU HXT  H N N 126 
GLY N    N N N 127 
GLY CA   C N N 128 
GLY C    C N N 129 
GLY O    O N N 130 
GLY OXT  O N N 131 
GLY H    H N N 132 
GLY H2   H N N 133 
GLY HA2  H N N 134 
GLY HA3  H N N 135 
GLY HXT  H N N 136 
GOL C1   C N N 137 
GOL O1   O N N 138 
GOL C2   C N N 139 
GOL O2   O N N 140 
GOL C3   C N N 141 
GOL O3   O N N 142 
GOL H11  H N N 143 
GOL H12  H N N 144 
GOL HO1  H N N 145 
GOL H2   H N N 146 
GOL HO2  H N N 147 
GOL H31  H N N 148 
GOL H32  H N N 149 
GOL HO3  H N N 150 
HIS N    N N N 151 
HIS CA   C N S 152 
HIS C    C N N 153 
HIS O    O N N 154 
HIS CB   C N N 155 
HIS CG   C Y N 156 
HIS ND1  N Y N 157 
HIS CD2  C Y N 158 
HIS CE1  C Y N 159 
HIS NE2  N Y N 160 
HIS OXT  O N N 161 
HIS H    H N N 162 
HIS H2   H N N 163 
HIS HA   H N N 164 
HIS HB2  H N N 165 
HIS HB3  H N N 166 
HIS HD1  H N N 167 
HIS HD2  H N N 168 
HIS HE1  H N N 169 
HIS HE2  H N N 170 
HIS HXT  H N N 171 
HOH O    O N N 172 
HOH H1   H N N 173 
HOH H2   H N N 174 
ILE N    N N N 175 
ILE CA   C N S 176 
ILE C    C N N 177 
ILE O    O N N 178 
ILE CB   C N S 179 
ILE CG1  C N N 180 
ILE CG2  C N N 181 
ILE CD1  C N N 182 
ILE OXT  O N N 183 
ILE H    H N N 184 
ILE H2   H N N 185 
ILE HA   H N N 186 
ILE HB   H N N 187 
ILE HG12 H N N 188 
ILE HG13 H N N 189 
ILE HG21 H N N 190 
ILE HG22 H N N 191 
ILE HG23 H N N 192 
ILE HD11 H N N 193 
ILE HD12 H N N 194 
ILE HD13 H N N 195 
ILE HXT  H N N 196 
LEU N    N N N 197 
LEU CA   C N S 198 
LEU C    C N N 199 
LEU O    O N N 200 
LEU CB   C N N 201 
LEU CG   C N N 202 
LEU CD1  C N N 203 
LEU CD2  C N N 204 
LEU OXT  O N N 205 
LEU H    H N N 206 
LEU H2   H N N 207 
LEU HA   H N N 208 
LEU HB2  H N N 209 
LEU HB3  H N N 210 
LEU HG   H N N 211 
LEU HD11 H N N 212 
LEU HD12 H N N 213 
LEU HD13 H N N 214 
LEU HD21 H N N 215 
LEU HD22 H N N 216 
LEU HD23 H N N 217 
LEU HXT  H N N 218 
LYS N    N N N 219 
LYS CA   C N S 220 
LYS C    C N N 221 
LYS O    O N N 222 
LYS CB   C N N 223 
LYS CG   C N N 224 
LYS CD   C N N 225 
LYS CE   C N N 226 
LYS NZ   N N N 227 
LYS OXT  O N N 228 
LYS H    H N N 229 
LYS H2   H N N 230 
LYS HA   H N N 231 
LYS HB2  H N N 232 
LYS HB3  H N N 233 
LYS HG2  H N N 234 
LYS HG3  H N N 235 
LYS HD2  H N N 236 
LYS HD3  H N N 237 
LYS HE2  H N N 238 
LYS HE3  H N N 239 
LYS HZ1  H N N 240 
LYS HZ2  H N N 241 
LYS HZ3  H N N 242 
LYS HXT  H N N 243 
MET N    N N N 244 
MET CA   C N S 245 
MET C    C N N 246 
MET O    O N N 247 
MET CB   C N N 248 
MET CG   C N N 249 
MET SD   S N N 250 
MET CE   C N N 251 
MET OXT  O N N 252 
MET H    H N N 253 
MET H2   H N N 254 
MET HA   H N N 255 
MET HB2  H N N 256 
MET HB3  H N N 257 
MET HG2  H N N 258 
MET HG3  H N N 259 
MET HE1  H N N 260 
MET HE2  H N N 261 
MET HE3  H N N 262 
MET HXT  H N N 263 
PHE N    N N N 264 
PHE CA   C N S 265 
PHE C    C N N 266 
PHE O    O N N 267 
PHE CB   C N N 268 
PHE CG   C Y N 269 
PHE CD1  C Y N 270 
PHE CD2  C Y N 271 
PHE CE1  C Y N 272 
PHE CE2  C Y N 273 
PHE CZ   C Y N 274 
PHE OXT  O N N 275 
PHE H    H N N 276 
PHE H2   H N N 277 
PHE HA   H N N 278 
PHE HB2  H N N 279 
PHE HB3  H N N 280 
PHE HD1  H N N 281 
PHE HD2  H N N 282 
PHE HE1  H N N 283 
PHE HE2  H N N 284 
PHE HZ   H N N 285 
PHE HXT  H N N 286 
PRO N    N N N 287 
PRO CA   C N S 288 
PRO C    C N N 289 
PRO O    O N N 290 
PRO CB   C N N 291 
PRO CG   C N N 292 
PRO CD   C N N 293 
PRO OXT  O N N 294 
PRO H    H N N 295 
PRO HA   H N N 296 
PRO HB2  H N N 297 
PRO HB3  H N N 298 
PRO HG2  H N N 299 
PRO HG3  H N N 300 
PRO HD2  H N N 301 
PRO HD3  H N N 302 
PRO HXT  H N N 303 
SER N    N N N 304 
SER CA   C N S 305 
SER C    C N N 306 
SER O    O N N 307 
SER CB   C N N 308 
SER OG   O N N 309 
SER OXT  O N N 310 
SER H    H N N 311 
SER H2   H N N 312 
SER HA   H N N 313 
SER HB2  H N N 314 
SER HB3  H N N 315 
SER HG   H N N 316 
SER HXT  H N N 317 
THR N    N N N 318 
THR CA   C N S 319 
THR C    C N N 320 
THR O    O N N 321 
THR CB   C N R 322 
THR OG1  O N N 323 
THR CG2  C N N 324 
THR OXT  O N N 325 
THR H    H N N 326 
THR H2   H N N 327 
THR HA   H N N 328 
THR HB   H N N 329 
THR HG1  H N N 330 
THR HG21 H N N 331 
THR HG22 H N N 332 
THR HG23 H N N 333 
THR HXT  H N N 334 
TRP N    N N N 335 
TRP CA   C N S 336 
TRP C    C N N 337 
TRP O    O N N 338 
TRP CB   C N N 339 
TRP CG   C Y N 340 
TRP CD1  C Y N 341 
TRP CD2  C Y N 342 
TRP NE1  N Y N 343 
TRP CE2  C Y N 344 
TRP CE3  C Y N 345 
TRP CZ2  C Y N 346 
TRP CZ3  C Y N 347 
TRP CH2  C Y N 348 
TRP OXT  O N N 349 
TRP H    H N N 350 
TRP H2   H N N 351 
TRP HA   H N N 352 
TRP HB2  H N N 353 
TRP HB3  H N N 354 
TRP HD1  H N N 355 
TRP HE1  H N N 356 
TRP HE3  H N N 357 
TRP HZ2  H N N 358 
TRP HZ3  H N N 359 
TRP HH2  H N N 360 
TRP HXT  H N N 361 
TYR N    N N N 362 
TYR CA   C N S 363 
TYR C    C N N 364 
TYR O    O N N 365 
TYR CB   C N N 366 
TYR CG   C Y N 367 
TYR CD1  C Y N 368 
TYR CD2  C Y N 369 
TYR CE1  C Y N 370 
TYR CE2  C Y N 371 
TYR CZ   C Y N 372 
TYR OH   O N N 373 
TYR OXT  O N N 374 
TYR H    H N N 375 
TYR H2   H N N 376 
TYR HA   H N N 377 
TYR HB2  H N N 378 
TYR HB3  H N N 379 
TYR HD1  H N N 380 
TYR HD2  H N N 381 
TYR HE1  H N N 382 
TYR HE2  H N N 383 
TYR HH   H N N 384 
TYR HXT  H N N 385 
VAL N    N N N 386 
VAL CA   C N S 387 
VAL C    C N N 388 
VAL O    O N N 389 
VAL CB   C N N 390 
VAL CG1  C N N 391 
VAL CG2  C N N 392 
VAL OXT  O N N 393 
VAL H    H N N 394 
VAL H2   H N N 395 
VAL HA   H N N 396 
VAL HB   H N N 397 
VAL HG11 H N N 398 
VAL HG12 H N N 399 
VAL HG13 H N N 400 
VAL HG21 H N N 401 
VAL HG22 H N N 402 
VAL HG23 H N N 403 
VAL HXT  H N N 404 
# 
loop_
_chem_comp_bond.comp_id 
_chem_comp_bond.atom_id_1 
_chem_comp_bond.atom_id_2 
_chem_comp_bond.value_order 
_chem_comp_bond.pdbx_aromatic_flag 
_chem_comp_bond.pdbx_stereo_config 
_chem_comp_bond.pdbx_ordinal 
ALA N   CA   sing N N 1   
ALA N   H    sing N N 2   
ALA N   H2   sing N N 3   
ALA CA  C    sing N N 4   
ALA CA  CB   sing N N 5   
ALA CA  HA   sing N N 6   
ALA C   O    doub N N 7   
ALA C   OXT  sing N N 8   
ALA CB  HB1  sing N N 9   
ALA CB  HB2  sing N N 10  
ALA CB  HB3  sing N N 11  
ALA OXT HXT  sing N N 12  
ARG N   CA   sing N N 13  
ARG N   H    sing N N 14  
ARG N   H2   sing N N 15  
ARG CA  C    sing N N 16  
ARG CA  CB   sing N N 17  
ARG CA  HA   sing N N 18  
ARG C   O    doub N N 19  
ARG C   OXT  sing N N 20  
ARG CB  CG   sing N N 21  
ARG CB  HB2  sing N N 22  
ARG CB  HB3  sing N N 23  
ARG CG  CD   sing N N 24  
ARG CG  HG2  sing N N 25  
ARG CG  HG3  sing N N 26  
ARG CD  NE   sing N N 27  
ARG CD  HD2  sing N N 28  
ARG CD  HD3  sing N N 29  
ARG NE  CZ   sing N N 30  
ARG NE  HE   sing N N 31  
ARG CZ  NH1  sing N N 32  
ARG CZ  NH2  doub N N 33  
ARG NH1 HH11 sing N N 34  
ARG NH1 HH12 sing N N 35  
ARG NH2 HH21 sing N N 36  
ARG NH2 HH22 sing N N 37  
ARG OXT HXT  sing N N 38  
ASN N   CA   sing N N 39  
ASN N   H    sing N N 40  
ASN N   H2   sing N N 41  
ASN CA  C    sing N N 42  
ASN CA  CB   sing N N 43  
ASN CA  HA   sing N N 44  
ASN C   O    doub N N 45  
ASN C   OXT  sing N N 46  
ASN CB  CG   sing N N 47  
ASN CB  HB2  sing N N 48  
ASN CB  HB3  sing N N 49  
ASN CG  OD1  doub N N 50  
ASN CG  ND2  sing N N 51  
ASN ND2 HD21 sing N N 52  
ASN ND2 HD22 sing N N 53  
ASN OXT HXT  sing N N 54  
ASP N   CA   sing N N 55  
ASP N   H    sing N N 56  
ASP N   H2   sing N N 57  
ASP CA  C    sing N N 58  
ASP CA  CB   sing N N 59  
ASP CA  HA   sing N N 60  
ASP C   O    doub N N 61  
ASP C   OXT  sing N N 62  
ASP CB  CG   sing N N 63  
ASP CB  HB2  sing N N 64  
ASP CB  HB3  sing N N 65  
ASP CG  OD1  doub N N 66  
ASP CG  OD2  sing N N 67  
ASP OD2 HD2  sing N N 68  
ASP OXT HXT  sing N N 69  
CYS N   CA   sing N N 70  
CYS N   H    sing N N 71  
CYS N   H2   sing N N 72  
CYS CA  C    sing N N 73  
CYS CA  CB   sing N N 74  
CYS CA  HA   sing N N 75  
CYS C   O    doub N N 76  
CYS C   OXT  sing N N 77  
CYS CB  SG   sing N N 78  
CYS CB  HB2  sing N N 79  
CYS CB  HB3  sing N N 80  
CYS SG  HG   sing N N 81  
CYS OXT HXT  sing N N 82  
GLN N   CA   sing N N 83  
GLN N   H    sing N N 84  
GLN N   H2   sing N N 85  
GLN CA  C    sing N N 86  
GLN CA  CB   sing N N 87  
GLN CA  HA   sing N N 88  
GLN C   O    doub N N 89  
GLN C   OXT  sing N N 90  
GLN CB  CG   sing N N 91  
GLN CB  HB2  sing N N 92  
GLN CB  HB3  sing N N 93  
GLN CG  CD   sing N N 94  
GLN CG  HG2  sing N N 95  
GLN CG  HG3  sing N N 96  
GLN CD  OE1  doub N N 97  
GLN CD  NE2  sing N N 98  
GLN NE2 HE21 sing N N 99  
GLN NE2 HE22 sing N N 100 
GLN OXT HXT  sing N N 101 
GLU N   CA   sing N N 102 
GLU N   H    sing N N 103 
GLU N   H2   sing N N 104 
GLU CA  C    sing N N 105 
GLU CA  CB   sing N N 106 
GLU CA  HA   sing N N 107 
GLU C   O    doub N N 108 
GLU C   OXT  sing N N 109 
GLU CB  CG   sing N N 110 
GLU CB  HB2  sing N N 111 
GLU CB  HB3  sing N N 112 
GLU CG  CD   sing N N 113 
GLU CG  HG2  sing N N 114 
GLU CG  HG3  sing N N 115 
GLU CD  OE1  doub N N 116 
GLU CD  OE2  sing N N 117 
GLU OE2 HE2  sing N N 118 
GLU OXT HXT  sing N N 119 
GLY N   CA   sing N N 120 
GLY N   H    sing N N 121 
GLY N   H2   sing N N 122 
GLY CA  C    sing N N 123 
GLY CA  HA2  sing N N 124 
GLY CA  HA3  sing N N 125 
GLY C   O    doub N N 126 
GLY C   OXT  sing N N 127 
GLY OXT HXT  sing N N 128 
GOL C1  O1   sing N N 129 
GOL C1  C2   sing N N 130 
GOL C1  H11  sing N N 131 
GOL C1  H12  sing N N 132 
GOL O1  HO1  sing N N 133 
GOL C2  O2   sing N N 134 
GOL C2  C3   sing N N 135 
GOL C2  H2   sing N N 136 
GOL O2  HO2  sing N N 137 
GOL C3  O3   sing N N 138 
GOL C3  H31  sing N N 139 
GOL C3  H32  sing N N 140 
GOL O3  HO3  sing N N 141 
HIS N   CA   sing N N 142 
HIS N   H    sing N N 143 
HIS N   H2   sing N N 144 
HIS CA  C    sing N N 145 
HIS CA  CB   sing N N 146 
HIS CA  HA   sing N N 147 
HIS C   O    doub N N 148 
HIS C   OXT  sing N N 149 
HIS CB  CG   sing N N 150 
HIS CB  HB2  sing N N 151 
HIS CB  HB3  sing N N 152 
HIS CG  ND1  sing Y N 153 
HIS CG  CD2  doub Y N 154 
HIS ND1 CE1  doub Y N 155 
HIS ND1 HD1  sing N N 156 
HIS CD2 NE2  sing Y N 157 
HIS CD2 HD2  sing N N 158 
HIS CE1 NE2  sing Y N 159 
HIS CE1 HE1  sing N N 160 
HIS NE2 HE2  sing N N 161 
HIS OXT HXT  sing N N 162 
HOH O   H1   sing N N 163 
HOH O   H2   sing N N 164 
ILE N   CA   sing N N 165 
ILE N   H    sing N N 166 
ILE N   H2   sing N N 167 
ILE CA  C    sing N N 168 
ILE CA  CB   sing N N 169 
ILE CA  HA   sing N N 170 
ILE C   O    doub N N 171 
ILE C   OXT  sing N N 172 
ILE CB  CG1  sing N N 173 
ILE CB  CG2  sing N N 174 
ILE CB  HB   sing N N 175 
ILE CG1 CD1  sing N N 176 
ILE CG1 HG12 sing N N 177 
ILE CG1 HG13 sing N N 178 
ILE CG2 HG21 sing N N 179 
ILE CG2 HG22 sing N N 180 
ILE CG2 HG23 sing N N 181 
ILE CD1 HD11 sing N N 182 
ILE CD1 HD12 sing N N 183 
ILE CD1 HD13 sing N N 184 
ILE OXT HXT  sing N N 185 
LEU N   CA   sing N N 186 
LEU N   H    sing N N 187 
LEU N   H2   sing N N 188 
LEU CA  C    sing N N 189 
LEU CA  CB   sing N N 190 
LEU CA  HA   sing N N 191 
LEU C   O    doub N N 192 
LEU C   OXT  sing N N 193 
LEU CB  CG   sing N N 194 
LEU CB  HB2  sing N N 195 
LEU CB  HB3  sing N N 196 
LEU CG  CD1  sing N N 197 
LEU CG  CD2  sing N N 198 
LEU CG  HG   sing N N 199 
LEU CD1 HD11 sing N N 200 
LEU CD1 HD12 sing N N 201 
LEU CD1 HD13 sing N N 202 
LEU CD2 HD21 sing N N 203 
LEU CD2 HD22 sing N N 204 
LEU CD2 HD23 sing N N 205 
LEU OXT HXT  sing N N 206 
LYS N   CA   sing N N 207 
LYS N   H    sing N N 208 
LYS N   H2   sing N N 209 
LYS CA  C    sing N N 210 
LYS CA  CB   sing N N 211 
LYS CA  HA   sing N N 212 
LYS C   O    doub N N 213 
LYS C   OXT  sing N N 214 
LYS CB  CG   sing N N 215 
LYS CB  HB2  sing N N 216 
LYS CB  HB3  sing N N 217 
LYS CG  CD   sing N N 218 
LYS CG  HG2  sing N N 219 
LYS CG  HG3  sing N N 220 
LYS CD  CE   sing N N 221 
LYS CD  HD2  sing N N 222 
LYS CD  HD3  sing N N 223 
LYS CE  NZ   sing N N 224 
LYS CE  HE2  sing N N 225 
LYS CE  HE3  sing N N 226 
LYS NZ  HZ1  sing N N 227 
LYS NZ  HZ2  sing N N 228 
LYS NZ  HZ3  sing N N 229 
LYS OXT HXT  sing N N 230 
MET N   CA   sing N N 231 
MET N   H    sing N N 232 
MET N   H2   sing N N 233 
MET CA  C    sing N N 234 
MET CA  CB   sing N N 235 
MET CA  HA   sing N N 236 
MET C   O    doub N N 237 
MET C   OXT  sing N N 238 
MET CB  CG   sing N N 239 
MET CB  HB2  sing N N 240 
MET CB  HB3  sing N N 241 
MET CG  SD   sing N N 242 
MET CG  HG2  sing N N 243 
MET CG  HG3  sing N N 244 
MET SD  CE   sing N N 245 
MET CE  HE1  sing N N 246 
MET CE  HE2  sing N N 247 
MET CE  HE3  sing N N 248 
MET OXT HXT  sing N N 249 
PHE N   CA   sing N N 250 
PHE N   H    sing N N 251 
PHE N   H2   sing N N 252 
PHE CA  C    sing N N 253 
PHE CA  CB   sing N N 254 
PHE CA  HA   sing N N 255 
PHE C   O    doub N N 256 
PHE C   OXT  sing N N 257 
PHE CB  CG   sing N N 258 
PHE CB  HB2  sing N N 259 
PHE CB  HB3  sing N N 260 
PHE CG  CD1  doub Y N 261 
PHE CG  CD2  sing Y N 262 
PHE CD1 CE1  sing Y N 263 
PHE CD1 HD1  sing N N 264 
PHE CD2 CE2  doub Y N 265 
PHE CD2 HD2  sing N N 266 
PHE CE1 CZ   doub Y N 267 
PHE CE1 HE1  sing N N 268 
PHE CE2 CZ   sing Y N 269 
PHE CE2 HE2  sing N N 270 
PHE CZ  HZ   sing N N 271 
PHE OXT HXT  sing N N 272 
PRO N   CA   sing N N 273 
PRO N   CD   sing N N 274 
PRO N   H    sing N N 275 
PRO CA  C    sing N N 276 
PRO CA  CB   sing N N 277 
PRO CA  HA   sing N N 278 
PRO C   O    doub N N 279 
PRO C   OXT  sing N N 280 
PRO CB  CG   sing N N 281 
PRO CB  HB2  sing N N 282 
PRO CB  HB3  sing N N 283 
PRO CG  CD   sing N N 284 
PRO CG  HG2  sing N N 285 
PRO CG  HG3  sing N N 286 
PRO CD  HD2  sing N N 287 
PRO CD  HD3  sing N N 288 
PRO OXT HXT  sing N N 289 
SER N   CA   sing N N 290 
SER N   H    sing N N 291 
SER N   H2   sing N N 292 
SER CA  C    sing N N 293 
SER CA  CB   sing N N 294 
SER CA  HA   sing N N 295 
SER C   O    doub N N 296 
SER C   OXT  sing N N 297 
SER CB  OG   sing N N 298 
SER CB  HB2  sing N N 299 
SER CB  HB3  sing N N 300 
SER OG  HG   sing N N 301 
SER OXT HXT  sing N N 302 
THR N   CA   sing N N 303 
THR N   H    sing N N 304 
THR N   H2   sing N N 305 
THR CA  C    sing N N 306 
THR CA  CB   sing N N 307 
THR CA  HA   sing N N 308 
THR C   O    doub N N 309 
THR C   OXT  sing N N 310 
THR CB  OG1  sing N N 311 
THR CB  CG2  sing N N 312 
THR CB  HB   sing N N 313 
THR OG1 HG1  sing N N 314 
THR CG2 HG21 sing N N 315 
THR CG2 HG22 sing N N 316 
THR CG2 HG23 sing N N 317 
THR OXT HXT  sing N N 318 
TRP N   CA   sing N N 319 
TRP N   H    sing N N 320 
TRP N   H2   sing N N 321 
TRP CA  C    sing N N 322 
TRP CA  CB   sing N N 323 
TRP CA  HA   sing N N 324 
TRP C   O    doub N N 325 
TRP C   OXT  sing N N 326 
TRP CB  CG   sing N N 327 
TRP CB  HB2  sing N N 328 
TRP CB  HB3  sing N N 329 
TRP CG  CD1  doub Y N 330 
TRP CG  CD2  sing Y N 331 
TRP CD1 NE1  sing Y N 332 
TRP CD1 HD1  sing N N 333 
TRP CD2 CE2  doub Y N 334 
TRP CD2 CE3  sing Y N 335 
TRP NE1 CE2  sing Y N 336 
TRP NE1 HE1  sing N N 337 
TRP CE2 CZ2  sing Y N 338 
TRP CE3 CZ3  doub Y N 339 
TRP CE3 HE3  sing N N 340 
TRP CZ2 CH2  doub Y N 341 
TRP CZ2 HZ2  sing N N 342 
TRP CZ3 CH2  sing Y N 343 
TRP CZ3 HZ3  sing N N 344 
TRP CH2 HH2  sing N N 345 
TRP OXT HXT  sing N N 346 
TYR N   CA   sing N N 347 
TYR N   H    sing N N 348 
TYR N   H2   sing N N 349 
TYR CA  C    sing N N 350 
TYR CA  CB   sing N N 351 
TYR CA  HA   sing N N 352 
TYR C   O    doub N N 353 
TYR C   OXT  sing N N 354 
TYR CB  CG   sing N N 355 
TYR CB  HB2  sing N N 356 
TYR CB  HB3  sing N N 357 
TYR CG  CD1  doub Y N 358 
TYR CG  CD2  sing Y N 359 
TYR CD1 CE1  sing Y N 360 
TYR CD1 HD1  sing N N 361 
TYR CD2 CE2  doub Y N 362 
TYR CD2 HD2  sing N N 363 
TYR CE1 CZ   doub Y N 364 
TYR CE1 HE1  sing N N 365 
TYR CE2 CZ   sing Y N 366 
TYR CE2 HE2  sing N N 367 
TYR CZ  OH   sing N N 368 
TYR OH  HH   sing N N 369 
TYR OXT HXT  sing N N 370 
VAL N   CA   sing N N 371 
VAL N   H    sing N N 372 
VAL N   H2   sing N N 373 
VAL CA  C    sing N N 374 
VAL CA  CB   sing N N 375 
VAL CA  HA   sing N N 376 
VAL C   O    doub N N 377 
VAL C   OXT  sing N N 378 
VAL CB  CG1  sing N N 379 
VAL CB  CG2  sing N N 380 
VAL CB  HB   sing N N 381 
VAL CG1 HG11 sing N N 382 
VAL CG1 HG12 sing N N 383 
VAL CG1 HG13 sing N N 384 
VAL CG2 HG21 sing N N 385 
VAL CG2 HG22 sing N N 386 
VAL CG2 HG23 sing N N 387 
VAL OXT HXT  sing N N 388 
# 
loop_
_pdbx_entity_nonpoly.entity_id 
_pdbx_entity_nonpoly.name 
_pdbx_entity_nonpoly.comp_id 
2 GLYCEROL GOL 
3 water    HOH 
# 
_pdbx_initial_refinement_model.id               1 
_pdbx_initial_refinement_model.entity_id_list   ? 
_pdbx_initial_refinement_model.type             'experimental model' 
_pdbx_initial_refinement_model.source_name      PDB 
_pdbx_initial_refinement_model.accession_code   1RSY 
_pdbx_initial_refinement_model.details          'PDB ENTRY 1RSY' 
# 
